data_8CLH
#
_entry.id   8CLH
#
_cell.length_a   107.000
_cell.length_b   160.340
_cell.length_c   181.920
_cell.angle_alpha   90.00
_cell.angle_beta   90.00
_cell.angle_gamma   90.00
#
_symmetry.space_group_name_H-M   'P 21 21 21'
#
loop_
_entity.id
_entity.type
_entity.pdbx_description
1 polymer 'Tubulin alpha-1B chain'
2 polymer 'Tubulin beta-2B chain'
3 polymer Stathmin-4
4 polymer 'Tubulin tyrosine ligase'
5 non-polymer "GUANOSINE-5'-TRIPHOSPHATE"
6 non-polymer 'MAGNESIUM ION'
7 non-polymer 'CALCIUM ION'
8 non-polymer "GUANOSINE-5'-DIPHOSPHATE"
9 non-polymer N-[(7S)-1,2,3,10-tetramethoxy-9-oxo-6,7-dihydro-5H-benzo[d]heptalen-7-yl]ethanamide
10 non-polymer 'EPOTHILONE A'
11 non-polymer 'Peloruside A'
12 non-polymer "(2ALPHA,2'BETA,3BETA,4ALPHA,5BETA)-VINCALEUKOBLASTINE"
13 non-polymer '(1S,2S,3S,5S,6S,16Z,18Z,20R,21S)-11-chloro-21-hydroxy-12,20-dimethoxy-2,5,9,16-tetramethyl-8,23-dioxo-4,24-dioxa-9,22-diazatetracyclo[19.3.1.1~10,14~.0~3,5~]hexacosa-10(26),11,13,16,18-pentaen-6-yl 2-methylpropanoate'
14 non-polymer 'PHOSPHOMETHYLPHOSPHONIC ACID ADENYLATE ESTER'
15 water water
#
loop_
_entity_poly.entity_id
_entity_poly.type
_entity_poly.pdbx_seq_one_letter_code
_entity_poly.pdbx_strand_id
1 'polypeptide(L)'
;MRECISIHVGQAGVQIGNACWELYCLEHGIQPDGQMPSDKTIGGGDDSFNTFFSETGAGKHVPRAVFVDLEPTVIDEVRT
GTYRQLFHPEQLITGKEDAANNYARGHYTIGKEIIDLVLDRIRKLADQCTGLQGFLVFHSFGGGTGSGFTSLLMERLSVD
YGKKSKLEFSIYPAPQVSTAVVEPYNSILTTHTTLEHSDCAFMVDNEAIYDICRRNLDIERPTYTNLNRLISQIVSSITA
SLRFDGALNVDLTEFQTNLVPYPRIHFPLATYAPVISAEKAYHEQLSVAEITNACFEPANQMVKCDPRHGKYMACCLLYR
GDVVPKDVNAAIATIKTKRSIQFVDWCPTGFKVGINYQPPTVVPGGDLAKVQRAVCMLSNTTAIAEAWARLDHKFDLMYA
KRAFVHWYVGEGMEEGEFSEAREDMAALEKDYEEVGVDSV
;
A,C
2 'polypeptide(L)'
;REIVHIQAGQCGNQIGAKFWEVISDEHGIDPTGSYHGDSDLQLERINVYYNEATGNKYVPRAILVDLEPGTMDSVRSGPF
GQIFRPDNFVFGQSGAGNNWAKGHYTEGAELVDSVLDVVRKESESCDCLQGFQLTHSLGGGTGSGMGTLLISKIREEYPD
RIMNTFSVMPSPKVSDTVVEPYNATLSVHQLVENTDETYCIDNEALYDICFRTLKLTTPTYGDLNHLVSATMSGVTTCLR
FPGQLNADLRKLAVNMVPFPRLHFFMPGFAPLTSRGSQQYRALTVPELTQQMFDSKNMMAACDPRHGRYLTVAAIFRGRM
SMKEVDEQMLNVQNKNSSYFVEWIPNNVKTAVCDIPPRGLKMSATFIGNSTAIQELFKRISEQFTAMFRRKAFLHWYTGE
GMDEMEFTEAESNMNDLVSEYQQYQDATAD
;
B,D
3 'polypeptide(L)'
;MEVIELNKCTSGQSFEVILKPPSFDGVPEFNASLPRRRDPSLEEIQKKLEAAEERRKYQEAELLKHLAEKREHEREVIQK
AIEENNNFIKMAKEKLAQKMESNKENREAHLAAMLERLQEKDKHAEEVRKNKELKEEA
;
E
4 'polypeptide(L)'
;MYTFVVRDENSSVYAEVSRLLLATGQWKRLRKDNPRFNLMLGERNRLPFGRLGHEPGLVQLVNYYRGADKLCRKASLVKL
IKTSPELSESCTWFPESYVIYPTNLKTPVAPAQNGIRHLINNTRTDEREVFLAAYNRRREGREGNVWIAKSSAGAKGEGI
LISSEASELLDFIDEQGQVHVIQKYLEKPLLLEPGHRKFDIRSWVLVDHLYNIYLYREGVLRTSSEPYNSANFQDKTCHL
TNHCIQKEYSKNYGRYEEGNEMFFEEFNQYLMDALNTTLENSILLQIKHIIRSCLMCIEPAISTKHLHYQSFQLFGFDFM
VDEELKVWLIEVNGAPACAQKLYAELCQGIVDVAISSVFPLADTGQKTSQPTSIFIKLHHH
;
F
#
# COMPACT_ATOMS: atom_id res chain seq x y z
N MET A 1 63.15 -35.81 -16.32
CA MET A 1 61.73 -35.83 -16.02
C MET A 1 61.27 -34.49 -15.46
N ARG A 2 60.38 -33.81 -16.19
CA ARG A 2 59.83 -32.52 -15.79
C ARG A 2 58.31 -32.60 -15.83
N GLU A 3 57.68 -32.36 -14.69
CA GLU A 3 56.24 -32.55 -14.52
C GLU A 3 55.49 -31.23 -14.68
N CYS A 4 54.20 -31.35 -15.02
CA CYS A 4 53.30 -30.21 -15.14
C CYS A 4 52.05 -30.48 -14.32
N ILE A 5 51.59 -29.46 -13.58
CA ILE A 5 50.42 -29.59 -12.70
C ILE A 5 49.32 -28.70 -13.26
N SER A 6 48.16 -29.31 -13.50
CA SER A 6 46.99 -28.60 -14.01
C SER A 6 46.05 -28.24 -12.87
N ILE A 7 45.59 -27.00 -12.86
CA ILE A 7 44.65 -26.50 -11.86
C ILE A 7 43.40 -26.01 -12.60
N HIS A 8 42.25 -26.55 -12.20
CA HIS A 8 40.97 -26.24 -12.84
C HIS A 8 40.07 -25.54 -11.83
N VAL A 9 39.64 -24.32 -12.15
CA VAL A 9 39.00 -23.41 -11.20
C VAL A 9 37.65 -22.98 -11.76
N GLY A 10 36.60 -23.19 -10.97
CA GLY A 10 35.26 -22.78 -11.35
C GLY A 10 34.60 -23.76 -12.30
N GLN A 11 33.30 -23.55 -12.52
CA GLN A 11 32.53 -24.42 -13.39
C GLN A 11 33.20 -24.61 -14.74
N ALA A 12 33.50 -23.51 -15.44
CA ALA A 12 34.13 -23.62 -16.76
C ALA A 12 35.43 -24.41 -16.68
N GLY A 13 36.30 -24.05 -15.73
CA GLY A 13 37.59 -24.73 -15.64
C GLY A 13 37.45 -26.21 -15.34
N VAL A 14 36.50 -26.57 -14.47
CA VAL A 14 36.31 -27.97 -14.10
C VAL A 14 35.73 -28.77 -15.27
N GLN A 15 34.74 -28.20 -15.97
CA GLN A 15 34.13 -28.91 -17.09
C GLN A 15 35.07 -29.00 -18.29
N ILE A 16 35.76 -27.90 -18.61
CA ILE A 16 36.80 -28.00 -19.64
C ILE A 16 37.89 -28.97 -19.18
N GLY A 17 38.24 -28.93 -17.90
CA GLY A 17 39.23 -29.87 -17.39
C GLY A 17 38.79 -31.31 -17.57
N ASN A 18 37.54 -31.60 -17.26
CA ASN A 18 37.01 -32.95 -17.43
C ASN A 18 37.13 -33.40 -18.87
N ALA A 19 36.88 -32.50 -19.81
CA ALA A 19 36.97 -32.87 -21.22
C ALA A 19 38.42 -33.12 -21.64
N CYS A 20 39.36 -32.34 -21.10
CA CYS A 20 40.76 -32.51 -21.49
C CYS A 20 41.31 -33.84 -21.01
N TRP A 21 41.10 -34.16 -19.73
CA TRP A 21 41.69 -35.38 -19.20
C TRP A 21 41.11 -36.62 -19.86
N GLU A 22 39.81 -36.59 -20.19
CA GLU A 22 39.23 -37.65 -20.99
C GLU A 22 39.98 -37.81 -22.30
N LEU A 23 40.22 -36.70 -23.00
CA LEU A 23 40.94 -36.75 -24.27
C LEU A 23 42.36 -37.28 -24.09
N TYR A 24 43.08 -36.79 -23.08
CA TYR A 24 44.42 -37.29 -22.82
C TYR A 24 44.41 -38.82 -22.68
N CYS A 25 43.47 -39.34 -21.90
CA CYS A 25 43.42 -40.78 -21.67
C CYS A 25 43.22 -41.53 -22.98
N LEU A 26 42.30 -41.06 -23.81
CA LEU A 26 42.11 -41.67 -25.12
C LEU A 26 43.37 -41.54 -25.97
N GLU A 27 44.16 -40.48 -25.77
CA GLU A 27 45.33 -40.27 -26.61
C GLU A 27 46.51 -41.13 -26.17
N HIS A 28 46.60 -41.46 -24.88
CA HIS A 28 47.72 -42.25 -24.38
C HIS A 28 47.36 -43.71 -24.12
N GLY A 29 46.11 -44.11 -24.31
CA GLY A 29 45.71 -45.47 -24.03
C GLY A 29 45.47 -45.78 -22.57
N ILE A 30 45.17 -44.77 -21.76
CA ILE A 30 44.84 -44.95 -20.35
C ILE A 30 43.34 -45.22 -20.23
N GLN A 31 42.98 -46.28 -19.54
CA GLN A 31 41.59 -46.64 -19.40
C GLN A 31 40.95 -45.89 -18.23
N PRO A 32 39.62 -46.00 -18.08
CA PRO A 32 38.93 -45.21 -17.06
C PRO A 32 39.30 -45.60 -15.63
N ASP A 33 39.90 -46.76 -15.40
CA ASP A 33 40.31 -47.15 -14.05
C ASP A 33 41.73 -46.74 -13.70
N GLY A 34 42.48 -46.19 -14.66
CA GLY A 34 43.83 -45.72 -14.42
C GLY A 34 44.91 -46.60 -14.98
N GLN A 35 44.57 -47.75 -15.54
CA GLN A 35 45.56 -48.67 -16.11
C GLN A 35 45.81 -48.31 -17.56
N MET A 36 47.06 -48.45 -18.00
CA MET A 36 47.40 -48.38 -19.43
C MET A 36 48.26 -49.58 -19.77
N PRO A 37 47.68 -50.60 -20.40
CA PRO A 37 48.43 -51.82 -20.69
C PRO A 37 49.71 -51.59 -21.49
N SER A 38 49.78 -50.54 -22.30
CA SER A 38 50.98 -50.32 -23.10
C SER A 38 52.18 -49.86 -22.26
N ASP A 39 51.96 -49.53 -20.98
CA ASP A 39 53.03 -49.08 -20.10
C ASP A 39 53.72 -50.28 -19.49
N LYS A 40 54.96 -50.54 -19.91
CA LYS A 40 55.70 -51.69 -19.41
C LYS A 40 56.42 -51.41 -18.10
N THR A 41 56.56 -50.15 -17.69
CA THR A 41 57.18 -49.80 -16.41
C THR A 41 56.08 -49.62 -15.39
N ILE A 42 55.91 -50.61 -14.52
CA ILE A 42 54.86 -50.59 -13.51
C ILE A 42 55.37 -49.84 -12.29
N GLY A 43 54.59 -48.89 -11.80
CA GLY A 43 54.93 -48.11 -10.62
C GLY A 43 55.85 -46.94 -10.85
N GLY A 44 56.42 -46.80 -12.04
CA GLY A 44 57.31 -45.68 -12.31
C GLY A 44 57.58 -45.57 -13.80
N GLY A 45 58.63 -44.83 -14.12
CA GLY A 45 59.04 -44.65 -15.51
C GLY A 45 59.28 -43.20 -15.86
N ASP A 46 60.15 -42.97 -16.85
CA ASP A 46 60.50 -41.58 -17.24
C ASP A 46 60.04 -41.32 -18.68
N ASP A 47 58.78 -41.66 -19.00
CA ASP A 47 58.22 -41.44 -20.32
C ASP A 47 57.62 -40.04 -20.43
N SER A 48 57.26 -39.67 -21.65
CA SER A 48 56.77 -38.32 -21.91
C SER A 48 55.41 -38.09 -21.26
N PHE A 49 54.51 -39.08 -21.33
CA PHE A 49 53.21 -38.91 -20.72
C PHE A 49 53.30 -38.78 -19.20
N ASN A 50 54.45 -39.08 -18.61
CA ASN A 50 54.60 -38.98 -17.17
C ASN A 50 54.68 -37.53 -16.70
N THR A 51 54.81 -36.57 -17.61
CA THR A 51 54.76 -35.18 -17.21
C THR A 51 53.35 -34.75 -16.84
N PHE A 52 52.34 -35.52 -17.25
CA PHE A 52 50.95 -35.25 -16.90
C PHE A 52 50.32 -36.32 -16.02
N PHE A 53 50.93 -37.50 -15.90
CA PHE A 53 50.40 -38.59 -15.10
C PHE A 53 51.48 -39.11 -14.18
N SER A 54 51.14 -39.26 -12.90
CA SER A 54 51.99 -40.05 -12.02
C SER A 54 51.51 -41.49 -12.00
N GLU A 55 52.35 -42.38 -11.48
CA GLU A 55 52.05 -43.80 -11.42
C GLU A 55 52.06 -44.30 -9.99
N THR A 56 51.06 -45.11 -9.66
CA THR A 56 50.95 -45.75 -8.36
C THR A 56 51.50 -47.18 -8.45
N GLY A 57 51.97 -47.68 -7.30
CA GLY A 57 52.51 -49.03 -7.28
C GLY A 57 51.58 -50.07 -7.86
N ALA A 58 50.27 -49.84 -7.74
CA ALA A 58 49.28 -50.75 -8.30
C ALA A 58 49.17 -50.67 -9.81
N GLY A 59 49.91 -49.77 -10.46
CA GLY A 59 49.85 -49.60 -11.90
C GLY A 59 48.83 -48.62 -12.40
N LYS A 60 48.26 -47.79 -11.54
CA LYS A 60 47.27 -46.80 -11.95
C LYS A 60 47.97 -45.48 -12.24
N HIS A 61 47.49 -44.80 -13.29
CA HIS A 61 48.09 -43.55 -13.77
C HIS A 61 47.18 -42.41 -13.38
N VAL A 62 47.63 -41.58 -12.44
CA VAL A 62 46.82 -40.52 -11.85
C VAL A 62 47.16 -39.20 -12.55
N PRO A 63 46.17 -38.42 -12.97
CA PRO A 63 46.46 -37.09 -13.51
C PRO A 63 47.09 -36.18 -12.45
N ARG A 64 48.07 -35.39 -12.88
CA ARG A 64 48.69 -34.37 -12.02
C ARG A 64 47.82 -33.10 -12.07
N ALA A 65 46.66 -33.21 -11.45
CA ALA A 65 45.62 -32.21 -11.59
C ALA A 65 45.00 -31.87 -10.24
N VAL A 66 44.46 -30.67 -10.15
CA VAL A 66 43.70 -30.23 -8.98
C VAL A 66 42.42 -29.55 -9.47
N PHE A 67 41.31 -29.85 -8.80
CA PHE A 67 40.00 -29.31 -9.15
C PHE A 67 39.46 -28.52 -7.97
N VAL A 68 39.14 -27.25 -8.20
CA VAL A 68 38.63 -26.37 -7.16
C VAL A 68 37.38 -25.67 -7.67
N ASP A 69 36.33 -25.69 -6.87
CA ASP A 69 35.14 -24.89 -7.12
C ASP A 69 34.53 -24.53 -5.77
N LEU A 70 33.95 -23.35 -5.69
CA LEU A 70 33.42 -22.89 -4.41
C LEU A 70 32.03 -23.43 -4.11
N GLU A 71 31.49 -24.33 -4.94
CA GLU A 71 30.23 -24.99 -4.69
C GLU A 71 30.34 -26.36 -5.35
N PRO A 72 29.77 -27.41 -4.76
CA PRO A 72 30.13 -28.79 -5.15
C PRO A 72 29.41 -29.33 -6.37
N THR A 73 28.35 -28.67 -6.84
CA THR A 73 27.52 -29.19 -7.93
C THR A 73 28.37 -29.72 -9.09
N VAL A 74 29.29 -28.90 -9.57
CA VAL A 74 30.01 -29.22 -10.80
C VAL A 74 31.07 -30.28 -10.55
N ILE A 75 31.75 -30.22 -9.40
CA ILE A 75 32.81 -31.18 -9.12
C ILE A 75 32.22 -32.54 -8.77
N ASP A 76 31.02 -32.57 -8.18
CA ASP A 76 30.34 -33.84 -7.91
C ASP A 76 30.19 -34.67 -9.17
N GLU A 77 29.98 -34.00 -10.31
CA GLU A 77 29.95 -34.73 -11.58
C GLU A 77 31.24 -35.52 -11.78
N VAL A 78 32.38 -34.85 -11.73
CA VAL A 78 33.67 -35.54 -11.85
C VAL A 78 33.79 -36.64 -10.82
N ARG A 79 33.20 -36.45 -9.64
CA ARG A 79 33.28 -37.44 -8.56
C ARG A 79 32.43 -38.67 -8.82
N THR A 80 31.58 -38.64 -9.85
CA THR A 80 30.72 -39.76 -10.16
C THR A 80 30.71 -40.10 -11.65
N GLY A 81 31.66 -39.57 -12.42
CA GLY A 81 31.65 -39.73 -13.85
C GLY A 81 32.33 -41.00 -14.31
N THR A 82 32.55 -41.07 -15.62
CA THR A 82 33.25 -42.21 -16.19
C THR A 82 34.65 -42.33 -15.60
N TYR A 83 35.28 -41.18 -15.34
CA TYR A 83 36.67 -41.16 -14.88
C TYR A 83 36.77 -40.80 -13.40
N ARG A 84 35.76 -41.17 -12.61
CA ARG A 84 35.84 -40.95 -11.17
C ARG A 84 36.95 -41.78 -10.54
N GLN A 85 37.13 -43.02 -11.00
CA GLN A 85 38.13 -43.92 -10.42
C GLN A 85 39.55 -43.45 -10.66
N LEU A 86 39.74 -42.40 -11.48
CA LEU A 86 41.11 -42.00 -11.90
C LEU A 86 41.68 -40.90 -11.02
N PHE A 87 40.83 -40.26 -10.22
CA PHE A 87 41.26 -39.14 -9.38
C PHE A 87 41.30 -39.55 -7.92
N HIS A 88 42.08 -38.81 -7.15
CA HIS A 88 42.02 -39.00 -5.71
C HIS A 88 41.10 -37.97 -5.09
N PRO A 89 40.34 -38.34 -4.06
CA PRO A 89 39.49 -37.35 -3.38
C PRO A 89 40.24 -36.07 -3.03
N GLU A 90 41.51 -36.18 -2.63
CA GLU A 90 42.29 -35.00 -2.26
C GLU A 90 42.51 -34.05 -3.42
N GLN A 91 42.34 -34.51 -4.66
CA GLN A 91 42.47 -33.63 -5.81
C GLN A 91 41.19 -32.89 -6.15
N LEU A 92 40.08 -33.19 -5.48
CA LEU A 92 38.81 -32.52 -5.72
C LEU A 92 38.46 -31.70 -4.48
N ILE A 93 38.32 -30.38 -4.66
CA ILE A 93 38.14 -29.44 -3.56
C ILE A 93 36.92 -28.59 -3.86
N THR A 94 35.95 -28.64 -2.95
CA THR A 94 34.69 -27.88 -3.12
C THR A 94 34.36 -27.11 -1.85
N GLY A 95 33.74 -25.93 -1.99
CA GLY A 95 33.26 -25.18 -0.81
C GLY A 95 31.78 -25.50 -0.63
N LYS A 96 30.99 -24.53 -0.18
CA LYS A 96 29.53 -24.74 -0.01
C LYS A 96 28.76 -23.54 -0.57
N GLU A 97 29.43 -22.42 -0.75
CA GLU A 97 28.77 -21.21 -1.23
C GLU A 97 29.67 -20.58 -2.27
N ASP A 98 29.13 -20.28 -3.46
CA ASP A 98 29.98 -19.80 -4.54
C ASP A 98 30.07 -18.27 -4.51
N ALA A 99 30.83 -17.73 -5.46
CA ALA A 99 31.12 -16.30 -5.52
C ALA A 99 29.98 -15.46 -6.09
N ALA A 100 28.91 -16.10 -6.58
CA ALA A 100 27.71 -15.40 -7.03
C ALA A 100 27.99 -14.44 -8.18
N ASN A 101 28.81 -14.89 -9.14
CA ASN A 101 29.21 -14.06 -10.28
C ASN A 101 29.87 -12.77 -9.83
N ASN A 102 30.49 -12.77 -8.65
CA ASN A 102 31.01 -11.56 -8.03
C ASN A 102 32.50 -11.71 -7.75
N TYR A 103 33.32 -11.00 -8.53
CA TYR A 103 34.78 -11.09 -8.37
C TYR A 103 35.21 -10.84 -6.94
N ALA A 104 34.73 -9.76 -6.33
CA ALA A 104 35.18 -9.41 -4.98
C ALA A 104 34.89 -10.54 -4.01
N ARG A 105 33.79 -11.26 -4.21
CA ARG A 105 33.44 -12.37 -3.32
C ARG A 105 34.36 -13.57 -3.52
N GLY A 106 34.77 -13.84 -4.77
CA GLY A 106 35.68 -14.93 -5.01
C GLY A 106 37.09 -14.63 -4.53
N HIS A 107 37.54 -13.40 -4.75
CA HIS A 107 38.91 -13.03 -4.38
C HIS A 107 39.05 -12.76 -2.90
N TYR A 108 38.15 -11.97 -2.32
CA TYR A 108 38.32 -11.45 -0.98
C TYR A 108 37.57 -12.26 0.07
N THR A 109 36.25 -12.43 -0.09
CA THR A 109 35.44 -13.00 0.96
C THR A 109 35.61 -14.51 1.07
N ILE A 110 35.23 -15.25 0.03
CA ILE A 110 35.34 -16.70 0.08
C ILE A 110 36.78 -17.14 -0.15
N GLY A 111 37.49 -16.46 -1.05
CA GLY A 111 38.85 -16.87 -1.36
C GLY A 111 39.74 -16.94 -0.13
N LYS A 112 39.64 -15.94 0.75
CA LYS A 112 40.49 -15.90 1.94
C LYS A 112 40.38 -17.19 2.74
N GLU A 113 39.17 -17.77 2.82
CA GLU A 113 38.94 -18.91 3.70
C GLU A 113 39.39 -20.24 3.10
N ILE A 114 39.67 -20.31 1.79
CA ILE A 114 39.96 -21.58 1.14
C ILE A 114 41.31 -21.62 0.45
N ILE A 115 42.02 -20.50 0.37
CA ILE A 115 43.26 -20.45 -0.42
C ILE A 115 44.32 -21.40 0.16
N ASP A 116 44.47 -21.41 1.48
CA ASP A 116 45.51 -22.23 2.11
C ASP A 116 45.27 -23.72 1.89
N LEU A 117 44.01 -24.15 1.87
CA LEU A 117 43.70 -25.56 1.62
C LEU A 117 44.09 -25.96 0.21
N VAL A 118 43.78 -25.11 -0.77
CA VAL A 118 44.15 -25.38 -2.16
C VAL A 118 45.67 -25.44 -2.29
N LEU A 119 46.36 -24.44 -1.73
CA LEU A 119 47.81 -24.43 -1.81
C LEU A 119 48.40 -25.69 -1.18
N ASP A 120 47.77 -26.18 -0.11
CA ASP A 120 48.26 -27.39 0.55
C ASP A 120 48.08 -28.63 -0.32
N ARG A 121 47.01 -28.68 -1.11
CA ARG A 121 46.81 -29.82 -2.00
C ARG A 121 47.75 -29.75 -3.20
N ILE A 122 47.98 -28.54 -3.71
CA ILE A 122 48.97 -28.36 -4.76
C ILE A 122 50.35 -28.77 -4.26
N ARG A 123 50.69 -28.32 -3.04
CA ARG A 123 51.98 -28.68 -2.45
C ARG A 123 52.17 -30.20 -2.40
N LYS A 124 51.12 -30.92 -2.01
CA LYS A 124 51.18 -32.38 -2.00
C LYS A 124 51.62 -32.92 -3.37
N LEU A 125 51.09 -32.34 -4.44
CA LEU A 125 51.42 -32.83 -5.78
C LEU A 125 52.83 -32.42 -6.19
N ALA A 126 53.24 -31.19 -5.89
CA ALA A 126 54.60 -30.77 -6.19
C ALA A 126 55.62 -31.66 -5.49
N ASP A 127 55.27 -32.15 -4.30
CA ASP A 127 56.18 -33.05 -3.58
C ASP A 127 56.43 -34.34 -4.35
N GLN A 128 55.47 -34.80 -5.14
CA GLN A 128 55.63 -35.99 -5.96
C GLN A 128 56.39 -35.72 -7.26
N CYS A 129 56.98 -34.54 -7.41
CA CYS A 129 57.63 -34.13 -8.64
C CYS A 129 59.13 -34.02 -8.43
N THR A 130 59.91 -34.40 -9.45
CA THR A 130 61.35 -34.26 -9.41
C THR A 130 61.87 -33.07 -10.20
N GLY A 131 61.08 -32.54 -11.12
CA GLY A 131 61.52 -31.40 -11.92
C GLY A 131 60.38 -30.50 -12.35
N LEU A 132 59.46 -30.21 -11.43
CA LEU A 132 58.25 -29.46 -11.75
C LEU A 132 58.56 -28.18 -12.51
N GLN A 133 58.01 -28.07 -13.73
CA GLN A 133 58.29 -26.90 -14.57
C GLN A 133 57.26 -25.79 -14.44
N GLY A 134 56.05 -26.07 -13.94
CA GLY A 134 55.09 -25.01 -13.71
C GLY A 134 53.65 -25.53 -13.79
N PHE A 135 52.73 -24.59 -14.03
CA PHE A 135 51.30 -24.83 -13.89
C PHE A 135 50.54 -24.43 -15.15
N LEU A 136 49.48 -25.18 -15.44
CA LEU A 136 48.46 -24.81 -16.42
C LEU A 136 47.15 -24.58 -15.67
N VAL A 137 46.54 -23.41 -15.85
CA VAL A 137 45.40 -22.98 -15.06
C VAL A 137 44.22 -22.69 -15.98
N PHE A 138 43.11 -23.39 -15.76
CA PHE A 138 41.89 -23.29 -16.56
C PHE A 138 40.82 -22.54 -15.78
N HIS A 139 40.15 -21.60 -16.43
CA HIS A 139 39.16 -20.79 -15.72
C HIS A 139 38.46 -19.84 -16.67
N SER A 140 37.20 -19.53 -16.39
CA SER A 140 36.47 -18.52 -17.11
C SER A 140 36.88 -17.13 -16.65
N PHE A 141 36.61 -16.13 -17.50
CA PHE A 141 36.77 -14.73 -17.11
C PHE A 141 35.59 -14.24 -16.28
N GLY A 142 34.38 -14.73 -16.57
CA GLY A 142 33.17 -14.10 -16.08
C GLY A 142 32.68 -14.62 -14.75
N GLY A 143 33.00 -15.87 -14.42
CA GLY A 143 32.60 -16.41 -13.14
C GLY A 143 33.23 -15.66 -11.97
N GLY A 144 32.52 -15.65 -10.84
CA GLY A 144 33.09 -15.10 -9.63
C GLY A 144 34.28 -15.91 -9.14
N THR A 145 34.17 -17.23 -9.18
CA THR A 145 35.30 -18.08 -8.80
C THR A 145 36.40 -18.02 -9.86
N GLY A 146 36.03 -18.17 -11.13
CA GLY A 146 37.02 -18.15 -12.20
C GLY A 146 37.80 -16.85 -12.28
N SER A 147 37.14 -15.72 -12.04
CA SER A 147 37.85 -14.45 -12.05
C SER A 147 38.52 -14.16 -10.70
N GLY A 148 37.76 -14.25 -9.62
CA GLY A 148 38.21 -13.76 -8.33
C GLY A 148 39.17 -14.68 -7.62
N PHE A 149 38.84 -15.96 -7.56
CA PHE A 149 39.72 -16.90 -6.88
C PHE A 149 40.97 -17.18 -7.70
N THR A 150 40.83 -17.38 -9.01
CA THR A 150 41.99 -17.66 -9.87
C THR A 150 43.04 -16.57 -9.64
N SER A 151 42.61 -15.33 -9.53
CA SER A 151 43.53 -14.20 -9.30
C SER A 151 44.28 -14.39 -7.97
N LEU A 152 43.55 -14.68 -6.90
CA LEU A 152 44.24 -14.93 -5.64
C LEU A 152 45.22 -16.09 -5.77
N LEU A 153 44.83 -17.16 -6.47
CA LEU A 153 45.70 -18.31 -6.63
C LEU A 153 46.97 -17.93 -7.39
N MET A 154 46.82 -17.18 -8.49
CA MET A 154 47.98 -16.76 -9.28
C MET A 154 48.97 -15.97 -8.43
N GLU A 155 48.46 -15.00 -7.67
CA GLU A 155 49.33 -14.22 -6.79
C GLU A 155 50.08 -15.12 -5.82
N ARG A 156 49.36 -16.07 -5.21
CA ARG A 156 49.96 -16.99 -4.25
C ARG A 156 51.01 -17.87 -4.93
N LEU A 157 50.67 -18.42 -6.09
CA LEU A 157 51.58 -19.34 -6.78
C LEU A 157 52.91 -18.67 -7.09
N SER A 158 52.90 -17.39 -7.45
CA SER A 158 54.16 -16.67 -7.65
C SER A 158 55.00 -16.69 -6.39
N VAL A 159 54.36 -16.54 -5.23
CA VAL A 159 55.09 -16.48 -3.96
C VAL A 159 55.74 -17.83 -3.67
N ASP A 160 54.93 -18.89 -3.61
CA ASP A 160 55.47 -20.19 -3.20
C ASP A 160 56.30 -20.84 -4.28
N TYR A 161 56.02 -20.54 -5.55
CA TYR A 161 56.66 -21.21 -6.67
C TYR A 161 57.25 -20.20 -7.64
N GLY A 162 57.92 -19.18 -7.11
CA GLY A 162 58.54 -18.19 -7.96
C GLY A 162 59.43 -18.85 -9.00
N LYS A 163 59.56 -18.22 -10.17
CA LYS A 163 60.40 -18.65 -11.27
C LYS A 163 59.80 -19.84 -12.01
N LYS A 164 58.76 -20.49 -11.49
CA LYS A 164 58.08 -21.54 -12.23
C LYS A 164 57.08 -20.91 -13.19
N SER A 165 56.92 -21.55 -14.35
CA SER A 165 56.07 -20.99 -15.39
C SER A 165 54.60 -21.24 -15.08
N LYS A 166 53.77 -20.27 -15.43
CA LYS A 166 52.32 -20.39 -15.29
C LYS A 166 51.68 -20.04 -16.63
N LEU A 167 50.91 -20.99 -17.17
CA LEU A 167 50.17 -20.80 -18.41
C LEU A 167 48.68 -20.78 -18.11
N GLU A 168 47.93 -19.99 -18.90
CA GLU A 168 46.51 -19.82 -18.67
C GLU A 168 45.71 -20.31 -19.87
N PHE A 169 44.55 -20.90 -19.59
CA PHE A 169 43.51 -21.16 -20.58
C PHE A 169 42.26 -20.49 -20.06
N SER A 170 41.78 -19.47 -20.78
CA SER A 170 40.77 -18.57 -20.26
C SER A 170 39.60 -18.50 -21.23
N ILE A 171 38.40 -18.55 -20.67
CA ILE A 171 37.16 -18.48 -21.45
C ILE A 171 36.65 -17.05 -21.39
N TYR A 172 36.70 -16.41 -22.54
CA TYR A 172 36.26 -15.03 -22.75
C TYR A 172 34.75 -14.99 -22.87
N PRO A 173 34.07 -14.05 -22.22
CA PRO A 173 32.61 -14.11 -22.10
C PRO A 173 31.92 -13.77 -23.41
N ALA A 174 30.79 -14.43 -23.66
CA ALA A 174 30.03 -14.16 -24.87
C ALA A 174 28.54 -14.29 -24.59
N PRO A 175 27.74 -13.27 -24.93
CA PRO A 175 26.29 -13.36 -24.62
C PRO A 175 25.59 -14.50 -25.35
N GLN A 176 26.15 -15.01 -26.45
N GLN A 176 26.20 -15.05 -26.40
CA GLN A 176 25.42 -15.99 -27.26
CA GLN A 176 25.58 -16.10 -27.21
C GLN A 176 25.33 -17.35 -26.55
C GLN A 176 25.21 -17.31 -26.37
N VAL A 177 28.08 -20.59 -23.21
CA VAL A 177 28.09 -19.23 -23.70
C VAL A 177 26.89 -18.45 -23.14
N SER A 178 26.63 -18.69 -21.86
CA SER A 178 25.55 -18.00 -21.12
C SER A 178 26.26 -17.01 -20.19
N THR A 179 26.01 -15.73 -20.35
CA THR A 179 26.79 -14.72 -19.63
C THR A 179 25.92 -13.94 -18.67
N ALA A 180 26.45 -13.69 -17.47
CA ALA A 180 25.83 -12.75 -16.54
C ALA A 180 26.19 -11.33 -16.93
N VAL A 181 25.34 -10.38 -16.53
CA VAL A 181 25.52 -9.01 -17.00
C VAL A 181 26.78 -8.36 -16.42
N VAL A 182 27.35 -8.92 -15.35
CA VAL A 182 28.51 -8.32 -14.70
C VAL A 182 29.82 -9.00 -15.12
N GLU A 183 29.77 -9.92 -16.09
CA GLU A 183 31.01 -10.57 -16.50
C GLU A 183 32.03 -9.60 -17.09
N PRO A 184 31.65 -8.51 -17.77
CA PRO A 184 32.68 -7.51 -18.14
C PRO A 184 33.47 -6.98 -16.96
N TYR A 185 32.80 -6.66 -15.84
CA TYR A 185 33.53 -6.26 -14.63
C TYR A 185 34.51 -7.34 -14.20
N ASN A 186 34.02 -8.56 -14.02
CA ASN A 186 34.89 -9.63 -13.55
C ASN A 186 36.08 -9.83 -14.49
N SER A 187 35.85 -9.66 -15.79
CA SER A 187 36.92 -9.93 -16.75
C SER A 187 38.05 -8.93 -16.62
N ILE A 188 37.73 -7.64 -16.55
CA ILE A 188 38.77 -6.61 -16.42
C ILE A 188 39.45 -6.72 -15.06
N LEU A 189 38.67 -6.96 -14.00
CA LEU A 189 39.27 -7.12 -12.68
C LEU A 189 40.32 -8.24 -12.68
N THR A 190 39.96 -9.42 -13.21
CA THR A 190 40.87 -10.55 -13.09
C THR A 190 42.05 -10.45 -14.05
N THR A 191 41.85 -9.86 -15.23
CA THR A 191 42.97 -9.65 -16.15
C THR A 191 44.00 -8.71 -15.54
N HIS A 192 43.53 -7.64 -14.88
CA HIS A 192 44.46 -6.65 -14.35
C HIS A 192 45.38 -7.24 -13.28
N THR A 193 44.83 -8.05 -12.39
CA THR A 193 45.64 -8.51 -11.25
C THR A 193 46.37 -9.82 -11.59
N THR A 194 45.91 -10.55 -12.61
CA THR A 194 46.65 -11.71 -13.06
C THR A 194 47.73 -11.36 -14.07
N LEU A 195 47.63 -10.20 -14.73
CA LEU A 195 48.51 -9.90 -15.86
C LEU A 195 49.98 -10.15 -15.53
N GLU A 196 50.43 -9.67 -14.37
CA GLU A 196 51.84 -9.80 -14.01
C GLU A 196 52.23 -11.21 -13.59
N HIS A 197 51.28 -12.12 -13.39
CA HIS A 197 51.56 -13.42 -12.77
C HIS A 197 51.43 -14.62 -13.72
N SER A 198 51.11 -14.41 -14.99
CA SER A 198 51.10 -15.50 -15.95
C SER A 198 52.03 -15.14 -17.10
N ASP A 199 52.71 -16.14 -17.62
CA ASP A 199 53.69 -15.90 -18.67
C ASP A 199 53.11 -16.06 -20.07
N CYS A 200 51.92 -16.64 -20.19
CA CYS A 200 51.30 -16.88 -21.49
C CYS A 200 49.87 -17.32 -21.28
N ALA A 201 48.93 -16.72 -22.02
CA ALA A 201 47.50 -16.95 -21.80
C ALA A 201 46.82 -17.27 -23.13
N PHE A 202 46.16 -18.42 -23.19
CA PHE A 202 45.42 -18.86 -24.36
C PHE A 202 43.96 -18.53 -24.14
N MET A 203 43.48 -17.50 -24.84
CA MET A 203 42.13 -17.00 -24.69
C MET A 203 41.20 -17.74 -25.64
N VAL A 204 40.04 -18.13 -25.15
CA VAL A 204 39.03 -18.78 -25.96
C VAL A 204 37.74 -17.98 -25.83
N ASP A 205 37.29 -17.40 -26.94
CA ASP A 205 36.06 -16.62 -26.99
C ASP A 205 34.88 -17.56 -27.20
N ASN A 206 33.98 -17.64 -26.21
CA ASN A 206 32.82 -18.52 -26.34
C ASN A 206 32.03 -18.22 -27.61
N GLU A 207 32.10 -16.98 -28.11
CA GLU A 207 31.38 -16.66 -29.34
C GLU A 207 32.01 -17.35 -30.54
N ALA A 208 33.34 -17.40 -30.61
CA ALA A 208 34.00 -18.09 -31.70
C ALA A 208 33.72 -19.59 -31.66
N ILE A 209 33.83 -20.20 -30.48
CA ILE A 209 33.60 -21.64 -30.37
C ILE A 209 32.16 -21.97 -30.72
N TYR A 210 31.24 -21.09 -30.34
CA TYR A 210 29.83 -21.28 -30.64
C TYR A 210 29.57 -21.35 -32.13
N ASP A 211 30.17 -20.43 -32.88
CA ASP A 211 29.88 -20.36 -34.33
C ASP A 211 30.50 -21.55 -35.06
N ILE A 212 31.73 -21.95 -34.69
CA ILE A 212 32.31 -23.13 -35.33
C ILE A 212 31.38 -24.34 -35.17
N CYS A 213 30.78 -24.49 -33.98
CA CYS A 213 29.89 -25.64 -33.74
C CYS A 213 28.64 -25.56 -34.61
N ARG A 214 28.06 -24.37 -34.74
CA ARG A 214 26.86 -24.24 -35.56
C ARG A 214 27.18 -24.33 -37.04
N ARG A 215 28.29 -23.73 -37.46
CA ARG A 215 28.63 -23.67 -38.87
C ARG A 215 29.26 -24.98 -39.35
N ASN A 216 30.36 -25.41 -38.72
CA ASN A 216 31.09 -26.57 -39.22
C ASN A 216 30.50 -27.89 -38.74
N LEU A 217 29.96 -27.92 -37.51
CA LEU A 217 29.46 -29.17 -36.96
C LEU A 217 27.96 -29.34 -37.16
N ASP A 218 27.27 -28.31 -37.67
CA ASP A 218 25.84 -28.38 -37.90
C ASP A 218 25.10 -28.72 -36.60
N ILE A 219 25.28 -27.86 -35.61
CA ILE A 219 24.69 -28.02 -34.29
C ILE A 219 23.86 -26.77 -34.01
N GLU A 220 22.54 -26.91 -34.07
CA GLU A 220 21.62 -25.77 -33.90
C GLU A 220 21.97 -24.93 -32.69
N ARG A 221 21.94 -25.54 -31.51
CA ARG A 221 22.20 -24.85 -30.25
C ARG A 221 23.30 -25.62 -29.53
N PRO A 222 24.56 -25.24 -29.72
CA PRO A 222 25.65 -25.94 -29.03
C PRO A 222 25.50 -25.90 -27.53
N THR A 223 25.76 -27.05 -26.90
CA THR A 223 25.79 -27.18 -25.46
C THR A 223 27.22 -26.99 -24.96
N TYR A 224 27.38 -26.89 -23.64
CA TYR A 224 28.73 -26.85 -23.07
C TYR A 224 29.52 -28.09 -23.47
N THR A 225 28.84 -29.23 -23.57
CA THR A 225 29.52 -30.45 -23.98
C THR A 225 30.10 -30.32 -25.38
N ASN A 226 29.34 -29.73 -26.30
CA ASN A 226 29.88 -29.48 -27.64
C ASN A 226 31.04 -28.50 -27.58
N LEU A 227 30.83 -27.35 -26.93
CA LEU A 227 31.91 -26.38 -26.81
C LEU A 227 33.13 -27.01 -26.15
N ASN A 228 32.92 -27.78 -25.09
CA ASN A 228 34.05 -28.24 -24.31
C ASN A 228 34.86 -29.32 -25.02
N ARG A 229 34.21 -30.15 -25.84
CA ARG A 229 34.97 -31.15 -26.58
C ARG A 229 35.75 -30.53 -27.72
N LEU A 230 35.23 -29.45 -28.31
CA LEU A 230 36.02 -28.75 -29.31
C LEU A 230 37.20 -28.02 -28.69
N ILE A 231 36.99 -27.35 -27.54
CA ILE A 231 38.09 -26.69 -26.85
C ILE A 231 39.16 -27.71 -26.48
N SER A 232 38.76 -28.94 -26.15
CA SER A 232 39.71 -29.96 -25.74
C SER A 232 40.67 -30.31 -26.88
N GLN A 233 40.18 -30.35 -28.12
CA GLN A 233 41.10 -30.59 -29.23
C GLN A 233 42.19 -29.52 -29.28
N ILE A 234 41.81 -28.26 -29.09
CA ILE A 234 42.80 -27.18 -29.15
C ILE A 234 43.79 -27.31 -28.00
N VAL A 235 43.30 -27.49 -26.78
CA VAL A 235 44.20 -27.66 -25.65
C VAL A 235 45.11 -28.86 -25.86
N SER A 236 44.54 -29.98 -26.32
CA SER A 236 45.33 -31.18 -26.52
C SER A 236 46.46 -30.94 -27.51
N SER A 237 46.18 -30.23 -28.61
CA SER A 237 47.25 -30.01 -29.57
C SER A 237 48.27 -29.00 -29.05
N ILE A 238 47.85 -28.06 -28.19
CA ILE A 238 48.80 -27.13 -27.59
C ILE A 238 49.71 -27.85 -26.60
N THR A 239 49.15 -28.77 -25.80
CA THR A 239 49.96 -29.47 -24.80
C THR A 239 50.58 -30.76 -25.33
N ALA A 240 50.23 -31.16 -26.56
CA ALA A 240 50.76 -32.43 -27.07
C ALA A 240 52.27 -32.45 -27.11
N SER A 241 52.91 -31.27 -27.18
CA SER A 241 54.37 -31.23 -27.15
C SER A 241 54.90 -31.72 -25.81
N LEU A 242 54.23 -31.37 -24.72
CA LEU A 242 54.69 -31.73 -23.38
C LEU A 242 54.45 -33.20 -23.04
N ARG A 243 53.48 -33.84 -23.68
CA ARG A 243 53.08 -35.21 -23.34
C ARG A 243 53.61 -36.25 -24.31
N PHE A 244 54.38 -35.85 -25.31
CA PHE A 244 54.86 -36.75 -26.35
C PHE A 244 56.33 -36.46 -26.64
N ASP A 245 57.05 -37.48 -27.06
CA ASP A 245 58.41 -37.25 -27.52
C ASP A 245 58.41 -36.24 -28.67
N GLY A 246 59.12 -35.13 -28.48
CA GLY A 246 59.18 -34.12 -29.50
C GLY A 246 60.34 -33.17 -29.28
N ALA A 247 60.39 -32.12 -30.10
CA ALA A 247 61.42 -31.11 -29.98
C ALA A 247 60.89 -29.69 -29.86
N LEU A 248 59.67 -29.40 -30.31
CA LEU A 248 59.10 -28.07 -30.27
C LEU A 248 58.23 -27.93 -29.02
N ASN A 249 58.55 -26.93 -28.18
CA ASN A 249 57.74 -26.65 -26.98
C ASN A 249 57.76 -27.85 -26.03
N VAL A 250 58.94 -28.25 -25.60
CA VAL A 250 59.07 -29.43 -24.71
C VAL A 250 59.01 -28.95 -23.27
N ASP A 251 59.15 -27.64 -23.07
CA ASP A 251 59.13 -27.06 -21.70
C ASP A 251 58.24 -25.82 -21.72
N LEU A 252 57.50 -25.57 -20.64
CA LEU A 252 56.56 -24.43 -20.60
C LEU A 252 57.30 -23.14 -20.94
N THR A 253 58.55 -23.03 -20.48
CA THR A 253 59.30 -21.81 -20.74
C THR A 253 59.49 -21.56 -22.24
N GLU A 254 59.40 -22.61 -23.07
CA GLU A 254 59.53 -22.42 -24.51
C GLU A 254 58.32 -21.70 -25.11
N PHE A 255 57.16 -21.76 -24.45
CA PHE A 255 55.99 -21.08 -24.97
C PHE A 255 56.22 -19.56 -25.00
N GLN A 256 56.74 -19.00 -23.91
CA GLN A 256 57.05 -17.58 -23.91
C GLN A 256 58.28 -17.29 -24.76
N THR A 257 59.30 -18.14 -24.67
CA THR A 257 60.46 -18.00 -25.55
C THR A 257 60.03 -17.90 -27.01
N ASN A 258 59.16 -18.80 -27.44
CA ASN A 258 58.78 -18.87 -28.85
C ASN A 258 57.63 -17.95 -29.21
N LEU A 259 56.80 -17.55 -28.25
CA LEU A 259 55.56 -16.87 -28.60
C LEU A 259 55.41 -15.48 -27.98
N VAL A 260 56.15 -15.13 -26.93
CA VAL A 260 55.89 -13.87 -26.24
C VAL A 260 57.14 -12.99 -26.24
N PRO A 261 57.36 -12.18 -27.28
CA PRO A 261 58.51 -11.26 -27.24
C PRO A 261 58.43 -10.25 -26.12
N TYR A 262 57.28 -9.59 -25.94
CA TYR A 262 56.98 -8.61 -24.90
C TYR A 262 56.21 -9.26 -23.76
N PRO A 263 56.57 -8.94 -22.51
CA PRO A 263 55.94 -9.66 -21.39
C PRO A 263 54.45 -9.39 -21.26
N ARG A 264 54.02 -8.14 -21.41
CA ARG A 264 52.60 -7.83 -21.23
C ARG A 264 51.75 -8.37 -22.37
N ILE A 265 52.30 -8.41 -23.58
CA ILE A 265 51.57 -8.90 -24.75
C ILE A 265 51.76 -10.42 -24.85
N HIS A 266 51.13 -11.16 -23.95
CA HIS A 266 51.33 -12.60 -23.85
C HIS A 266 50.02 -13.37 -24.09
N PHE A 267 49.28 -12.95 -25.11
CA PHE A 267 47.99 -13.54 -25.47
C PHE A 267 48.02 -13.97 -26.93
N PRO A 268 48.54 -15.17 -27.19
CA PRO A 268 48.56 -15.67 -28.57
C PRO A 268 47.18 -16.11 -29.04
N LEU A 269 46.92 -15.87 -30.32
CA LEU A 269 45.69 -16.35 -30.97
C LEU A 269 45.85 -17.79 -31.42
N ALA A 270 44.78 -18.57 -31.25
CA ALA A 270 44.77 -19.96 -31.68
C ALA A 270 43.78 -20.15 -32.83
N THR A 271 44.26 -20.78 -33.90
CA THR A 271 43.42 -21.19 -35.02
C THR A 271 43.60 -22.69 -35.20
N TYR A 272 42.54 -23.36 -35.65
CA TYR A 272 42.52 -24.82 -35.71
C TYR A 272 41.76 -25.27 -36.95
N ALA A 273 42.25 -26.32 -37.60
CA ALA A 273 41.66 -26.82 -38.83
C ALA A 273 42.17 -28.23 -39.08
N PRO A 274 41.35 -29.11 -39.67
CA PRO A 274 39.98 -28.89 -40.11
C PRO A 274 38.97 -29.28 -39.04
N VAL A 275 37.87 -28.55 -38.89
CA VAL A 275 36.78 -28.96 -38.03
C VAL A 275 35.71 -29.53 -38.96
N ILE A 276 35.68 -30.85 -39.07
CA ILE A 276 34.71 -31.56 -39.92
C ILE A 276 33.70 -32.25 -39.02
N SER A 277 32.47 -32.31 -39.48
CA SER A 277 31.39 -32.92 -38.72
C SER A 277 31.39 -34.43 -38.89
N ALA A 278 31.22 -35.15 -37.77
CA ALA A 278 31.23 -36.60 -37.83
C ALA A 278 30.03 -37.16 -38.58
N GLU A 279 28.89 -36.46 -38.53
CA GLU A 279 27.74 -36.91 -39.31
C GLU A 279 28.06 -36.93 -40.80
N LYS A 280 28.85 -35.97 -41.28
CA LYS A 280 29.30 -35.96 -42.66
C LYS A 280 29.96 -37.29 -43.00
N ALA A 281 29.35 -38.04 -43.92
CA ALA A 281 29.88 -39.36 -44.27
C ALA A 281 30.98 -39.28 -45.33
N TYR A 282 30.91 -38.30 -46.22
CA TYR A 282 31.87 -38.18 -47.32
C TYR A 282 33.29 -38.25 -46.81
N HIS A 283 33.71 -37.22 -46.07
CA HIS A 283 35.06 -37.18 -45.51
C HIS A 283 36.10 -36.97 -46.61
N GLU A 284 36.02 -35.83 -47.29
CA GLU A 284 37.07 -35.45 -48.23
C GLU A 284 38.29 -34.99 -47.46
N GLN A 285 39.45 -35.59 -47.77
CA GLN A 285 40.66 -35.35 -47.00
C GLN A 285 41.39 -34.12 -47.56
N LEU A 286 41.56 -33.11 -46.73
CA LEU A 286 42.27 -31.91 -47.13
C LEU A 286 43.78 -32.13 -47.12
N SER A 287 44.45 -31.31 -47.92
CA SER A 287 45.93 -31.36 -47.99
C SER A 287 46.52 -30.49 -46.89
N VAL A 288 47.82 -30.64 -46.64
CA VAL A 288 48.50 -29.77 -45.64
C VAL A 288 48.37 -28.33 -46.13
N ALA A 289 48.35 -28.14 -47.44
CA ALA A 289 48.28 -26.78 -48.00
C ALA A 289 46.89 -26.21 -47.73
N GLU A 290 45.87 -27.04 -47.91
CA GLU A 290 44.52 -26.56 -47.63
C GLU A 290 44.34 -26.21 -46.15
N ILE A 291 44.81 -27.09 -45.25
CA ILE A 291 44.57 -26.82 -43.83
C ILE A 291 45.47 -25.69 -43.34
N THR A 292 46.72 -25.62 -43.81
CA THR A 292 47.57 -24.48 -43.49
C THR A 292 46.85 -23.19 -43.88
N ASN A 293 46.31 -23.15 -45.09
CA ASN A 293 45.54 -21.99 -45.55
C ASN A 293 44.43 -21.65 -44.57
N ALA A 294 43.62 -22.63 -44.19
CA ALA A 294 42.48 -22.39 -43.31
C ALA A 294 42.88 -21.64 -42.05
N CYS A 295 44.14 -21.78 -41.61
CA CYS A 295 44.62 -21.09 -40.41
C CYS A 295 44.60 -19.58 -40.56
N PHE A 296 44.48 -19.07 -41.78
CA PHE A 296 44.45 -17.64 -42.04
C PHE A 296 43.07 -17.14 -42.42
N GLU A 297 42.05 -17.98 -42.25
CA GLU A 297 40.68 -17.51 -42.41
C GLU A 297 40.08 -17.20 -41.05
N PRO A 298 39.45 -16.04 -40.89
CA PRO A 298 38.99 -15.63 -39.54
C PRO A 298 38.03 -16.63 -38.90
N ALA A 299 37.21 -17.32 -39.69
CA ALA A 299 36.18 -18.19 -39.13
C ALA A 299 36.72 -19.40 -38.37
N ASN A 300 38.03 -19.65 -38.40
CA ASN A 300 38.60 -20.80 -37.70
C ASN A 300 39.37 -20.41 -36.46
N GLN A 301 39.33 -19.13 -36.08
CA GLN A 301 40.11 -18.65 -34.95
C GLN A 301 39.33 -18.80 -33.64
N MET A 302 40.09 -18.86 -32.54
CA MET A 302 39.48 -18.99 -31.23
C MET A 302 38.93 -17.67 -30.71
N VAL A 303 39.36 -16.55 -31.28
CA VAL A 303 38.78 -15.25 -31.01
C VAL A 303 38.43 -14.61 -32.35
N LYS A 304 37.25 -14.00 -32.42
CA LYS A 304 36.80 -13.31 -33.63
C LYS A 304 37.54 -11.98 -33.75
N CYS A 305 38.43 -11.89 -34.73
CA CYS A 305 39.17 -10.67 -35.03
C CYS A 305 39.76 -10.85 -36.42
N ASP A 306 40.41 -9.80 -36.94
CA ASP A 306 40.90 -9.78 -38.32
C ASP A 306 42.41 -9.61 -38.34
N PRO A 307 43.18 -10.70 -38.42
CA PRO A 307 44.64 -10.58 -38.41
C PRO A 307 45.21 -9.84 -39.60
N ARG A 308 44.46 -9.69 -40.69
CA ARG A 308 44.96 -8.96 -41.85
C ARG A 308 45.29 -7.51 -41.51
N HIS A 309 44.74 -6.99 -40.42
CA HIS A 309 44.94 -5.59 -40.05
C HIS A 309 45.69 -5.49 -38.74
N GLY A 310 46.71 -6.33 -38.61
CA GLY A 310 47.58 -6.29 -37.46
C GLY A 310 48.98 -6.71 -37.85
N LYS A 311 49.81 -7.01 -36.86
CA LYS A 311 51.17 -7.45 -37.11
C LYS A 311 51.45 -8.66 -36.25
N TYR A 312 52.25 -9.58 -36.78
CA TYR A 312 52.67 -10.74 -36.04
C TYR A 312 54.00 -10.47 -35.34
N MET A 313 54.15 -11.07 -34.16
CA MET A 313 55.45 -11.12 -33.49
C MET A 313 55.99 -12.54 -33.36
N ALA A 314 55.18 -13.56 -33.66
CA ALA A 314 55.59 -14.95 -33.54
C ALA A 314 54.50 -15.81 -34.16
N CYS A 315 54.92 -16.93 -34.76
CA CYS A 315 53.98 -17.80 -35.45
C CYS A 315 54.48 -19.23 -35.35
N CYS A 316 53.61 -20.12 -34.90
N CYS A 316 53.59 -20.15 -34.98
CA CYS A 316 53.94 -21.53 -34.69
CA CYS A 316 53.97 -21.52 -34.70
C CYS A 316 52.88 -22.38 -35.37
C CYS A 316 52.90 -22.46 -35.25
N LEU A 317 53.31 -23.33 -36.19
CA LEU A 317 52.41 -24.28 -36.82
C LEU A 317 52.63 -25.66 -36.20
N LEU A 318 51.58 -26.21 -35.58
CA LEU A 318 51.65 -27.50 -34.89
C LEU A 318 50.76 -28.49 -35.63
N TYR A 319 51.39 -29.41 -36.36
CA TYR A 319 50.68 -30.41 -37.16
C TYR A 319 50.57 -31.73 -36.39
N ARG A 320 49.48 -32.43 -36.64
CA ARG A 320 49.28 -33.76 -36.07
C ARG A 320 48.91 -34.71 -37.19
N GLY A 321 49.64 -35.82 -37.29
CA GLY A 321 49.30 -36.88 -38.22
C GLY A 321 50.16 -36.99 -39.46
N ASP A 322 49.50 -37.25 -40.58
CA ASP A 322 50.11 -37.58 -41.86
C ASP A 322 50.59 -36.30 -42.54
N VAL A 323 51.79 -35.86 -42.15
CA VAL A 323 52.35 -34.59 -42.60
C VAL A 323 53.85 -34.74 -42.76
N VAL A 324 54.36 -34.51 -43.96
CA VAL A 324 55.80 -34.55 -44.23
C VAL A 324 56.33 -33.13 -44.36
N PRO A 325 57.58 -32.86 -43.95
CA PRO A 325 58.13 -31.51 -44.09
C PRO A 325 57.97 -30.92 -45.49
N LYS A 326 58.29 -31.68 -46.53
CA LYS A 326 58.23 -31.16 -47.90
C LYS A 326 56.91 -30.44 -48.19
N ASP A 327 55.79 -31.00 -47.70
CA ASP A 327 54.49 -30.36 -47.92
C ASP A 327 54.39 -29.03 -47.19
N VAL A 328 54.96 -28.94 -45.98
CA VAL A 328 54.79 -27.75 -45.15
C VAL A 328 55.47 -26.54 -45.79
N ASN A 329 56.75 -26.68 -46.16
CA ASN A 329 57.43 -25.56 -46.80
C ASN A 329 56.69 -25.13 -48.06
N ALA A 330 56.28 -26.10 -48.89
CA ALA A 330 55.52 -25.78 -50.09
C ALA A 330 54.26 -25.00 -49.75
N ALA A 331 53.59 -25.37 -48.66
CA ALA A 331 52.39 -24.64 -48.26
C ALA A 331 52.73 -23.23 -47.79
N ILE A 332 53.81 -23.07 -47.01
CA ILE A 332 54.21 -21.76 -46.54
C ILE A 332 54.63 -20.88 -47.71
N ALA A 333 55.33 -21.44 -48.69
CA ALA A 333 55.68 -20.67 -49.88
C ALA A 333 54.42 -20.05 -50.49
N THR A 334 53.38 -20.85 -50.66
CA THR A 334 52.14 -20.33 -51.24
C THR A 334 51.44 -19.38 -50.29
N ILE A 335 51.21 -19.81 -49.05
CA ILE A 335 50.50 -18.98 -48.07
C ILE A 335 51.07 -17.57 -48.06
N LYS A 336 52.40 -17.45 -48.13
CA LYS A 336 53.02 -16.13 -48.09
C LYS A 336 52.48 -15.25 -49.21
N THR A 337 52.43 -15.78 -50.44
CA THR A 337 52.14 -14.93 -51.59
C THR A 337 50.68 -14.50 -51.61
N LYS A 338 49.76 -15.44 -51.38
CA LYS A 338 48.33 -15.18 -51.48
C LYS A 338 47.73 -14.73 -50.15
N ARG A 339 48.53 -14.15 -49.26
CA ARG A 339 48.05 -13.79 -47.95
C ARG A 339 48.78 -12.55 -47.46
N SER A 340 48.14 -11.84 -46.52
CA SER A 340 48.67 -10.60 -45.96
C SER A 340 49.18 -10.92 -44.55
N ILE A 341 50.46 -11.27 -44.47
CA ILE A 341 51.13 -11.61 -43.20
C ILE A 341 52.20 -10.56 -42.99
N GLN A 342 51.88 -9.51 -42.24
CA GLN A 342 52.85 -8.47 -41.90
C GLN A 342 53.39 -8.73 -40.50
N PHE A 343 54.69 -8.95 -40.39
CA PHE A 343 55.38 -9.07 -39.12
C PHE A 343 55.89 -7.71 -38.68
N VAL A 344 56.06 -7.56 -37.35
CA VAL A 344 56.72 -6.36 -36.86
C VAL A 344 58.15 -6.33 -37.39
N ASP A 345 58.68 -5.13 -37.59
CA ASP A 345 59.99 -5.02 -38.21
C ASP A 345 61.11 -5.53 -37.32
N TRP A 346 60.84 -5.67 -36.01
CA TRP A 346 61.91 -6.07 -35.07
C TRP A 346 62.01 -7.59 -34.99
N CYS A 347 60.96 -8.31 -35.43
CA CYS A 347 61.00 -9.76 -35.45
C CYS A 347 61.27 -10.27 -36.86
N PRO A 348 61.81 -11.47 -36.99
CA PRO A 348 61.96 -12.07 -38.32
C PRO A 348 60.65 -12.65 -38.80
N THR A 349 60.39 -12.49 -40.10
CA THR A 349 59.25 -13.13 -40.74
C THR A 349 59.57 -14.61 -40.91
N GLY A 350 58.94 -15.47 -40.12
CA GLY A 350 59.23 -16.88 -40.18
C GLY A 350 58.17 -17.67 -39.46
N PHE A 351 58.38 -18.99 -39.43
CA PHE A 351 57.43 -19.93 -38.84
C PHE A 351 58.19 -21.04 -38.15
N LYS A 352 57.87 -21.27 -36.88
CA LYS A 352 58.29 -22.47 -36.18
C LYS A 352 57.29 -23.57 -36.48
N VAL A 353 57.79 -24.77 -36.81
CA VAL A 353 56.93 -25.85 -37.26
C VAL A 353 57.20 -27.08 -36.40
N GLY A 354 56.14 -27.68 -35.88
CA GLY A 354 56.22 -28.96 -35.21
C GLY A 354 55.30 -29.96 -35.88
N ILE A 355 55.73 -31.22 -35.90
CA ILE A 355 54.96 -32.30 -36.49
C ILE A 355 54.96 -33.47 -35.52
N ASN A 356 53.77 -33.83 -35.04
CA ASN A 356 53.59 -35.08 -34.30
C ASN A 356 52.90 -36.06 -35.23
N TYR A 357 53.57 -37.19 -35.50
CA TYR A 357 53.03 -38.13 -36.48
C TYR A 357 51.73 -38.77 -36.03
N GLN A 358 51.46 -38.82 -34.73
CA GLN A 358 50.23 -39.43 -34.25
C GLN A 358 49.05 -38.52 -34.58
N PRO A 359 48.00 -39.03 -35.21
CA PRO A 359 46.93 -38.17 -35.69
C PRO A 359 45.97 -37.82 -34.56
N PRO A 360 45.07 -36.86 -34.77
CA PRO A 360 44.18 -36.44 -33.68
C PRO A 360 43.24 -37.58 -33.28
N THR A 361 43.11 -37.76 -31.98
CA THR A 361 42.12 -38.68 -31.44
C THR A 361 40.78 -37.97 -31.33
N VAL A 362 39.70 -38.75 -31.42
CA VAL A 362 38.36 -38.22 -31.23
C VAL A 362 37.65 -39.02 -30.14
N VAL A 363 36.86 -38.33 -29.33
CA VAL A 363 36.03 -38.98 -28.33
C VAL A 363 35.03 -39.84 -29.08
N PRO A 364 34.98 -41.14 -28.85
CA PRO A 364 33.94 -41.96 -29.48
C PRO A 364 32.57 -41.43 -29.11
N GLY A 365 31.77 -41.12 -30.12
CA GLY A 365 30.47 -40.53 -29.90
C GLY A 365 30.45 -39.03 -29.82
N GLY A 366 31.58 -38.35 -30.04
CA GLY A 366 31.61 -36.91 -30.13
C GLY A 366 31.06 -36.43 -31.45
N ASP A 367 31.29 -35.16 -31.72
CA ASP A 367 30.76 -34.54 -32.94
C ASP A 367 31.80 -34.39 -34.05
N LEU A 368 33.08 -34.57 -33.74
CA LEU A 368 34.13 -34.39 -34.74
C LEU A 368 34.44 -35.69 -35.45
N ALA A 369 34.60 -35.61 -36.77
CA ALA A 369 35.07 -36.75 -37.53
C ALA A 369 36.56 -36.95 -37.32
N LYS A 370 37.00 -38.21 -37.41
CA LYS A 370 38.42 -38.50 -37.38
C LYS A 370 39.07 -38.03 -38.69
N VAL A 371 40.21 -37.36 -38.57
CA VAL A 371 40.91 -36.79 -39.72
C VAL A 371 42.32 -37.36 -39.78
N GLN A 372 42.91 -37.31 -40.98
CA GLN A 372 44.25 -37.82 -41.16
C GLN A 372 45.31 -36.81 -40.77
N ARG A 373 45.02 -35.52 -40.87
CA ARG A 373 45.99 -34.48 -40.52
C ARG A 373 45.24 -33.24 -40.08
N ALA A 374 45.79 -32.55 -39.09
CA ALA A 374 45.21 -31.34 -38.53
C ALA A 374 46.31 -30.36 -38.15
N VAL A 375 45.99 -29.07 -38.18
CA VAL A 375 46.92 -28.02 -37.75
C VAL A 375 46.28 -27.24 -36.62
N CYS A 376 47.11 -26.85 -35.66
CA CYS A 376 46.77 -25.79 -34.73
C CYS A 376 47.83 -24.70 -34.87
N MET A 377 47.41 -23.50 -35.21
CA MET A 377 48.34 -22.39 -35.34
C MET A 377 48.24 -21.47 -34.13
N LEU A 378 49.39 -21.15 -33.55
CA LEU A 378 49.51 -20.17 -32.48
C LEU A 378 50.25 -18.96 -33.04
N SER A 379 49.61 -17.79 -32.98
CA SER A 379 50.23 -16.57 -33.50
C SER A 379 50.00 -15.44 -32.51
N ASN A 380 51.07 -14.70 -32.21
CA ASN A 380 50.99 -13.52 -31.36
C ASN A 380 50.81 -12.32 -32.28
N THR A 381 49.55 -11.97 -32.54
CA THR A 381 49.22 -10.86 -33.42
C THR A 381 48.49 -9.78 -32.65
N THR A 382 48.69 -8.53 -33.08
CA THR A 382 48.03 -7.39 -32.46
C THR A 382 46.53 -7.39 -32.72
N ALA A 383 46.06 -8.13 -33.72
CA ALA A 383 44.64 -8.20 -33.96
C ALA A 383 43.86 -8.64 -32.73
N ILE A 384 44.49 -9.35 -31.78
CA ILE A 384 43.75 -9.81 -30.61
C ILE A 384 43.34 -8.65 -29.71
N ALA A 385 43.97 -7.48 -29.89
CA ALA A 385 43.54 -6.32 -29.11
C ALA A 385 42.08 -5.98 -29.37
N GLU A 386 41.51 -6.44 -30.48
CA GLU A 386 40.08 -6.23 -30.74
C GLU A 386 39.24 -6.77 -29.60
N ALA A 387 39.62 -7.92 -29.05
CA ALA A 387 38.83 -8.48 -27.96
C ALA A 387 38.95 -7.64 -26.70
N TRP A 388 40.10 -7.00 -26.48
CA TRP A 388 40.23 -6.12 -25.32
C TRP A 388 39.41 -4.86 -25.49
N ALA A 389 39.37 -4.31 -26.72
CA ALA A 389 38.58 -3.10 -26.97
C ALA A 389 37.10 -3.36 -26.76
N ARG A 390 36.58 -4.47 -27.30
CA ARG A 390 35.19 -4.86 -27.05
C ARG A 390 34.90 -4.92 -25.56
N LEU A 391 35.76 -5.63 -24.82
CA LEU A 391 35.53 -5.83 -23.39
C LEU A 391 35.59 -4.51 -22.64
N ASP A 392 36.57 -3.66 -22.95
CA ASP A 392 36.72 -2.39 -22.26
C ASP A 392 35.52 -1.48 -22.49
N HIS A 393 34.92 -1.54 -23.68
CA HIS A 393 33.77 -0.69 -23.96
C HIS A 393 32.57 -1.07 -23.10
N LYS A 394 32.28 -2.36 -23.01
CA LYS A 394 31.17 -2.80 -22.17
C LYS A 394 31.40 -2.39 -20.73
N PHE A 395 32.63 -2.56 -20.24
CA PHE A 395 32.99 -2.08 -18.92
C PHE A 395 32.64 -0.60 -18.77
N ASP A 396 33.05 0.23 -19.72
CA ASP A 396 32.87 1.67 -19.58
C ASP A 396 31.40 2.05 -19.50
N LEU A 397 30.56 1.40 -20.30
CA LEU A 397 29.14 1.72 -20.31
C LEU A 397 28.52 1.55 -18.93
N MET A 398 28.76 0.41 -18.29
CA MET A 398 28.22 0.18 -16.96
C MET A 398 28.91 1.06 -15.92
N TYR A 399 30.25 1.15 -16.00
CA TYR A 399 30.98 1.83 -14.95
C TYR A 399 30.64 3.32 -14.88
N ALA A 400 30.34 3.94 -16.03
CA ALA A 400 29.99 5.36 -16.04
C ALA A 400 28.79 5.66 -15.15
N LYS A 401 27.93 4.68 -14.89
CA LYS A 401 26.80 4.85 -13.98
C LYS A 401 27.04 4.20 -12.62
N ARG A 402 28.18 3.53 -12.43
CA ARG A 402 28.45 2.82 -11.18
C ARG A 402 27.45 1.69 -10.96
N ALA A 403 26.92 1.15 -12.05
CA ALA A 403 25.97 0.04 -11.99
C ALA A 403 26.63 -1.20 -11.40
N PHE A 404 25.92 -1.85 -10.47
CA PHE A 404 26.37 -3.11 -9.87
C PHE A 404 27.56 -2.92 -8.96
N VAL A 405 28.12 -1.70 -8.94
CA VAL A 405 29.36 -1.45 -8.21
C VAL A 405 29.18 -1.78 -6.72
N HIS A 406 28.00 -1.51 -6.16
CA HIS A 406 27.81 -1.71 -4.73
C HIS A 406 27.99 -3.17 -4.32
N TRP A 407 27.76 -4.13 -5.23
CA TRP A 407 27.93 -5.53 -4.86
C TRP A 407 29.38 -5.86 -4.57
N TYR A 408 30.32 -5.24 -5.31
CA TYR A 408 31.73 -5.47 -5.05
C TYR A 408 32.20 -4.68 -3.84
N VAL A 409 31.76 -3.44 -3.70
CA VAL A 409 32.15 -2.65 -2.54
C VAL A 409 31.68 -3.33 -1.25
N GLY A 410 30.47 -3.90 -1.28
CA GLY A 410 29.95 -4.55 -0.09
C GLY A 410 30.68 -5.81 0.31
N GLU A 411 31.50 -6.36 -0.58
CA GLU A 411 32.34 -7.49 -0.23
C GLU A 411 33.72 -7.06 0.28
N GLY A 412 33.96 -5.76 0.42
CA GLY A 412 35.19 -5.26 0.99
C GLY A 412 36.24 -4.80 -0.02
N MET A 413 35.98 -4.95 -1.30
CA MET A 413 36.80 -4.32 -2.32
C MET A 413 36.53 -2.81 -2.32
N GLU A 414 37.55 -2.02 -2.63
CA GLU A 414 37.32 -0.59 -2.71
C GLU A 414 37.09 -0.17 -4.15
N GLU A 415 36.24 0.85 -4.33
CA GLU A 415 35.88 1.27 -5.68
C GLU A 415 37.12 1.57 -6.51
N GLY A 416 38.21 2.00 -5.86
CA GLY A 416 39.41 2.35 -6.61
C GLY A 416 39.96 1.21 -7.43
N GLU A 417 39.78 -0.02 -6.96
CA GLU A 417 40.31 -1.16 -7.71
C GLU A 417 39.75 -1.19 -9.12
N PHE A 418 38.49 -0.81 -9.30
CA PHE A 418 37.90 -0.73 -10.64
C PHE A 418 38.73 0.15 -11.56
N SER A 419 38.91 1.42 -11.20
CA SER A 419 39.57 2.34 -12.12
C SER A 419 41.05 2.02 -12.27
N GLU A 420 41.66 1.41 -11.26
CA GLU A 420 43.03 0.93 -11.41
C GLU A 420 43.10 -0.18 -12.45
N ALA A 421 42.18 -1.14 -12.41
CA ALA A 421 42.14 -2.18 -13.43
C ALA A 421 41.85 -1.59 -14.81
N ARG A 422 40.92 -0.65 -14.88
CA ARG A 422 40.56 -0.07 -16.18
C ARG A 422 41.73 0.70 -16.78
N GLU A 423 42.50 1.40 -15.95
CA GLU A 423 43.65 2.13 -16.46
C GLU A 423 44.71 1.16 -17.00
N ASP A 424 44.90 0.03 -16.32
CA ASP A 424 45.78 -1.02 -16.83
C ASP A 424 45.34 -1.49 -18.20
N MET A 425 44.04 -1.74 -18.38
CA MET A 425 43.54 -2.15 -19.68
C MET A 425 43.76 -1.07 -20.72
N ALA A 426 43.57 0.19 -20.35
CA ALA A 426 43.92 1.29 -21.25
C ALA A 426 45.37 1.19 -21.67
N ALA A 427 46.26 0.84 -20.73
CA ALA A 427 47.67 0.71 -21.03
C ALA A 427 47.93 -0.48 -21.94
N LEU A 428 47.27 -1.61 -21.65
CA LEU A 428 47.40 -2.77 -22.51
C LEU A 428 46.95 -2.46 -23.94
N GLU A 429 45.95 -1.61 -24.09
CA GLU A 429 45.51 -1.24 -25.44
C GLU A 429 46.51 -0.32 -26.11
N LYS A 430 47.13 0.58 -25.34
CA LYS A 430 48.19 1.41 -25.89
C LYS A 430 49.39 0.57 -26.31
N ASP A 431 49.69 -0.49 -25.55
CA ASP A 431 50.80 -1.37 -25.89
C ASP A 431 50.59 -2.01 -27.25
N TYR A 432 49.43 -2.62 -27.46
CA TYR A 432 49.13 -3.24 -28.74
C TYR A 432 49.19 -2.21 -29.87
N GLU A 433 48.63 -1.02 -29.64
CA GLU A 433 48.62 -0.01 -30.69
C GLU A 433 50.02 0.41 -31.08
N GLU A 434 50.92 0.48 -30.10
CA GLU A 434 52.29 0.97 -30.41
C GLU A 434 53.06 -0.10 -31.19
N VAL A 435 52.91 -1.36 -30.80
CA VAL A 435 53.72 -2.46 -31.43
C VAL A 435 53.33 -2.62 -32.90
N GLY A 436 52.08 -2.38 -33.26
CA GLY A 436 51.65 -2.67 -34.64
C GLY A 436 51.04 -1.48 -35.36
N VAL A 437 51.70 -0.33 -35.35
CA VAL A 437 51.21 0.85 -36.12
C VAL A 437 52.40 1.49 -36.82
N ASP A 438 52.16 2.35 -37.81
CA ASP A 438 53.27 2.95 -38.58
C ASP A 438 52.85 4.32 -39.13
N SER A 439 52.35 5.21 -38.27
CA SER A 439 51.91 6.53 -38.71
C SER A 439 51.48 7.37 -37.51
N ARG B 1 21.24 -23.11 -1.16
CA ARG B 1 20.47 -24.37 -1.19
C ARG B 1 19.12 -24.18 -0.47
N GLU B 2 19.10 -24.23 0.86
CA GLU B 2 17.85 -24.20 1.59
C GLU B 2 17.26 -22.79 1.71
N ILE B 3 15.95 -22.70 1.56
CA ILE B 3 15.20 -21.46 1.71
C ILE B 3 14.15 -21.65 2.80
N VAL B 4 14.07 -20.69 3.72
CA VAL B 4 13.05 -20.67 4.76
C VAL B 4 11.95 -19.71 4.33
N HIS B 5 10.70 -20.16 4.42
CA HIS B 5 9.56 -19.43 3.90
C HIS B 5 8.65 -19.00 5.05
N ILE B 6 8.20 -17.74 5.00
CA ILE B 6 7.35 -17.17 6.03
C ILE B 6 6.14 -16.52 5.37
N GLN B 7 4.94 -16.82 5.86
CA GLN B 7 3.72 -16.17 5.40
C GLN B 7 3.00 -15.56 6.60
N ALA B 8 2.62 -14.29 6.46
CA ALA B 8 2.11 -13.50 7.57
C ALA B 8 0.81 -12.81 7.16
N GLY B 9 -0.19 -12.85 8.06
CA GLY B 9 -1.45 -12.18 7.83
C GLY B 9 -2.38 -12.97 6.92
N GLN B 10 -3.55 -12.38 6.65
CA GLN B 10 -4.55 -13.09 5.86
C GLN B 10 -4.09 -13.30 4.43
N CYS B 11 -3.72 -12.22 3.74
CA CYS B 11 -3.29 -12.33 2.36
C CYS B 11 -2.05 -13.22 2.23
N GLY B 12 -1.04 -12.98 3.08
CA GLY B 12 0.18 -13.76 3.00
C GLY B 12 -0.08 -15.24 3.22
N ASN B 13 -0.94 -15.58 4.17
CA ASN B 13 -1.24 -17.00 4.40
C ASN B 13 -2.09 -17.57 3.27
N GLN B 14 -2.94 -16.75 2.67
CA GLN B 14 -3.76 -17.19 1.56
C GLN B 14 -2.92 -17.56 0.35
N ILE B 15 -2.08 -16.63 -0.11
CA ILE B 15 -1.26 -16.92 -1.27
C ILE B 15 -0.12 -17.88 -0.92
N GLY B 16 0.39 -17.80 0.32
CA GLY B 16 1.40 -18.76 0.74
C GLY B 16 0.91 -20.19 0.66
N ALA B 17 -0.34 -20.42 1.04
CA ALA B 17 -0.91 -21.77 0.99
C ALA B 17 -1.08 -22.25 -0.46
N LYS B 18 -1.63 -21.40 -1.33
CA LYS B 18 -1.74 -21.79 -2.73
C LYS B 18 -0.38 -22.07 -3.34
N PHE B 19 0.65 -21.33 -2.92
CA PHE B 19 1.99 -21.57 -3.44
C PHE B 19 2.45 -22.99 -3.10
N TRP B 20 2.36 -23.38 -1.82
CA TRP B 20 2.75 -24.73 -1.44
C TRP B 20 1.88 -25.77 -2.12
N GLU B 21 0.59 -25.49 -2.24
CA GLU B 21 -0.30 -26.37 -2.98
C GLU B 21 0.22 -26.64 -4.38
N VAL B 22 0.60 -25.56 -5.08
CA VAL B 22 0.95 -25.69 -6.51
C VAL B 22 2.30 -26.36 -6.68
N ILE B 23 3.33 -25.93 -5.94
CA ILE B 23 4.64 -26.53 -6.15
C ILE B 23 4.69 -27.93 -5.58
N SER B 24 3.87 -28.23 -4.55
CA SER B 24 3.76 -29.60 -4.07
C SER B 24 3.26 -30.52 -5.18
N ASP B 25 2.28 -30.07 -5.96
CA ASP B 25 1.80 -30.85 -7.09
C ASP B 25 2.90 -31.02 -8.13
N GLU B 26 3.68 -29.97 -8.39
CA GLU B 26 4.75 -30.08 -9.38
C GLU B 26 5.81 -31.08 -8.97
N HIS B 27 6.19 -31.09 -7.69
CA HIS B 27 7.21 -32.00 -7.20
C HIS B 27 6.67 -33.38 -6.84
N GLY B 28 5.39 -33.65 -7.13
CA GLY B 28 4.84 -34.96 -6.89
C GLY B 28 4.59 -35.29 -5.43
N ILE B 29 4.39 -34.28 -4.59
CA ILE B 29 4.06 -34.49 -3.18
C ILE B 29 2.55 -34.48 -3.03
N ASP B 30 2.02 -35.48 -2.31
CA ASP B 30 0.60 -35.51 -2.01
C ASP B 30 0.32 -34.82 -0.69
N PRO B 31 -0.95 -34.58 -0.37
CA PRO B 31 -1.27 -33.72 0.79
C PRO B 31 -0.78 -34.26 2.12
N THR B 32 -0.38 -35.54 2.19
CA THR B 32 0.20 -36.11 3.41
C THR B 32 1.72 -36.12 3.38
N GLY B 33 2.34 -35.43 2.43
CA GLY B 33 3.78 -35.31 2.37
C GLY B 33 4.54 -36.51 1.81
N SER B 34 3.83 -37.48 1.22
CA SER B 34 4.46 -38.62 0.56
C SER B 34 4.75 -38.30 -0.90
N TYR B 35 5.85 -38.85 -1.40
CA TYR B 35 6.28 -38.62 -2.78
C TYR B 35 5.63 -39.64 -3.69
N HIS B 36 4.89 -39.17 -4.69
CA HIS B 36 4.21 -40.04 -5.64
C HIS B 36 4.52 -39.63 -7.08
N GLY B 37 5.76 -39.21 -7.32
CA GLY B 37 6.17 -38.67 -8.60
C GLY B 37 6.84 -39.69 -9.50
N ASP B 38 6.93 -39.34 -10.78
CA ASP B 38 7.62 -40.21 -11.75
C ASP B 38 9.06 -39.75 -11.90
N SER B 39 9.29 -38.66 -12.62
CA SER B 39 10.66 -38.15 -12.85
C SER B 39 11.38 -37.91 -11.53
N ASP B 40 12.70 -38.06 -11.52
CA ASP B 40 13.50 -37.78 -10.30
C ASP B 40 14.11 -36.40 -10.47
N LEU B 41 13.81 -35.76 -11.60
CA LEU B 41 14.38 -34.41 -11.89
C LEU B 41 14.16 -33.50 -10.68
N GLN B 42 11.84 -34.53 -9.91
CA GLN B 42 11.05 -33.72 -8.95
C GLN B 42 11.76 -33.72 -7.59
N LEU B 43 12.82 -34.52 -7.45
CA LEU B 43 13.45 -34.65 -6.11
C LEU B 43 14.89 -34.12 -6.16
N GLU B 44 15.39 -33.80 -7.35
CA GLU B 44 16.75 -33.27 -7.48
C GLU B 44 16.99 -32.13 -6.49
N ARG B 45 16.07 -31.16 -6.45
CA ARG B 45 16.24 -29.97 -5.61
C ARG B 45 15.12 -29.82 -4.59
N ILE B 46 14.49 -30.93 -4.21
CA ILE B 46 13.34 -30.87 -3.30
C ILE B 46 13.73 -30.27 -1.96
N ASN B 47 15.01 -30.40 -1.58
CA ASN B 47 15.44 -29.89 -0.27
C ASN B 47 15.50 -28.38 -0.21
N VAL B 48 15.39 -27.69 -1.35
CA VAL B 48 15.40 -26.24 -1.35
C VAL B 48 14.24 -25.71 -0.53
N TYR B 49 13.06 -26.29 -0.70
CA TYR B 49 11.84 -25.84 -0.03
C TYR B 49 11.28 -26.84 0.98
N TYR B 50 11.74 -28.09 0.98
CA TYR B 50 11.18 -29.12 1.86
C TYR B 50 12.25 -29.70 2.76
N ASN B 51 11.86 -29.97 4.00
CA ASN B 51 12.67 -30.75 4.93
C ASN B 51 12.28 -32.21 4.81
N GLU B 52 13.27 -33.09 4.88
CA GLU B 52 13.03 -34.52 4.77
C GLU B 52 12.83 -35.09 6.18
N ALA B 53 11.61 -35.54 6.46
CA ALA B 53 11.29 -36.14 7.74
C ALA B 53 11.45 -37.65 7.66
N THR B 54 11.43 -38.29 8.84
CA THR B 54 11.53 -39.74 8.89
C THR B 54 10.40 -40.39 8.11
N GLY B 55 10.73 -41.43 7.35
CA GLY B 55 9.74 -42.16 6.59
C GLY B 55 9.43 -41.62 5.22
N ASN B 56 10.42 -41.05 4.52
CA ASN B 56 10.24 -40.55 3.16
C ASN B 56 9.10 -39.53 3.10
N LYS B 57 8.98 -38.71 4.14
CA LYS B 57 7.99 -37.65 4.20
C LYS B 57 8.69 -36.31 4.03
N TYR B 58 8.22 -35.51 3.07
CA TYR B 58 8.73 -34.17 2.85
C TYR B 58 7.73 -33.17 3.41
N VAL B 59 8.22 -32.26 4.25
CA VAL B 59 7.39 -31.28 4.92
C VAL B 59 7.90 -29.89 4.54
N PRO B 60 7.02 -28.97 4.14
CA PRO B 60 7.49 -27.64 3.72
C PRO B 60 8.24 -26.92 4.83
N ARG B 61 9.33 -26.26 4.45
CA ARG B 61 10.09 -25.41 5.36
C ARG B 61 9.39 -24.05 5.46
N ALA B 62 8.19 -24.08 6.04
CA ALA B 62 7.29 -22.95 6.07
C ALA B 62 6.92 -22.57 7.50
N ILE B 63 6.84 -21.27 7.76
CA ILE B 63 6.41 -20.73 9.04
C ILE B 63 5.18 -19.88 8.79
N LEU B 64 4.09 -20.17 9.52
CA LEU B 64 2.80 -19.53 9.34
C LEU B 64 2.52 -18.61 10.53
N VAL B 65 2.35 -17.32 10.26
CA VAL B 65 2.20 -16.30 11.29
C VAL B 65 0.92 -15.51 11.06
N ASP B 66 0.22 -15.20 12.15
CA ASP B 66 -0.94 -14.32 12.06
C ASP B 66 -1.31 -13.88 13.47
N LEU B 67 -1.90 -12.69 13.56
CA LEU B 67 -2.34 -12.15 14.84
C LEU B 67 -3.76 -12.54 15.19
N GLU B 68 -4.40 -13.38 14.37
CA GLU B 68 -5.73 -13.86 14.67
C GLU B 68 -5.87 -15.29 14.16
N PRO B 69 -6.72 -16.10 14.78
CA PRO B 69 -6.71 -17.55 14.50
C PRO B 69 -7.45 -17.92 13.22
N GLY B 70 -8.46 -17.14 12.86
CA GLY B 70 -9.29 -17.39 11.69
C GLY B 70 -8.62 -18.04 10.49
N THR B 71 -7.59 -17.39 9.94
CA THR B 71 -6.93 -17.96 8.76
C THR B 71 -6.13 -19.20 9.12
N MET B 72 -5.65 -19.29 10.36
CA MET B 72 -4.94 -20.50 10.78
C MET B 72 -5.81 -21.73 10.61
N ASP B 73 -7.04 -21.66 11.10
CA ASP B 73 -7.97 -22.80 10.95
C ASP B 73 -8.23 -23.00 9.45
N SER B 74 -8.47 -21.91 8.73
CA SER B 74 -8.77 -22.02 7.30
C SER B 74 -7.71 -22.82 6.57
N VAL B 75 -6.45 -22.41 6.69
CA VAL B 75 -5.36 -23.14 6.04
C VAL B 75 -5.32 -24.58 6.55
N ARG B 76 -5.40 -24.75 7.87
CA ARG B 76 -5.22 -26.06 8.48
C ARG B 76 -6.31 -27.04 8.08
N SER B 77 -7.45 -26.55 7.60
CA SER B 77 -8.57 -27.40 7.21
C SER B 77 -8.74 -27.48 5.69
N GLY B 78 -7.72 -27.09 4.93
CA GLY B 78 -7.83 -27.03 3.50
C GLY B 78 -7.00 -28.07 2.78
N PRO B 79 -7.00 -28.03 1.45
CA PRO B 79 -6.16 -28.95 0.68
C PRO B 79 -4.69 -28.68 0.92
N PHE B 80 -3.96 -29.73 1.32
CA PHE B 80 -2.55 -29.62 1.68
C PHE B 80 -2.34 -28.93 3.03
N GLY B 81 -3.40 -28.81 3.83
CA GLY B 81 -3.25 -28.19 5.14
C GLY B 81 -2.57 -29.09 6.16
N GLN B 82 -2.75 -30.41 6.02
CA GLN B 82 -2.09 -31.37 6.90
C GLN B 82 -0.58 -31.49 6.64
N ILE B 83 -0.09 -30.97 5.52
CA ILE B 83 1.32 -31.15 5.17
C ILE B 83 2.25 -30.32 6.05
N PHE B 84 1.75 -29.24 6.65
CA PHE B 84 2.60 -28.30 7.36
C PHE B 84 3.00 -28.83 8.75
N ARG B 85 4.20 -28.46 9.16
CA ARG B 85 4.67 -28.81 10.49
C ARG B 85 3.79 -28.13 11.54
N PRO B 86 3.23 -28.87 12.50
CA PRO B 86 2.30 -28.23 13.45
C PRO B 86 2.97 -27.26 14.40
N ASP B 87 4.26 -27.43 14.70
CA ASP B 87 4.96 -26.44 15.52
C ASP B 87 5.06 -25.09 14.84
N ASN B 88 5.00 -25.05 13.51
CA ASN B 88 5.27 -23.84 12.75
C ASN B 88 4.05 -22.97 12.58
N PHE B 89 2.99 -23.20 13.35
CA PHE B 89 1.86 -22.28 13.43
C PHE B 89 2.08 -21.38 14.64
N VAL B 90 2.16 -20.07 14.39
CA VAL B 90 2.33 -19.08 15.44
C VAL B 90 1.27 -18.01 15.21
N PHE B 91 0.24 -17.99 16.07
CA PHE B 91 -0.82 -17.02 15.92
C PHE B 91 -1.19 -16.45 17.28
N GLY B 92 -1.85 -15.28 17.24
CA GLY B 92 -2.42 -14.66 18.40
C GLY B 92 -3.93 -14.65 18.37
N GLN B 93 -4.52 -13.80 19.21
CA GLN B 93 -5.97 -13.68 19.26
C GLN B 93 -6.47 -12.26 19.06
N SER B 94 -5.63 -11.25 19.22
CA SER B 94 -6.12 -9.87 19.23
C SER B 94 -6.50 -9.40 17.82
N GLY B 95 -5.77 -9.82 16.79
CA GLY B 95 -5.93 -9.25 15.46
C GLY B 95 -5.27 -7.89 15.41
N ALA B 96 -5.08 -7.40 14.15
CA ALA B 96 -4.37 -6.13 13.98
C ALA B 96 -5.28 -5.00 13.49
N GLY B 97 -6.53 -5.30 13.18
CA GLY B 97 -7.49 -4.27 12.77
C GLY B 97 -7.09 -3.48 11.55
N ASN B 98 -6.38 -4.11 10.61
CA ASN B 98 -5.83 -3.42 9.43
C ASN B 98 -5.03 -2.18 9.84
N ASN B 99 -4.34 -2.28 10.97
CA ASN B 99 -3.58 -1.16 11.51
C ASN B 99 -2.09 -1.51 11.57
N TRP B 100 -1.30 -0.88 10.70
CA TRP B 100 0.14 -1.11 10.66
C TRP B 100 0.80 -0.95 12.01
N ALA B 101 0.37 0.04 12.81
CA ALA B 101 1.01 0.26 14.10
C ALA B 101 0.79 -0.92 15.04
N LYS B 102 -0.40 -1.54 15.00
CA LYS B 102 -0.65 -2.71 15.83
C LYS B 102 0.22 -3.89 15.41
N GLY B 103 0.35 -4.12 14.10
CA GLY B 103 1.19 -5.21 13.65
C GLY B 103 2.66 -4.99 13.95
N HIS B 104 3.14 -3.76 13.77
CA HIS B 104 4.57 -3.49 13.84
C HIS B 104 5.05 -3.19 15.25
N TYR B 105 4.28 -2.47 16.05
CA TYR B 105 4.82 -1.99 17.34
C TYR B 105 4.11 -2.50 18.60
N THR B 106 2.80 -2.66 18.58
CA THR B 106 2.06 -2.98 19.83
C THR B 106 1.73 -4.48 19.96
N GLU B 107 0.73 -4.97 19.21
CA GLU B 107 0.28 -6.37 19.38
C GLU B 107 1.35 -7.34 18.87
N GLY B 108 1.95 -7.06 17.72
CA GLY B 108 2.94 -7.97 17.14
C GLY B 108 4.18 -8.07 17.99
N ALA B 109 4.42 -7.05 18.81
CA ALA B 109 5.60 -7.07 19.66
C ALA B 109 5.63 -8.31 20.54
N GLU B 110 4.48 -8.78 20.98
CA GLU B 110 4.42 -9.93 21.93
C GLU B 110 4.65 -11.26 21.22
N LEU B 111 4.12 -11.40 20.00
CA LEU B 111 4.22 -12.66 19.27
C LEU B 111 5.56 -12.81 18.54
N VAL B 112 6.29 -11.72 18.34
CA VAL B 112 7.39 -11.73 17.39
C VAL B 112 8.48 -12.73 17.83
N ASP B 113 8.78 -12.78 19.12
CA ASP B 113 9.85 -13.67 19.58
C ASP B 113 9.51 -15.14 19.36
N SER B 114 8.23 -15.50 19.48
CA SER B 114 7.82 -16.87 19.18
C SER B 114 8.12 -17.24 17.73
N VAL B 115 7.91 -16.29 16.82
CA VAL B 115 8.22 -16.56 15.42
C VAL B 115 9.71 -16.72 15.24
N LEU B 116 10.51 -15.84 15.85
CA LEU B 116 11.96 -15.93 15.69
C LEU B 116 12.49 -17.27 16.17
N ASP B 117 11.82 -17.87 17.16
CA ASP B 117 12.24 -19.17 17.66
C ASP B 117 12.05 -20.27 16.61
N VAL B 118 10.91 -20.26 15.93
CA VAL B 118 10.68 -21.22 14.86
C VAL B 118 11.60 -20.94 13.68
N VAL B 119 11.72 -19.66 13.28
CA VAL B 119 12.69 -19.28 12.27
C VAL B 119 14.06 -19.84 12.63
N ARG B 120 14.48 -19.64 13.87
CA ARG B 120 15.84 -20.08 14.27
C ARG B 120 15.92 -21.61 14.17
N LYS B 121 14.85 -22.30 14.57
CA LYS B 121 14.92 -23.76 14.57
C LYS B 121 15.03 -24.31 13.15
N GLU B 122 14.36 -23.67 12.18
CA GLU B 122 14.45 -24.14 10.80
C GLU B 122 15.81 -23.81 10.19
N SER B 123 16.34 -22.63 10.46
CA SER B 123 17.62 -22.23 9.88
C SER B 123 18.75 -23.18 10.30
N GLU B 124 18.73 -23.63 11.55
CA GLU B 124 19.77 -24.54 12.01
C GLU B 124 19.65 -25.93 11.41
N SER B 125 18.48 -26.29 10.90
CA SER B 125 18.29 -27.56 10.21
C SER B 125 18.72 -27.52 8.75
N CYS B 126 19.34 -26.44 8.31
CA CYS B 126 19.70 -26.26 6.91
C CYS B 126 21.18 -26.55 6.72
N ASP B 127 21.49 -27.25 5.63
CA ASP B 127 22.88 -27.52 5.28
C ASP B 127 23.63 -26.23 4.99
N CYS B 128 23.08 -25.40 4.11
CA CYS B 128 23.65 -24.09 3.81
C CYS B 128 22.49 -23.18 3.41
N LEU B 129 21.94 -22.48 4.40
CA LEU B 129 20.77 -21.64 4.16
C LEU B 129 21.15 -20.47 3.25
N GLN B 130 20.42 -20.29 2.16
CA GLN B 130 20.69 -19.17 1.28
C GLN B 130 19.84 -17.95 1.60
N GLY B 131 18.63 -18.12 2.12
CA GLY B 131 17.88 -16.98 2.58
C GLY B 131 16.40 -17.26 2.78
N PHE B 132 15.65 -16.17 2.89
CA PHE B 132 14.26 -16.17 3.35
C PHE B 132 13.34 -15.64 2.27
N GLN B 133 12.10 -16.10 2.29
CA GLN B 133 11.06 -15.53 1.43
C GLN B 133 9.80 -15.32 2.24
N LEU B 134 9.18 -14.16 2.05
CA LEU B 134 8.01 -13.73 2.80
C LEU B 134 6.88 -13.39 1.84
N THR B 135 5.68 -13.90 2.14
CA THR B 135 4.45 -13.50 1.47
C THR B 135 3.60 -12.71 2.46
N HIS B 136 3.08 -11.58 2.01
CA HIS B 136 2.26 -10.68 2.81
C HIS B 136 1.64 -9.64 1.89
N SER B 137 0.60 -8.98 2.38
CA SER B 137 0.11 -7.77 1.74
C SER B 137 0.66 -6.55 2.48
N LEU B 138 0.63 -5.41 1.79
CA LEU B 138 1.04 -4.15 2.39
C LEU B 138 -0.13 -3.31 2.88
N GLY B 139 -1.37 -3.69 2.56
CA GLY B 139 -2.51 -2.86 2.86
C GLY B 139 -3.15 -3.11 4.21
N GLY B 140 -2.87 -4.28 4.81
CA GLY B 140 -3.45 -4.66 6.08
C GLY B 140 -2.63 -4.27 7.29
N GLY B 141 -2.77 -5.05 8.36
CA GLY B 141 -2.05 -4.76 9.59
C GLY B 141 -0.99 -5.78 9.93
N THR B 142 -1.32 -7.07 9.81
CA THR B 142 -0.38 -8.10 10.23
C THR B 142 0.74 -8.30 9.22
N GLY B 143 0.38 -8.65 7.98
CA GLY B 143 1.40 -8.89 6.97
C GLY B 143 2.26 -7.67 6.70
N SER B 144 1.63 -6.49 6.71
CA SER B 144 2.34 -5.23 6.48
C SER B 144 3.15 -4.81 7.71
N GLY B 145 2.47 -4.62 8.84
CA GLY B 145 3.16 -4.13 10.03
C GLY B 145 4.02 -5.19 10.69
N MET B 146 3.48 -6.39 10.91
CA MET B 146 4.28 -7.41 11.56
C MET B 146 5.22 -8.10 10.58
N GLY B 147 4.82 -8.24 9.32
CA GLY B 147 5.73 -8.80 8.33
C GLY B 147 7.02 -8.01 8.21
N THR B 148 6.92 -6.68 8.19
CA THR B 148 8.14 -5.87 8.11
C THR B 148 8.92 -5.90 9.42
N LEU B 149 8.23 -6.00 10.56
CA LEU B 149 8.93 -6.20 11.82
C LEU B 149 9.74 -7.49 11.79
N LEU B 150 9.16 -8.55 11.20
CA LEU B 150 9.88 -9.81 11.08
C LEU B 150 11.11 -9.65 10.20
N ILE B 151 10.96 -9.01 9.04
CA ILE B 151 12.10 -8.79 8.15
C ILE B 151 13.23 -8.10 8.92
N SER B 152 12.90 -7.07 9.69
CA SER B 152 13.92 -6.31 10.40
C SER B 152 14.65 -7.16 11.42
N LYS B 153 13.90 -7.95 12.19
CA LYS B 153 14.52 -8.83 13.19
C LYS B 153 15.34 -9.93 12.53
N ILE B 154 14.82 -10.51 11.45
CA ILE B 154 15.55 -11.59 10.78
C ILE B 154 16.84 -11.08 10.17
N ARG B 155 16.79 -9.88 9.56
CA ARG B 155 18.01 -9.33 9.00
C ARG B 155 19.07 -9.12 10.08
N GLU B 156 18.65 -8.79 11.30
CA GLU B 156 19.62 -8.53 12.36
C GLU B 156 20.28 -9.81 12.85
N GLU B 157 19.64 -10.96 12.68
CA GLU B 157 20.24 -12.25 13.11
C GLU B 157 20.98 -12.92 11.95
N TYR B 158 20.58 -12.64 10.72
CA TYR B 158 21.20 -13.24 9.53
C TYR B 158 21.55 -12.12 8.58
N PRO B 159 22.50 -11.25 8.95
CA PRO B 159 22.74 -10.04 8.15
C PRO B 159 23.24 -10.29 6.74
N ASP B 160 23.73 -11.48 6.40
CA ASP B 160 24.27 -11.72 5.07
C ASP B 160 23.46 -12.70 4.24
N ARG B 161 22.31 -13.14 4.71
CA ARG B 161 21.45 -13.97 3.88
C ARG B 161 20.55 -13.11 3.01
N ILE B 162 20.05 -13.70 1.93
CA ILE B 162 19.22 -12.96 0.99
C ILE B 162 17.81 -12.89 1.54
N MET B 163 17.20 -11.72 1.45
CA MET B 163 15.86 -11.48 1.96
C MET B 163 14.95 -11.10 0.80
N ASN B 164 13.92 -11.92 0.56
CA ASN B 164 13.10 -11.82 -0.63
C ASN B 164 11.64 -11.90 -0.25
N THR B 165 10.82 -10.98 -0.76
CA THR B 165 9.40 -10.90 -0.41
C THR B 165 8.53 -10.86 -1.66
N PHE B 166 7.39 -11.55 -1.58
CA PHE B 166 6.29 -11.37 -2.52
C PHE B 166 5.27 -10.46 -1.85
N SER B 167 5.17 -9.22 -2.31
CA SER B 167 4.43 -8.18 -1.61
C SER B 167 3.26 -7.71 -2.46
N VAL B 168 2.04 -7.83 -1.93
CA VAL B 168 0.80 -7.48 -2.62
C VAL B 168 0.45 -6.02 -2.30
N MET B 169 0.46 -5.12 -3.35
CA MET B 169 0.08 -3.73 -3.10
C MET B 169 -1.44 -3.57 -3.14
N PRO B 170 -1.97 -2.65 -2.33
CA PRO B 170 -3.41 -2.45 -2.27
C PRO B 170 -3.94 -1.61 -3.41
N SER B 171 -5.21 -1.85 -3.77
CA SER B 171 -5.90 -1.08 -4.79
C SER B 171 -7.33 -0.77 -4.38
N PRO B 172 -7.79 0.47 -4.59
CA PRO B 172 -9.21 0.78 -4.36
C PRO B 172 -10.14 -0.01 -5.25
N LYS B 173 -9.65 -0.60 -6.34
CA LYS B 173 -10.51 -1.42 -7.17
C LYS B 173 -10.88 -2.73 -6.47
N VAL B 174 -10.14 -3.13 -5.45
CA VAL B 174 -10.34 -4.45 -4.86
C VAL B 174 -10.81 -4.35 -3.42
N SER B 175 -10.41 -3.29 -2.72
CA SER B 175 -10.54 -3.21 -1.28
C SER B 175 -11.20 -1.90 -0.85
N ASP B 176 -11.88 -1.95 0.30
CA ASP B 176 -12.75 -0.90 0.82
C ASP B 176 -12.11 0.00 1.87
N THR B 177 -11.03 -0.45 2.48
CA THR B 177 -10.57 0.12 3.75
C THR B 177 -9.74 1.37 3.50
N VAL B 178 -10.15 2.48 4.12
CA VAL B 178 -9.58 3.77 3.74
C VAL B 178 -8.12 3.92 4.15
N VAL B 179 -7.62 3.15 5.13
CA VAL B 179 -6.29 3.46 5.65
C VAL B 179 -5.21 2.65 4.93
N GLU B 180 -5.57 1.95 3.85
CA GLU B 180 -4.57 1.10 3.20
C GLU B 180 -3.40 1.90 2.65
N PRO B 181 -3.56 3.06 2.03
CA PRO B 181 -2.37 3.82 1.60
C PRO B 181 -1.43 4.13 2.74
N TYR B 182 -1.97 4.30 3.96
CA TYR B 182 -1.12 4.50 5.13
C TYR B 182 -0.28 3.27 5.42
N ASN B 183 -0.92 2.09 5.44
CA ASN B 183 -0.17 0.88 5.74
C ASN B 183 0.86 0.59 4.65
N ALA B 184 0.50 0.79 3.38
CA ALA B 184 1.44 0.48 2.30
C ALA B 184 2.65 1.40 2.34
N THR B 185 2.44 2.69 2.59
CA THR B 185 3.56 3.63 2.56
C THR B 185 4.54 3.35 3.69
N LEU B 186 4.04 3.06 4.89
CA LEU B 186 4.94 2.66 5.97
C LEU B 186 5.71 1.39 5.60
N SER B 187 5.04 0.48 4.88
CA SER B 187 5.68 -0.78 4.53
C SER B 187 6.75 -0.61 3.46
N VAL B 188 6.45 0.17 2.40
CA VAL B 188 7.42 0.39 1.35
C VAL B 188 8.71 0.95 1.94
N HIS B 189 8.58 1.86 2.91
CA HIS B 189 9.74 2.41 3.58
C HIS B 189 10.61 1.31 4.16
N GLN B 190 10.01 0.36 4.85
CA GLN B 190 10.80 -0.74 5.45
C GLN B 190 11.41 -1.61 4.35
N LEU B 191 10.68 -1.82 3.25
CA LEU B 191 11.14 -2.76 2.19
C LEU B 191 12.37 -2.23 1.46
N VAL B 192 12.44 -0.93 1.21
CA VAL B 192 13.57 -0.33 0.45
C VAL B 192 14.87 -0.48 1.25
N GLU B 193 14.76 -0.63 2.56
CA GLU B 193 15.97 -0.64 3.41
C GLU B 193 16.33 -2.05 3.87
N ASN B 194 15.38 -2.97 3.86
CA ASN B 194 15.72 -4.26 4.48
C ASN B 194 15.47 -5.50 3.63
N THR B 195 15.05 -5.37 2.38
CA THR B 195 14.97 -6.54 1.51
C THR B 195 15.96 -6.40 0.36
N ASP B 196 16.33 -7.55 -0.21
CA ASP B 196 17.20 -7.58 -1.38
C ASP B 196 16.44 -7.66 -2.69
N GLU B 197 15.27 -8.30 -2.68
CA GLU B 197 14.47 -8.46 -3.88
C GLU B 197 13.01 -8.49 -3.44
N THR B 198 12.19 -7.71 -4.11
CA THR B 198 10.77 -7.65 -3.81
C THR B 198 9.99 -7.76 -5.10
N TYR B 199 9.15 -8.79 -5.20
CA TYR B 199 8.20 -8.88 -6.31
C TYR B 199 6.98 -8.03 -5.98
N CYS B 200 6.70 -7.05 -6.84
CA CYS B 200 5.55 -6.16 -6.67
C CYS B 200 4.35 -6.82 -7.33
N ILE B 201 3.48 -7.41 -6.53
CA ILE B 201 2.24 -8.00 -7.03
C ILE B 201 1.12 -7.03 -6.69
N ASP B 202 0.62 -6.35 -7.72
CA ASP B 202 -0.33 -5.26 -7.57
C ASP B 202 -1.75 -5.78 -7.74
N ASN B 203 -2.56 -5.65 -6.68
CA ASN B 203 -3.96 -6.03 -6.78
C ASN B 203 -4.69 -5.21 -7.84
N GLU B 204 -4.20 -4.01 -8.13
CA GLU B 204 -4.82 -3.23 -9.20
C GLU B 204 -4.59 -3.91 -10.55
N ALA B 205 -3.37 -4.43 -10.79
CA ALA B 205 -3.11 -5.13 -12.03
C ALA B 205 -3.84 -6.46 -12.07
N LEU B 206 -3.82 -7.21 -10.97
CA LEU B 206 -4.52 -8.49 -10.96
C LEU B 206 -5.99 -8.31 -11.27
N TYR B 207 -6.58 -7.21 -10.81
CA TYR B 207 -8.00 -6.97 -11.07
C TYR B 207 -8.26 -6.70 -12.54
N ASP B 208 -7.44 -5.83 -13.16
CA ASP B 208 -7.62 -5.54 -14.58
C ASP B 208 -7.48 -6.80 -15.43
N ILE B 209 -6.55 -7.68 -15.08
CA ILE B 209 -6.37 -8.92 -15.84
C ILE B 209 -7.62 -9.78 -15.74
N CYS B 210 -8.15 -9.94 -14.53
CA CYS B 210 -9.32 -10.78 -14.33
C CYS B 210 -10.56 -10.17 -14.96
N PHE B 211 -10.69 -8.85 -14.89
CA PHE B 211 -11.91 -8.19 -15.35
C PHE B 211 -11.86 -7.93 -16.84
N ARG B 212 -10.78 -7.31 -17.33
CA ARG B 212 -10.69 -6.97 -18.74
C ARG B 212 -10.24 -8.17 -19.57
N THR B 213 -9.06 -8.70 -19.27
CA THR B 213 -8.50 -9.77 -20.12
C THR B 213 -9.25 -11.08 -19.95
N LEU B 214 -9.48 -11.51 -18.71
CA LEU B 214 -10.10 -12.81 -18.51
C LEU B 214 -11.62 -12.74 -18.50
N LYS B 215 -12.21 -11.53 -18.51
CA LYS B 215 -13.65 -11.35 -18.61
C LYS B 215 -14.40 -11.89 -17.39
N LEU B 216 -13.73 -11.92 -16.24
CA LEU B 216 -14.36 -12.40 -15.00
C LEU B 216 -15.20 -11.29 -14.40
N THR B 217 -16.53 -11.41 -14.51
CA THR B 217 -17.42 -10.34 -14.08
C THR B 217 -17.53 -10.24 -12.57
N THR B 218 -17.26 -11.31 -11.83
CA THR B 218 -17.35 -11.33 -10.37
C THR B 218 -16.06 -11.91 -9.80
N PRO B 219 -14.95 -11.18 -9.92
CA PRO B 219 -13.66 -11.74 -9.49
C PRO B 219 -13.62 -11.98 -7.99
N THR B 220 -13.03 -13.11 -7.60
CA THR B 220 -12.81 -13.44 -6.20
C THR B 220 -11.32 -13.48 -5.91
N TYR B 221 -10.97 -13.48 -4.62
CA TYR B 221 -9.55 -13.62 -4.28
C TYR B 221 -8.98 -14.92 -4.82
N GLY B 222 -9.82 -15.96 -4.93
CA GLY B 222 -9.36 -17.21 -5.50
C GLY B 222 -8.87 -17.05 -6.93
N ASP B 223 -9.57 -16.22 -7.71
CA ASP B 223 -9.08 -15.92 -9.06
C ASP B 223 -7.75 -15.17 -9.00
N LEU B 224 -7.72 -14.06 -8.26
CA LEU B 224 -6.47 -13.30 -8.15
C LEU B 224 -5.33 -14.18 -7.67
N ASN B 225 -5.58 -14.98 -6.62
CA ASN B 225 -4.52 -15.77 -6.01
C ASN B 225 -4.04 -16.89 -6.90
N HIS B 226 -4.88 -17.35 -7.83
CA HIS B 226 -4.42 -18.39 -8.74
C HIS B 226 -3.48 -17.80 -9.79
N LEU B 227 -3.61 -16.51 -10.10
CA LEU B 227 -2.59 -15.81 -10.88
C LEU B 227 -1.29 -15.67 -10.10
N VAL B 228 -1.38 -15.41 -8.79
CA VAL B 228 -0.18 -15.20 -8.00
C VAL B 228 0.60 -16.50 -7.85
N SER B 229 -0.10 -17.60 -7.60
CA SER B 229 0.60 -18.87 -7.42
C SER B 229 1.27 -19.31 -8.72
N ALA B 230 0.60 -19.11 -9.85
CA ALA B 230 1.22 -19.42 -11.14
C ALA B 230 2.51 -18.62 -11.33
N THR B 231 2.47 -17.33 -11.02
CA THR B 231 3.66 -16.50 -11.16
C THR B 231 4.74 -16.88 -10.15
N MET B 232 4.33 -17.18 -8.91
CA MET B 232 5.32 -17.57 -7.90
C MET B 232 6.01 -18.88 -8.28
N SER B 233 5.25 -19.85 -8.79
CA SER B 233 5.88 -21.06 -9.30
C SER B 233 6.87 -20.74 -10.41
N GLY B 234 6.47 -19.86 -11.34
CA GLY B 234 7.34 -19.55 -12.47
C GLY B 234 8.65 -18.91 -12.06
N VAL B 235 8.60 -17.92 -11.15
CA VAL B 235 9.81 -17.21 -10.79
C VAL B 235 10.75 -18.06 -9.94
N THR B 236 10.27 -19.17 -9.36
CA THR B 236 11.11 -20.03 -8.55
C THR B 236 11.53 -21.31 -9.28
N THR B 237 11.16 -21.45 -10.55
CA THR B 237 11.50 -22.65 -11.30
C THR B 237 12.98 -22.99 -11.19
N CYS B 238 13.85 -22.01 -11.44
CA CYS B 238 15.28 -22.31 -11.49
C CYS B 238 15.88 -22.61 -10.14
N LEU B 239 15.12 -22.43 -9.06
CA LEU B 239 15.56 -22.91 -7.75
C LEU B 239 15.19 -24.37 -7.54
N ARG B 240 14.03 -24.79 -8.03
CA ARG B 240 13.45 -26.08 -7.68
C ARG B 240 13.75 -27.19 -8.69
N PHE B 241 14.29 -26.85 -9.86
CA PHE B 241 14.54 -27.81 -10.93
C PHE B 241 15.92 -27.56 -11.51
N PRO B 242 16.66 -28.61 -11.83
CA PRO B 242 18.00 -28.42 -12.40
C PRO B 242 17.91 -28.12 -13.89
N GLY B 243 19.01 -27.58 -14.42
CA GLY B 243 19.12 -27.45 -15.86
C GLY B 243 19.70 -26.15 -16.38
N GLN B 244 20.91 -26.22 -16.92
CA GLN B 244 21.50 -25.12 -17.70
C GLN B 244 21.80 -23.89 -16.85
N LEU B 245 21.19 -23.77 -15.68
CA LEU B 245 21.42 -22.65 -14.78
C LEU B 245 21.95 -23.15 -13.45
N ASN B 246 23.10 -22.63 -13.04
CA ASN B 246 23.68 -22.88 -11.72
C ASN B 246 23.44 -21.68 -10.81
N ALA B 247 22.15 -21.41 -10.57
CA ALA B 247 21.70 -20.13 -10.03
C ALA B 247 20.92 -20.30 -8.74
N ASP B 248 21.16 -19.37 -7.81
CA ASP B 248 20.44 -19.25 -6.54
C ASP B 248 19.94 -17.82 -6.38
N LEU B 249 19.53 -17.45 -5.16
CA LEU B 249 18.93 -16.13 -4.95
C LEU B 249 19.96 -15.02 -5.03
N ARG B 250 21.17 -15.25 -4.50
CA ARG B 250 22.20 -14.22 -4.52
CA ARG B 250 22.21 -14.22 -4.51
C ARG B 250 22.62 -13.87 -5.94
N LYS B 251 22.93 -14.89 -6.76
CA LYS B 251 23.23 -14.62 -8.16
C LYS B 251 22.12 -13.83 -8.84
N LEU B 252 20.86 -14.17 -8.53
CA LEU B 252 19.76 -13.44 -9.15
C LEU B 252 19.77 -11.98 -8.72
N ALA B 253 20.03 -11.71 -7.43
CA ALA B 253 20.10 -10.33 -6.97
C ALA B 253 21.25 -9.60 -7.65
N VAL B 254 22.43 -10.23 -7.71
CA VAL B 254 23.60 -9.56 -8.26
C VAL B 254 23.34 -9.08 -9.67
N ASN B 255 22.70 -9.90 -10.49
CA ASN B 255 22.46 -9.55 -11.89
C ASN B 255 21.17 -8.81 -12.13
N MET B 256 20.25 -8.75 -11.15
CA MET B 256 19.00 -8.03 -11.35
C MET B 256 18.97 -6.63 -10.73
N VAL B 257 19.81 -6.34 -9.75
CA VAL B 257 19.72 -5.12 -8.96
C VAL B 257 21.00 -4.31 -9.17
N PRO B 258 21.01 -3.35 -10.11
CA PRO B 258 22.23 -2.57 -10.35
C PRO B 258 22.48 -1.46 -9.34
N PHE B 259 21.50 -1.09 -8.52
CA PHE B 259 21.61 -0.03 -7.50
C PHE B 259 20.81 -0.49 -6.29
N PRO B 260 21.38 -0.40 -5.08
CA PRO B 260 20.74 -1.05 -3.91
C PRO B 260 19.25 -0.78 -3.75
N ARG B 261 18.79 0.47 -3.86
CA ARG B 261 17.38 0.75 -3.59
C ARG B 261 16.46 0.27 -4.71
N LEU B 262 16.96 0.00 -5.90
CA LEU B 262 16.10 -0.32 -7.05
C LEU B 262 15.95 -1.84 -7.19
N HIS B 263 15.26 -2.43 -6.20
CA HIS B 263 15.12 -3.87 -6.11
C HIS B 263 13.66 -4.32 -6.08
N PHE B 264 12.78 -3.60 -6.77
CA PHE B 264 11.37 -3.92 -6.85
C PHE B 264 11.06 -4.42 -8.25
N PHE B 265 10.62 -5.67 -8.36
CA PHE B 265 10.48 -6.33 -9.65
C PHE B 265 9.04 -6.31 -10.14
N MET B 266 8.90 -6.21 -11.46
CA MET B 266 7.62 -6.26 -12.14
C MET B 266 7.42 -7.65 -12.70
N PRO B 267 6.47 -8.43 -12.22
CA PRO B 267 6.30 -9.79 -12.72
C PRO B 267 5.23 -9.89 -13.79
N GLY B 268 5.27 -10.97 -14.56
CA GLY B 268 4.27 -11.22 -15.59
C GLY B 268 4.18 -12.70 -15.89
N PHE B 269 3.06 -13.16 -16.46
CA PHE B 269 2.89 -14.60 -16.73
C PHE B 269 2.16 -14.83 -18.04
N ALA B 270 2.62 -15.82 -18.81
CA ALA B 270 1.91 -16.19 -20.05
C ALA B 270 1.84 -17.72 -20.07
N PRO B 271 0.68 -18.30 -20.44
CA PRO B 271 -0.34 -17.53 -21.14
C PRO B 271 -1.49 -16.95 -20.31
N LEU B 272 -2.16 -15.89 -20.78
CA LEU B 272 -3.41 -15.43 -20.19
C LEU B 272 -4.41 -15.26 -21.32
N THR B 273 -5.49 -16.05 -21.30
CA THR B 273 -6.49 -16.04 -22.36
C THR B 273 -7.85 -16.37 -21.75
N SER B 274 -8.84 -15.54 -22.06
CA SER B 274 -10.16 -15.70 -21.44
C SER B 274 -10.85 -16.96 -21.94
N ARG B 275 -11.75 -17.48 -21.11
CA ARG B 275 -12.55 -18.63 -21.51
C ARG B 275 -13.44 -18.27 -22.69
N GLY B 276 -13.62 -19.21 -23.60
CA GLY B 276 -12.99 -20.52 -23.51
C GLY B 276 -12.63 -21.08 -24.87
N SER B 277 -13.16 -20.45 -25.92
CA SER B 277 -12.88 -20.91 -27.28
C SER B 277 -11.41 -20.79 -27.64
N GLN B 278 -10.69 -19.85 -27.01
CA GLN B 278 -9.26 -19.71 -27.21
C GLN B 278 -8.44 -20.54 -26.23
N GLN B 279 -9.07 -21.15 -25.23
CA GLN B 279 -8.35 -21.96 -24.27
C GLN B 279 -7.88 -23.30 -24.84
N TYR B 280 -8.30 -23.64 -26.06
CA TYR B 280 -7.90 -24.89 -26.70
C TYR B 280 -6.86 -24.70 -27.79
N ARG B 281 -6.58 -23.47 -28.20
CA ARG B 281 -5.57 -23.23 -29.22
C ARG B 281 -4.19 -23.63 -28.71
N ALA B 282 -3.33 -24.04 -29.64
CA ALA B 282 -1.95 -24.35 -29.31
C ALA B 282 -1.14 -23.06 -29.26
N LEU B 283 -0.36 -22.89 -28.22
CA LEU B 283 0.47 -21.71 -28.07
C LEU B 283 1.79 -21.92 -28.80
N THR B 284 2.19 -20.93 -29.61
CA THR B 284 3.51 -20.92 -30.21
C THR B 284 4.44 -20.03 -29.40
N VAL B 285 5.74 -20.32 -29.47
CA VAL B 285 6.73 -19.49 -28.79
C VAL B 285 6.61 -18.02 -29.20
N PRO B 286 6.48 -17.68 -30.48
CA PRO B 286 6.25 -16.27 -30.82
C PRO B 286 5.09 -15.65 -30.04
N GLU B 287 4.00 -16.39 -29.83
CA GLU B 287 2.87 -15.83 -29.10
C GLU B 287 3.18 -15.68 -27.62
N LEU B 288 3.76 -16.71 -27.00
CA LEU B 288 4.21 -16.58 -25.62
C LEU B 288 5.07 -15.34 -25.43
N THR B 289 5.97 -15.09 -26.38
CA THR B 289 6.95 -14.02 -26.18
C THR B 289 6.30 -12.64 -26.29
N GLN B 290 5.35 -12.49 -27.20
CA GLN B 290 4.67 -11.19 -27.39
C GLN B 290 3.80 -10.92 -26.16
N GLN B 291 3.12 -11.95 -25.68
CA GLN B 291 2.25 -11.80 -24.51
C GLN B 291 3.07 -11.41 -23.29
N MET B 292 4.21 -12.07 -23.08
CA MET B 292 5.06 -11.81 -21.93
C MET B 292 5.43 -10.33 -21.81
N PHE B 293 5.77 -9.70 -22.93
CA PHE B 293 6.23 -8.32 -22.91
C PHE B 293 5.09 -7.31 -23.01
N ASP B 294 3.87 -7.76 -23.34
CA ASP B 294 2.74 -6.85 -23.45
C ASP B 294 2.48 -6.15 -22.12
N SER B 295 2.32 -4.83 -22.20
CA SER B 295 2.08 -4.01 -20.99
C SER B 295 0.82 -4.48 -20.27
N LYS B 296 -0.19 -4.89 -21.03
CA LYS B 296 -1.42 -5.30 -20.40
C LYS B 296 -1.31 -6.65 -19.70
N ASN B 297 -0.18 -7.35 -19.86
CA ASN B 297 0.07 -8.60 -19.15
C ASN B 297 0.83 -8.40 -17.86
N MET B 298 1.33 -7.19 -17.61
CA MET B 298 2.16 -6.95 -16.44
C MET B 298 1.34 -7.08 -15.17
N MET B 299 2.00 -7.49 -14.10
CA MET B 299 1.33 -7.75 -12.85
C MET B 299 1.56 -6.64 -11.81
N ALA B 300 2.17 -5.54 -12.24
CA ALA B 300 2.14 -4.26 -11.55
C ALA B 300 1.48 -3.25 -12.47
N ALA B 301 0.45 -2.58 -11.97
CA ALA B 301 -0.30 -1.68 -12.83
C ALA B 301 0.54 -0.47 -13.24
N CYS B 302 1.53 -0.71 -14.09
N CYS B 302 1.50 -0.68 -14.15
CA CYS B 302 2.34 0.35 -14.66
CA CYS B 302 2.32 0.41 -14.64
C CYS B 302 2.47 0.10 -16.16
C CYS B 302 2.71 0.13 -16.08
N ASP B 303 2.69 1.18 -16.91
CA ASP B 303 2.95 1.03 -18.33
C ASP B 303 4.45 0.95 -18.61
N PRO B 304 4.99 -0.25 -18.88
CA PRO B 304 6.43 -0.34 -19.17
C PRO B 304 6.85 0.46 -20.38
N ARG B 305 5.92 0.79 -21.28
CA ARG B 305 6.28 1.63 -22.41
C ARG B 305 6.61 3.06 -21.98
N HIS B 306 6.20 3.45 -20.76
CA HIS B 306 6.52 4.77 -20.25
C HIS B 306 7.94 4.89 -19.76
N GLY B 307 8.64 3.77 -19.58
CA GLY B 307 9.98 3.80 -19.05
C GLY B 307 10.93 2.86 -19.74
N ARG B 308 11.98 2.46 -19.03
CA ARG B 308 13.02 1.61 -19.58
C ARG B 308 13.31 0.47 -18.64
N TYR B 309 13.69 -0.67 -19.21
CA TYR B 309 14.10 -1.81 -18.43
C TYR B 309 15.58 -1.69 -18.09
N LEU B 310 15.88 -1.77 -16.79
CA LEU B 310 17.27 -1.90 -16.39
C LEU B 310 17.75 -3.33 -16.59
N THR B 311 16.94 -4.30 -16.20
CA THR B 311 17.28 -5.71 -16.30
C THR B 311 16.00 -6.51 -16.50
N VAL B 312 16.12 -7.63 -17.21
CA VAL B 312 14.99 -8.52 -17.45
C VAL B 312 15.44 -9.97 -17.32
N ALA B 313 14.68 -10.76 -16.58
CA ALA B 313 14.83 -12.20 -16.55
C ALA B 313 13.54 -12.84 -17.05
N ALA B 314 13.66 -13.81 -17.96
CA ALA B 314 12.52 -14.50 -18.53
C ALA B 314 12.77 -16.00 -18.41
N ILE B 315 11.75 -16.76 -18.03
CA ILE B 315 11.89 -18.20 -17.90
C ILE B 315 10.75 -18.90 -18.63
N PHE B 316 11.11 -19.85 -19.49
CA PHE B 316 10.17 -20.64 -20.28
C PHE B 316 10.13 -22.07 -19.75
N ARG B 317 8.94 -22.68 -19.78
CA ARG B 317 8.76 -24.01 -19.24
C ARG B 317 7.98 -24.86 -20.23
N GLY B 318 8.43 -26.09 -20.44
CA GLY B 318 7.77 -27.03 -21.33
C GLY B 318 8.68 -27.51 -22.43
N ARG B 319 8.09 -28.31 -23.32
CA ARG B 319 8.79 -28.82 -24.49
C ARG B 319 8.77 -27.76 -25.58
N MET B 320 9.96 -27.34 -26.02
CA MET B 320 10.10 -26.32 -27.04
C MET B 320 11.57 -26.22 -27.40
N SER B 321 11.84 -25.80 -28.63
CA SER B 321 13.23 -25.66 -29.08
C SER B 321 13.82 -24.37 -28.54
N MET B 322 15.01 -24.46 -27.95
CA MET B 322 15.66 -23.26 -27.45
C MET B 322 16.01 -22.30 -28.58
N LYS B 323 16.20 -22.81 -29.79
CA LYS B 323 16.48 -21.94 -30.93
C LYS B 323 15.34 -20.96 -31.17
N GLU B 324 14.11 -21.46 -31.17
CA GLU B 324 12.96 -20.58 -31.33
C GLU B 324 12.92 -19.52 -30.26
N VAL B 325 13.11 -19.93 -29.00
CA VAL B 325 13.06 -18.99 -27.88
C VAL B 325 14.15 -17.94 -28.04
N ASP B 326 15.37 -18.37 -28.36
CA ASP B 326 16.47 -17.41 -28.58
C ASP B 326 16.08 -16.37 -29.61
N GLU B 327 15.71 -16.83 -30.81
CA GLU B 327 15.39 -15.91 -31.90
C GLU B 327 14.30 -14.94 -31.49
N GLN B 328 13.24 -15.44 -30.83
CA GLN B 328 12.12 -14.61 -30.45
C GLN B 328 12.53 -13.55 -29.45
N MET B 329 13.30 -13.94 -28.43
CA MET B 329 13.73 -12.97 -27.42
C MET B 329 14.61 -11.90 -28.04
N LEU B 330 15.51 -12.31 -28.95
CA LEU B 330 16.35 -11.34 -29.63
C LEU B 330 15.55 -10.43 -30.54
N ASN B 331 14.49 -10.96 -31.16
CA ASN B 331 13.61 -10.13 -31.96
C ASN B 331 13.02 -9.00 -31.12
N VAL B 332 12.50 -9.33 -29.93
CA VAL B 332 11.86 -8.31 -29.10
C VAL B 332 12.85 -7.20 -28.78
N GLN B 333 14.09 -7.55 -28.43
CA GLN B 333 15.07 -6.52 -28.06
C GLN B 333 15.53 -5.73 -29.28
N ASN B 334 15.95 -6.42 -30.35
CA ASN B 334 16.43 -5.74 -31.53
C ASN B 334 15.38 -4.84 -32.15
N LYS B 335 14.10 -5.24 -32.06
CA LYS B 335 13.03 -4.48 -32.70
C LYS B 335 12.43 -3.41 -31.79
N ASN B 336 12.75 -3.42 -30.50
CA ASN B 336 12.24 -2.44 -29.55
C ASN B 336 13.35 -2.04 -28.58
N SER B 337 14.55 -1.86 -29.10
CA SER B 337 15.75 -1.64 -28.30
C SER B 337 15.73 -0.33 -27.51
N SER B 338 14.82 0.59 -27.82
CA SER B 338 14.74 1.82 -27.03
C SER B 338 14.12 1.60 -25.65
N TYR B 339 13.47 0.46 -25.40
CA TYR B 339 12.89 0.19 -24.09
C TYR B 339 13.85 -0.49 -23.14
N PHE B 340 15.09 -0.71 -23.57
CA PHE B 340 16.14 -1.30 -22.75
C PHE B 340 17.32 -0.34 -22.71
N VAL B 341 17.78 -0.01 -21.49
CA VAL B 341 18.87 0.95 -21.37
C VAL B 341 20.10 0.39 -22.07
N GLU B 342 20.88 1.27 -22.70
CA GLU B 342 22.04 0.81 -23.44
C GLU B 342 23.32 0.83 -22.62
N TRP B 343 23.29 1.33 -21.39
CA TRP B 343 24.49 1.29 -20.56
C TRP B 343 24.59 0.03 -19.72
N ILE B 344 23.73 -0.95 -19.95
CA ILE B 344 23.87 -2.29 -19.39
C ILE B 344 23.81 -3.29 -20.55
N PRO B 345 24.95 -3.65 -21.14
CA PRO B 345 24.92 -4.53 -22.31
C PRO B 345 24.23 -5.86 -22.00
N ASN B 346 23.51 -6.38 -22.99
CA ASN B 346 22.92 -7.72 -22.95
C ASN B 346 22.15 -7.97 -21.66
N ASN B 347 21.17 -7.10 -21.39
CA ASN B 347 20.56 -7.02 -20.07
C ASN B 347 19.22 -7.76 -19.97
N VAL B 348 18.94 -8.65 -20.92
CA VAL B 348 17.73 -9.52 -20.86
C VAL B 348 18.23 -10.98 -20.95
N LYS B 349 17.93 -11.80 -19.95
CA LYS B 349 18.42 -13.18 -19.89
C LYS B 349 17.26 -14.17 -19.92
N THR B 350 17.54 -15.34 -20.47
CA THR B 350 16.52 -16.37 -20.64
C THR B 350 16.98 -17.67 -20.00
N ALA B 351 16.04 -18.38 -19.40
CA ALA B 351 16.23 -19.74 -18.92
C ALA B 351 15.07 -20.58 -19.41
N VAL B 352 15.35 -21.83 -19.77
CA VAL B 352 14.32 -22.76 -20.19
C VAL B 352 14.37 -23.97 -19.28
N CYS B 353 13.21 -24.39 -18.80
CA CYS B 353 13.07 -25.55 -17.95
C CYS B 353 12.12 -26.54 -18.61
N ASP B 354 12.44 -27.83 -18.49
CA ASP B 354 11.74 -28.86 -19.26
C ASP B 354 10.34 -29.11 -18.72
N ILE B 355 10.17 -29.07 -17.41
CA ILE B 355 8.90 -29.44 -16.79
C ILE B 355 7.94 -28.27 -16.89
N PRO B 356 6.74 -28.46 -17.44
CA PRO B 356 5.78 -27.36 -17.55
C PRO B 356 4.86 -27.31 -16.34
N PRO B 357 4.22 -26.16 -16.10
CA PRO B 357 3.23 -26.08 -15.02
C PRO B 357 2.04 -26.98 -15.31
N ARG B 358 1.33 -27.35 -14.24
CA ARG B 358 0.17 -28.21 -14.41
C ARG B 358 -0.88 -27.53 -15.27
N GLY B 359 -1.43 -28.29 -16.23
CA GLY B 359 -2.49 -27.82 -17.10
C GLY B 359 -2.04 -27.14 -18.37
N LEU B 360 -0.76 -26.83 -18.51
CA LEU B 360 -0.26 -26.06 -19.64
C LEU B 360 0.82 -26.84 -20.38
N LYS B 361 0.80 -26.75 -21.71
CA LYS B 361 1.88 -27.36 -22.48
C LYS B 361 3.13 -26.50 -22.44
N MET B 362 2.95 -25.18 -22.42
CA MET B 362 4.05 -24.24 -22.34
C MET B 362 3.64 -23.05 -21.47
N SER B 363 4.63 -22.29 -21.05
CA SER B 363 4.36 -21.09 -20.26
C SER B 363 5.64 -20.28 -20.18
N ALA B 364 5.47 -19.00 -19.87
CA ALA B 364 6.58 -18.07 -19.71
C ALA B 364 6.32 -17.24 -18.47
N THR B 365 7.39 -16.90 -17.76
CA THR B 365 7.30 -16.05 -16.58
C THR B 365 8.28 -14.91 -16.73
N PHE B 366 7.79 -13.69 -16.48
CA PHE B 366 8.52 -12.45 -16.75
C PHE B 366 8.93 -11.80 -15.43
N ILE B 367 10.19 -11.39 -15.33
CA ILE B 367 10.71 -10.63 -14.18
C ILE B 367 11.40 -9.39 -14.74
N GLY B 368 10.74 -8.24 -14.65
CA GLY B 368 11.26 -6.99 -15.20
C GLY B 368 11.59 -6.00 -14.10
N ASN B 369 12.77 -5.39 -14.22
CA ASN B 369 13.18 -4.28 -13.36
C ASN B 369 13.16 -3.02 -14.22
N SER B 370 12.05 -2.29 -14.15
CA SER B 370 11.78 -1.19 -15.08
C SER B 370 11.58 0.11 -14.33
N THR B 371 12.08 1.21 -14.91
CA THR B 371 11.84 2.52 -14.32
C THR B 371 10.37 2.86 -14.21
N ALA B 372 9.52 2.22 -15.01
CA ALA B 372 8.09 2.53 -15.00
C ALA B 372 7.40 2.11 -13.71
N ILE B 373 8.04 1.30 -12.86
CA ILE B 373 7.43 0.92 -11.59
C ILE B 373 7.14 2.12 -10.72
N GLN B 374 7.80 3.25 -10.99
CA GLN B 374 7.50 4.48 -10.26
C GLN B 374 6.03 4.82 -10.30
N GLU B 375 5.33 4.48 -11.39
CA GLU B 375 3.90 4.78 -11.47
C GLU B 375 3.14 4.13 -10.31
N LEU B 376 3.56 2.93 -9.92
CA LEU B 376 2.96 2.25 -8.76
C LEU B 376 3.16 3.07 -7.49
N PHE B 377 4.38 3.51 -7.24
CA PHE B 377 4.64 4.27 -6.01
C PHE B 377 4.00 5.66 -6.07
N LYS B 378 3.91 6.25 -7.26
CA LYS B 378 3.20 7.52 -7.38
C LYS B 378 1.73 7.36 -6.99
N ARG B 379 1.08 6.30 -7.50
CA ARG B 379 -0.33 6.08 -7.20
C ARG B 379 -0.57 5.99 -5.70
N ILE B 380 0.21 5.16 -5.01
CA ILE B 380 0.06 5.03 -3.56
C ILE B 380 0.39 6.35 -2.88
N SER B 381 1.37 7.08 -3.41
CA SER B 381 1.77 8.34 -2.81
C SER B 381 0.66 9.38 -2.90
N GLU B 382 -0.05 9.42 -4.02
CA GLU B 382 -1.16 10.37 -4.16
C GLU B 382 -2.25 10.13 -3.14
N GLN B 383 -2.64 8.86 -2.97
CA GLN B 383 -3.65 8.52 -1.97
C GLN B 383 -3.18 8.87 -0.57
N PHE B 384 -1.91 8.62 -0.27
CA PHE B 384 -1.34 8.93 1.04
C PHE B 384 -1.47 10.42 1.34
N THR B 385 -0.96 11.29 0.46
CA THR B 385 -0.88 12.69 0.81
C THR B 385 -2.26 13.36 0.82
N ALA B 386 -3.18 12.91 -0.05
CA ALA B 386 -4.54 13.42 0.01
C ALA B 386 -5.11 13.31 1.42
N MET B 387 -4.82 12.21 2.09
CA MET B 387 -5.28 11.99 3.45
C MET B 387 -4.40 12.70 4.45
N PHE B 388 -3.09 12.49 4.33
CA PHE B 388 -2.14 13.03 5.29
C PHE B 388 -2.10 14.55 5.29
N ARG B 389 -2.44 15.19 4.16
CA ARG B 389 -2.55 16.64 4.11
C ARG B 389 -3.38 17.19 5.27
N ARG B 390 -4.41 16.45 5.66
CA ARG B 390 -5.35 16.88 6.70
C ARG B 390 -5.26 16.02 7.97
N LYS B 391 -4.24 15.15 8.09
CA LYS B 391 -4.10 14.29 9.26
C LYS B 391 -5.32 13.38 9.45
N ALA B 392 -6.00 13.03 8.36
CA ALA B 392 -7.22 12.24 8.45
C ALA B 392 -6.91 10.78 8.77
N PHE B 393 -7.65 10.21 9.71
CA PHE B 393 -7.49 8.85 10.19
C PHE B 393 -6.16 8.63 10.92
N LEU B 394 -5.44 9.70 11.23
CA LEU B 394 -4.18 9.55 11.92
C LEU B 394 -4.36 9.03 13.34
N HIS B 395 -5.51 9.28 13.97
CA HIS B 395 -5.64 8.95 15.39
C HIS B 395 -5.59 7.43 15.62
N TRP B 396 -5.99 6.64 14.63
CA TRP B 396 -5.83 5.18 14.74
C TRP B 396 -4.38 4.78 14.97
N TYR B 397 -3.42 5.58 14.48
CA TYR B 397 -2.01 5.24 14.60
C TYR B 397 -1.31 5.94 15.75
N THR B 398 -1.67 7.19 16.02
CA THR B 398 -1.08 7.87 17.17
C THR B 398 -1.58 7.29 18.48
N GLY B 399 -2.78 6.69 18.47
CA GLY B 399 -3.27 5.99 19.64
C GLY B 399 -2.53 4.73 19.97
N GLU B 400 -1.72 4.23 19.03
CA GLU B 400 -0.83 3.11 19.27
C GLU B 400 0.59 3.57 19.59
N GLY B 401 0.80 4.87 19.79
CA GLY B 401 2.10 5.38 20.16
C GLY B 401 2.95 5.95 19.05
N MET B 402 2.46 5.97 17.81
CA MET B 402 3.25 6.49 16.71
C MET B 402 3.20 8.01 16.65
N ASP B 403 4.25 8.59 16.06
CA ASP B 403 4.38 10.01 15.85
C ASP B 403 4.07 10.37 14.40
N GLU B 404 3.72 11.63 14.16
CA GLU B 404 3.53 12.09 12.80
C GLU B 404 4.84 12.02 12.01
N MET B 405 5.97 12.29 12.67
CA MET B 405 7.24 12.32 11.95
C MET B 405 7.50 11.01 11.22
N GLU B 406 7.12 9.89 11.85
CA GLU B 406 7.35 8.59 11.22
C GLU B 406 6.63 8.47 9.88
N PHE B 407 5.42 9.06 9.77
CA PHE B 407 4.72 9.12 8.50
C PHE B 407 5.44 10.03 7.52
N THR B 408 5.92 11.18 8.00
CA THR B 408 6.57 12.13 7.11
C THR B 408 7.82 11.55 6.50
N GLU B 409 8.59 10.78 7.27
CA GLU B 409 9.83 10.25 6.70
C GLU B 409 9.57 9.01 5.85
N ALA B 410 8.42 8.36 6.00
CA ALA B 410 8.05 7.27 5.10
C ALA B 410 7.66 7.82 3.74
N GLU B 411 6.76 8.81 3.72
N GLU B 411 6.77 8.80 3.71
CA GLU B 411 6.41 9.47 2.46
CA GLU B 411 6.43 9.44 2.44
C GLU B 411 7.65 10.06 1.82
C GLU B 411 7.66 10.05 1.81
N SER B 412 8.55 10.62 2.62
CA SER B 412 9.78 11.20 2.10
C SER B 412 10.62 10.15 1.40
N ASN B 413 10.79 8.98 2.02
CA ASN B 413 11.60 7.93 1.42
C ASN B 413 10.99 7.46 0.10
N MET B 414 9.67 7.32 0.06
CA MET B 414 9.03 6.85 -1.16
C MET B 414 9.15 7.87 -2.29
N ASN B 415 9.07 9.16 -1.96
CA ASN B 415 9.23 10.19 -2.97
C ASN B 415 10.64 10.16 -3.57
N ASP B 416 11.65 9.99 -2.72
CA ASP B 416 13.02 9.83 -3.23
C ASP B 416 13.14 8.62 -4.13
N LEU B 417 12.58 7.48 -3.70
CA LEU B 417 12.60 6.28 -4.53
C LEU B 417 12.03 6.56 -5.91
N VAL B 418 10.89 7.26 -5.96
CA VAL B 418 10.33 7.69 -7.24
C VAL B 418 11.37 8.49 -8.03
N SER B 419 11.98 9.49 -7.38
CA SER B 419 12.99 10.30 -8.04
C SER B 419 14.11 9.45 -8.63
N GLU B 420 14.57 8.44 -7.89
CA GLU B 420 15.70 7.64 -8.35
C GLU B 420 15.37 6.91 -9.64
N TYR B 421 14.18 6.32 -9.69
CA TYR B 421 13.75 5.62 -10.92
C TYR B 421 13.72 6.62 -12.08
N GLN B 422 13.22 7.81 -11.83
CA GLN B 422 13.12 8.80 -12.90
C GLN B 422 14.48 9.16 -13.46
N GLN B 423 15.52 9.13 -12.64
CA GLN B 423 16.81 9.62 -13.08
C GLN B 423 17.55 8.64 -13.98
N TYR B 424 17.23 7.35 -13.90
CA TYR B 424 17.77 6.37 -14.84
C TYR B 424 16.87 6.16 -16.04
N GLN B 425 15.65 6.67 -15.99
CA GLN B 425 14.77 6.69 -17.16
C GLN B 425 15.27 7.68 -18.20
N ASP B 426 15.96 8.74 -17.77
CA ASP B 426 16.53 9.72 -18.67
C ASP B 426 18.05 9.62 -18.78
N ALA B 427 18.69 8.77 -17.98
CA ALA B 427 20.12 8.57 -18.08
C ALA B 427 20.47 7.86 -19.38
N THR B 428 21.51 8.35 -20.05
CA THR B 428 21.91 7.88 -21.37
C THR B 428 23.41 7.65 -21.42
N ALA B 429 23.86 7.03 -22.50
CA ALA B 429 25.28 6.74 -22.69
C ALA B 429 25.89 7.62 -23.77
N MET C 1 -14.94 -15.73 20.99
CA MET C 1 -14.28 -14.50 21.43
C MET C 1 -14.91 -13.28 20.75
N ARG C 2 -14.38 -12.10 21.07
CA ARG C 2 -14.90 -10.84 20.54
C ARG C 2 -16.28 -10.53 21.12
N GLU C 3 -16.44 -10.74 22.43
CA GLU C 3 -17.74 -10.55 23.04
C GLU C 3 -18.08 -9.08 23.18
N CYS C 4 -19.38 -8.80 23.21
CA CYS C 4 -19.90 -7.44 23.37
CA CYS C 4 -19.91 -7.44 23.36
C CYS C 4 -20.90 -7.43 24.51
N ILE C 5 -20.77 -6.46 25.41
CA ILE C 5 -21.65 -6.33 26.56
C ILE C 5 -22.57 -5.15 26.30
N SER C 6 -23.88 -5.36 26.46
CA SER C 6 -24.87 -4.33 26.21
C SER C 6 -25.35 -3.76 27.52
N ILE C 7 -25.45 -2.43 27.59
CA ILE C 7 -25.90 -1.74 28.79
C ILE C 7 -27.08 -0.86 28.42
N HIS C 8 -28.24 -1.13 29.02
CA HIS C 8 -29.47 -0.42 28.72
C HIS C 8 -29.83 0.43 29.93
N VAL C 9 -29.93 1.74 29.74
CA VAL C 9 -29.94 2.73 30.81
C VAL C 9 -31.19 3.60 30.66
N GLY C 10 -32.00 3.67 31.72
CA GLY C 10 -33.19 4.49 31.74
C GLY C 10 -34.33 3.90 30.92
N GLN C 11 -35.45 4.62 30.90
CA GLN C 11 -36.64 4.11 30.23
C GLN C 11 -36.37 3.79 28.76
N ALA C 12 -35.97 4.81 27.98
CA ALA C 12 -35.75 4.58 26.56
C ALA C 12 -34.70 3.50 26.31
N GLY C 13 -33.60 3.53 27.07
CA GLY C 13 -32.59 2.52 26.89
C GLY C 13 -33.11 1.13 27.22
N VAL C 14 -33.93 1.04 28.26
CA VAL C 14 -34.50 -0.26 28.66
C VAL C 14 -35.51 -0.74 27.63
N GLN C 15 -36.44 0.12 27.22
CA GLN C 15 -37.48 -0.33 26.30
C GLN C 15 -36.91 -0.64 24.92
N ILE C 16 -35.87 0.08 24.49
CA ILE C 16 -35.23 -0.25 23.22
C ILE C 16 -34.45 -1.55 23.34
N GLY C 17 -33.82 -1.79 24.49
CA GLY C 17 -33.15 -3.05 24.71
C GLY C 17 -34.11 -4.24 24.65
N ASN C 18 -35.31 -4.07 25.21
CA ASN C 18 -36.31 -5.12 25.12
C ASN C 18 -36.65 -5.41 23.66
N ALA C 19 -36.86 -4.36 22.87
CA ALA C 19 -37.13 -4.59 21.45
C ALA C 19 -35.96 -5.29 20.77
N CYS C 20 -34.73 -4.92 21.12
CA CYS C 20 -33.58 -5.50 20.43
C CYS C 20 -33.42 -6.97 20.76
N TRP C 21 -33.52 -7.33 22.04
CA TRP C 21 -33.24 -8.71 22.44
C TRP C 21 -34.33 -9.66 21.98
N GLU C 22 -35.57 -9.18 21.86
CA GLU C 22 -36.60 -10.02 21.25
C GLU C 22 -36.28 -10.27 19.77
N LEU C 23 -35.82 -9.23 19.08
CA LEU C 23 -35.45 -9.37 17.67
C LEU C 23 -34.25 -10.31 17.50
N TYR C 24 -33.23 -10.18 18.37
CA TYR C 24 -32.08 -11.09 18.30
C TYR C 24 -32.52 -12.54 18.47
N CYS C 25 -33.38 -12.80 19.45
CA CYS C 25 -33.84 -14.16 19.70
C CYS C 25 -34.53 -14.74 18.48
N LEU C 26 -35.39 -13.94 17.84
CA LEU C 26 -36.04 -14.42 16.63
C LEU C 26 -35.02 -14.71 15.54
N GLU C 27 -33.99 -13.86 15.42
CA GLU C 27 -33.04 -14.01 14.33
C GLU C 27 -32.20 -15.28 14.49
N HIS C 28 -31.81 -15.60 15.73
CA HIS C 28 -30.97 -16.76 16.01
C HIS C 28 -31.78 -18.01 16.35
N GLY C 29 -33.09 -17.91 16.46
CA GLY C 29 -33.89 -19.05 16.86
C GLY C 29 -33.80 -19.39 18.33
N ILE C 30 -33.55 -18.40 19.18
CA ILE C 30 -33.51 -18.62 20.62
C ILE C 30 -34.91 -18.46 21.19
N GLN C 31 -35.33 -19.40 22.03
CA GLN C 31 -36.67 -19.39 22.58
C GLN C 31 -36.76 -18.50 23.81
N PRO C 32 -37.98 -18.12 24.21
CA PRO C 32 -38.11 -17.18 25.33
C PRO C 32 -37.57 -17.71 26.65
N ASP C 33 -37.38 -19.01 26.80
CA ASP C 33 -36.74 -19.58 27.98
C ASP C 33 -35.23 -19.78 27.80
N GLY C 34 -34.66 -19.31 26.70
CA GLY C 34 -33.23 -19.37 26.48
C GLY C 34 -32.74 -20.59 25.74
N GLN C 35 -33.60 -21.58 25.53
CA GLN C 35 -33.21 -22.76 24.76
C GLN C 35 -33.02 -22.40 23.30
N MET C 36 -32.03 -23.02 22.67
CA MET C 36 -31.74 -22.79 21.26
C MET C 36 -31.56 -24.16 20.63
N PRO C 37 -32.65 -24.78 20.16
CA PRO C 37 -32.55 -26.15 19.64
C PRO C 37 -31.53 -26.29 18.52
N SER C 38 -31.21 -25.19 17.83
CA SER C 38 -30.26 -25.21 16.74
C SER C 38 -28.82 -25.41 17.20
N ASP C 39 -28.51 -25.08 18.45
CA ASP C 39 -27.13 -25.09 18.93
C ASP C 39 -26.74 -26.49 19.38
N LYS C 40 -25.68 -27.02 18.79
CA LYS C 40 -25.23 -28.36 19.13
C LYS C 40 -24.20 -28.36 20.25
N THR C 41 -23.32 -27.36 20.30
CA THR C 41 -22.33 -27.28 21.37
C THR C 41 -23.02 -26.79 22.64
N ILE C 42 -23.09 -27.67 23.65
CA ILE C 42 -23.80 -27.41 24.90
C ILE C 42 -22.79 -26.99 25.97
N GLY C 43 -23.16 -25.99 26.77
CA GLY C 43 -22.32 -25.47 27.82
C GLY C 43 -21.45 -24.30 27.38
N GLY C 44 -21.12 -24.24 26.09
CA GLY C 44 -20.30 -23.18 25.56
C GLY C 44 -20.28 -23.16 24.05
N GLY C 45 -19.11 -22.87 23.47
CA GLY C 45 -18.97 -22.75 22.03
C GLY C 45 -18.42 -21.40 21.64
N ASP C 46 -17.75 -21.31 20.50
CA ASP C 46 -17.16 -20.07 20.03
C ASP C 46 -17.87 -19.53 18.79
N ASP C 47 -19.17 -19.79 18.69
CA ASP C 47 -19.94 -19.40 17.53
C ASP C 47 -20.21 -17.89 17.51
N SER C 48 -20.73 -17.42 16.39
CA SER C 48 -20.84 -15.98 16.17
C SER C 48 -21.83 -15.33 17.14
N PHE C 49 -22.97 -15.96 17.37
CA PHE C 49 -23.95 -15.39 18.29
C PHE C 49 -23.43 -15.35 19.71
N ASN C 50 -22.40 -16.15 20.02
CA ASN C 50 -21.77 -16.13 21.33
C ASN C 50 -21.15 -14.78 21.66
N THR C 51 -20.97 -13.91 20.67
CA THR C 51 -20.52 -12.56 20.98
C THR C 51 -21.56 -11.84 21.82
N PHE C 52 -22.83 -12.23 21.71
CA PHE C 52 -23.91 -11.58 22.43
C PHE C 52 -24.62 -12.49 23.44
N PHE C 53 -24.39 -13.79 23.39
CA PHE C 53 -25.03 -14.72 24.30
C PHE C 53 -23.98 -15.60 24.95
N SER C 54 -24.03 -15.70 26.26
CA SER C 54 -23.30 -16.76 26.95
C SER C 54 -24.23 -17.95 27.09
N GLU C 55 -23.65 -19.09 27.45
CA GLU C 55 -24.41 -20.32 27.60
C GLU C 55 -24.17 -20.89 29.00
N THR C 56 -25.23 -21.46 29.56
CA THR C 56 -25.15 -22.17 30.82
C THR C 56 -25.11 -23.68 30.57
N GLY C 57 -24.71 -24.42 31.61
CA GLY C 57 -24.62 -25.86 31.46
C GLY C 57 -25.92 -26.51 30.99
N ALA C 58 -27.06 -25.94 31.41
CA ALA C 58 -28.36 -26.48 31.06
C ALA C 58 -28.79 -26.14 29.64
N GLY C 59 -27.98 -25.41 28.89
CA GLY C 59 -28.31 -25.04 27.53
C GLY C 59 -29.00 -23.70 27.38
N LYS C 60 -28.98 -22.87 28.41
CA LYS C 60 -29.61 -21.56 28.33
C LYS C 60 -28.65 -20.57 27.68
N HIS C 61 -29.18 -19.76 26.77
CA HIS C 61 -28.41 -18.72 26.10
C HIS C 61 -28.83 -17.39 26.71
N VAL C 62 -27.89 -16.73 27.38
CA VAL C 62 -28.17 -15.62 28.28
C VAL C 62 -27.62 -14.35 27.65
N PRO C 63 -28.45 -13.33 27.41
CA PRO C 63 -27.93 -12.06 26.88
C PRO C 63 -26.80 -11.51 27.73
N ARG C 64 -25.71 -11.12 27.06
CA ARG C 64 -24.62 -10.39 27.71
C ARG C 64 -25.06 -8.93 27.84
N ALA C 65 -25.90 -8.67 28.84
CA ALA C 65 -26.56 -7.38 28.91
C ALA C 65 -26.83 -7.01 30.36
N VAL C 66 -26.85 -5.70 30.60
CA VAL C 66 -27.28 -5.15 31.87
C VAL C 66 -28.36 -4.11 31.59
N PHE C 67 -29.50 -4.25 32.28
CA PHE C 67 -30.54 -3.23 32.29
C PHE C 67 -30.45 -2.50 33.63
N VAL C 68 -30.38 -1.17 33.59
CA VAL C 68 -30.31 -0.37 34.81
C VAL C 68 -31.22 0.84 34.68
N ASP C 69 -31.99 1.12 35.74
CA ASP C 69 -32.88 2.27 35.80
C ASP C 69 -33.00 2.72 37.25
N LEU C 70 -33.24 4.02 37.44
CA LEU C 70 -33.26 4.56 38.79
C LEU C 70 -34.60 4.35 39.50
N GLU C 71 -35.66 4.00 38.78
CA GLU C 71 -36.93 3.58 39.36
C GLU C 71 -37.32 2.27 38.71
N PRO C 72 -38.31 1.55 39.28
CA PRO C 72 -38.52 0.14 38.88
C PRO C 72 -39.57 -0.13 37.82
N THR C 73 -40.53 0.76 37.57
CA THR C 73 -41.72 0.32 36.85
C THR C 73 -41.39 -0.20 35.45
N VAL C 74 -40.37 0.35 34.78
CA VAL C 74 -40.07 -0.09 33.43
C VAL C 74 -39.38 -1.46 33.43
N ILE C 75 -38.34 -1.62 34.23
CA ILE C 75 -37.67 -2.90 34.28
C ILE C 75 -38.58 -3.97 34.86
N ASP C 76 -39.48 -3.58 35.76
CA ASP C 76 -40.47 -4.53 36.28
C ASP C 76 -41.22 -5.21 35.15
N GLU C 77 -41.48 -4.49 34.05
CA GLU C 77 -42.14 -5.10 32.91
C GLU C 77 -41.27 -6.18 32.28
N VAL C 78 -39.95 -5.97 32.23
CA VAL C 78 -39.05 -7.03 31.80
C VAL C 78 -39.14 -8.22 32.74
N ARG C 79 -39.10 -7.96 34.05
CA ARG C 79 -39.13 -9.04 35.03
C ARG C 79 -40.36 -9.94 34.89
N THR C 80 -41.41 -9.45 34.22
CA THR C 80 -42.67 -10.19 34.14
C THR C 80 -43.15 -10.38 32.71
N GLY C 81 -42.33 -10.07 31.72
CA GLY C 81 -42.73 -10.13 30.32
C GLY C 81 -42.42 -11.47 29.69
N THR C 82 -42.63 -11.51 28.37
CA THR C 82 -42.48 -12.78 27.65
C THR C 82 -41.09 -13.37 27.82
N TYR C 83 -40.06 -12.52 27.86
CA TYR C 83 -38.68 -12.97 27.94
C TYR C 83 -38.12 -12.86 29.36
N ARG C 84 -38.98 -12.95 30.37
CA ARG C 84 -38.50 -12.82 31.74
C ARG C 84 -37.53 -13.96 32.09
N GLN C 85 -37.73 -15.15 31.53
CA GLN C 85 -36.84 -16.27 31.82
C GLN C 85 -35.51 -16.16 31.10
N LEU C 86 -35.31 -15.13 30.29
CA LEU C 86 -34.09 -15.00 29.50
C LEU C 86 -32.94 -14.41 30.31
N PHE C 87 -33.25 -13.61 31.32
CA PHE C 87 -32.25 -12.86 32.08
C PHE C 87 -32.09 -13.39 33.49
N HIS C 88 -30.89 -13.28 34.03
CA HIS C 88 -30.69 -13.63 35.45
C HIS C 88 -31.11 -12.40 36.25
N PRO C 89 -31.76 -12.56 37.41
CA PRO C 89 -32.27 -11.42 38.16
C PRO C 89 -31.22 -10.33 38.40
N GLU C 90 -29.94 -10.71 38.46
CA GLU C 90 -28.89 -9.74 38.80
C GLU C 90 -28.54 -8.85 37.60
N GLN C 91 -28.98 -9.23 36.40
CA GLN C 91 -28.73 -8.41 35.19
C GLN C 91 -29.76 -7.27 35.12
N LEU C 92 -30.73 -7.27 36.03
CA LEU C 92 -31.76 -6.20 36.07
C LEU C 92 -31.61 -5.43 37.39
N ILE C 93 -31.21 -4.17 37.32
CA ILE C 93 -30.92 -3.37 38.51
C ILE C 93 -31.82 -2.14 38.51
N THR C 94 -32.53 -1.93 39.61
CA THR C 94 -33.45 -0.80 39.72
C THR C 94 -33.25 -0.08 41.05
N GLY C 95 -33.51 1.23 41.03
CA GLY C 95 -33.58 2.03 42.24
C GLY C 95 -35.01 2.24 42.67
N LYS C 96 -35.18 3.14 43.64
CA LYS C 96 -36.50 3.48 44.15
C LYS C 96 -36.98 4.86 43.71
N GLU C 97 -36.08 5.73 43.26
CA GLU C 97 -36.38 7.11 42.92
C GLU C 97 -35.58 7.50 41.69
N ASP C 98 -36.24 8.07 40.69
CA ASP C 98 -35.55 8.36 39.45
C ASP C 98 -34.94 9.76 39.47
N ALA C 99 -34.36 10.15 38.34
CA ALA C 99 -33.62 11.40 38.21
C ALA C 99 -34.53 12.62 38.04
N ALA C 100 -35.84 12.43 37.94
CA ALA C 100 -36.82 13.51 37.73
C ALA C 100 -36.44 14.40 36.54
N ASN C 101 -36.00 13.79 35.45
CA ASN C 101 -35.63 14.53 34.24
C ASN C 101 -34.51 15.53 34.50
N ASN C 102 -33.68 15.25 35.51
CA ASN C 102 -32.67 16.19 35.97
C ASN C 102 -31.29 15.52 35.93
N TYR C 103 -30.52 15.89 34.89
CA TYR C 103 -29.14 15.40 34.76
C TYR C 103 -28.41 15.37 36.08
N ALA C 104 -28.54 16.42 36.88
CA ALA C 104 -27.78 16.50 38.13
C ALA C 104 -28.15 15.36 39.07
N ARG C 105 -29.44 14.99 39.14
CA ARG C 105 -29.82 13.86 39.97
C ARG C 105 -29.28 12.54 39.42
N GLY C 106 -29.20 12.41 38.09
CA GLY C 106 -28.73 11.16 37.52
C GLY C 106 -27.23 10.98 37.66
N HIS C 107 -26.47 12.05 37.47
CA HIS C 107 -25.02 11.98 37.57
C HIS C 107 -24.53 11.97 39.01
N TYR C 108 -25.30 12.57 39.93
CA TYR C 108 -24.79 12.81 41.28
C TYR C 108 -25.72 12.25 42.36
N THR C 109 -26.81 12.97 42.64
CA THR C 109 -27.58 12.74 43.86
C THR C 109 -28.07 11.31 43.97
N ILE C 110 -28.69 10.80 42.91
CA ILE C 110 -29.21 9.43 42.92
C ILE C 110 -28.21 8.46 42.32
N GLY C 111 -27.59 8.84 41.21
CA GLY C 111 -26.67 7.92 40.54
C GLY C 111 -25.57 7.42 41.46
N LYS C 112 -25.01 8.30 42.29
CA LYS C 112 -23.89 7.91 43.14
C LYS C 112 -24.29 6.82 44.13
N GLU C 113 -25.57 6.53 44.26
CA GLU C 113 -26.00 5.52 45.27
C GLU C 113 -26.15 4.14 44.62
N ILE C 114 -25.93 4.01 43.32
CA ILE C 114 -26.16 2.70 42.64
C ILE C 114 -25.01 2.43 41.65
N ILE C 115 -24.14 3.40 41.44
CA ILE C 115 -23.06 3.26 40.44
C ILE C 115 -22.18 2.05 40.78
N ASP C 116 -21.71 1.97 42.03
CA ASP C 116 -20.80 0.86 42.35
C ASP C 116 -21.47 -0.48 42.10
N LEU C 117 -22.75 -0.61 42.44
CA LEU C 117 -23.43 -1.88 42.22
C LEU C 117 -23.52 -2.21 40.74
N VAL C 118 -23.78 -1.20 39.91
CA VAL C 118 -23.85 -1.43 38.47
C VAL C 118 -22.50 -1.86 37.92
N LEU C 119 -21.43 -1.13 38.28
CA LEU C 119 -20.11 -1.49 37.79
C LEU C 119 -19.73 -2.89 38.23
N ASP C 120 -20.29 -3.34 39.34
CA ASP C 120 -20.00 -4.69 39.82
C ASP C 120 -20.63 -5.74 38.94
N ARG C 121 -21.93 -5.59 38.65
CA ARG C 121 -22.58 -6.55 37.76
C ARG C 121 -21.89 -6.60 36.42
N ILE C 122 -21.39 -5.45 35.94
CA ILE C 122 -20.70 -5.43 34.65
C ILE C 122 -19.41 -6.24 34.73
N ARG C 123 -18.63 -6.02 35.79
CA ARG C 123 -17.40 -6.81 35.97
C ARG C 123 -17.69 -8.30 35.91
N LYS C 124 -18.80 -8.73 36.54
CA LYS C 124 -19.15 -10.14 36.50
C LYS C 124 -19.36 -10.63 35.08
N LEU C 125 -19.97 -9.80 34.23
CA LEU C 125 -20.15 -10.19 32.83
C LEU C 125 -18.81 -10.19 32.11
N ALA C 126 -18.01 -9.14 32.29
CA ALA C 126 -16.71 -9.07 31.64
C ALA C 126 -15.86 -10.28 31.98
N ASP C 127 -15.97 -10.76 33.21
CA ASP C 127 -15.17 -11.90 33.64
C ASP C 127 -15.53 -13.18 32.89
N GLN C 128 -16.71 -13.25 32.29
CA GLN C 128 -17.12 -14.42 31.52
C GLN C 128 -16.66 -14.36 30.06
N CYS C 129 -15.92 -13.33 29.68
CA CYS C 129 -15.49 -13.15 28.30
C CYS C 129 -14.06 -13.67 28.12
N THR C 130 -13.77 -14.17 26.93
CA THR C 130 -12.39 -14.54 26.65
C THR C 130 -11.65 -13.46 25.86
N GLY C 131 -12.38 -12.57 25.20
CA GLY C 131 -11.76 -11.47 24.47
C GLY C 131 -12.72 -10.32 24.32
N LEU C 132 -13.00 -9.62 25.42
CA LEU C 132 -14.06 -8.63 25.43
C LEU C 132 -13.76 -7.50 24.45
N GLN C 133 -14.69 -7.27 23.52
CA GLN C 133 -14.49 -6.27 22.49
C GLN C 133 -14.85 -4.88 22.96
N GLY C 134 -15.93 -4.74 23.69
CA GLY C 134 -16.34 -3.45 24.18
C GLY C 134 -17.81 -3.45 24.56
N PHE C 135 -18.35 -2.24 24.68
CA PHE C 135 -19.66 -1.98 25.25
C PHE C 135 -20.55 -1.27 24.25
N LEU C 136 -21.85 -1.57 24.32
CA LEU C 136 -22.90 -0.84 23.61
C LEU C 136 -23.83 -0.26 24.66
N VAL C 137 -24.01 1.06 24.64
CA VAL C 137 -24.73 1.78 25.69
C VAL C 137 -25.95 2.46 25.08
N PHE C 138 -27.14 2.07 25.55
CA PHE C 138 -28.43 2.53 25.02
C PHE C 138 -29.08 3.47 26.03
N HIS C 139 -29.40 4.69 25.59
CA HIS C 139 -29.91 5.69 26.53
C HIS C 139 -30.53 6.86 25.77
N SER C 140 -31.42 7.58 26.43
CA SER C 140 -31.95 8.83 25.91
C SER C 140 -31.04 10.00 26.27
N PHE C 141 -31.12 11.06 25.45
CA PHE C 141 -30.50 12.34 25.79
C PHE C 141 -31.30 13.10 26.84
N GLY C 142 -32.62 12.94 26.84
CA GLY C 142 -33.49 13.84 27.57
C GLY C 142 -33.80 13.43 28.99
N GLY C 143 -33.82 12.13 29.26
CA GLY C 143 -34.14 11.69 30.61
C GLY C 143 -33.08 12.10 31.60
N GLY C 144 -33.50 12.24 32.86
CA GLY C 144 -32.55 12.44 33.93
C GLY C 144 -31.57 11.28 34.07
N THR C 145 -32.07 10.05 33.92
CA THR C 145 -31.19 8.88 33.99
C THR C 145 -30.44 8.66 32.67
N GLY C 146 -31.15 8.77 31.54
CA GLY C 146 -30.48 8.58 30.25
C GLY C 146 -29.31 9.51 30.05
N SER C 147 -29.41 10.74 30.56
CA SER C 147 -28.32 11.72 30.45
C SER C 147 -27.33 11.62 31.61
N GLY C 148 -27.82 11.84 32.84
CA GLY C 148 -26.91 11.98 33.97
C GLY C 148 -26.23 10.67 34.37
N PHE C 149 -27.03 9.62 34.56
CA PHE C 149 -26.42 8.35 34.97
C PHE C 149 -25.56 7.76 33.87
N THR C 150 -25.98 7.89 32.61
CA THR C 150 -25.17 7.37 31.50
C THR C 150 -23.80 8.02 31.47
N SER C 151 -23.76 9.33 31.74
CA SER C 151 -22.48 10.03 31.81
C SER C 151 -21.60 9.44 32.90
N LEU C 152 -22.16 9.28 34.10
CA LEU C 152 -21.38 8.72 35.21
C LEU C 152 -20.86 7.34 34.84
N LEU C 153 -21.72 6.49 34.28
CA LEU C 153 -21.31 5.15 33.88
C LEU C 153 -20.14 5.19 32.90
N MET C 154 -20.22 6.08 31.91
CA MET C 154 -19.18 6.14 30.88
C MET C 154 -17.86 6.59 31.47
N GLU C 155 -17.88 7.63 32.31
CA GLU C 155 -16.65 8.05 32.98
C GLU C 155 -16.06 6.89 33.79
N ARG C 156 -16.92 6.14 34.49
CA ARG C 156 -16.45 5.01 35.29
C ARG C 156 -15.88 3.90 34.40
N LEU C 157 -16.49 3.66 33.25
CA LEU C 157 -16.01 2.59 32.35
C LEU C 157 -14.64 2.94 31.79
N SER C 158 -14.41 4.20 31.43
CA SER C 158 -13.07 4.61 31.02
C SER C 158 -12.05 4.29 32.10
N VAL C 159 -12.38 4.55 33.37
CA VAL C 159 -11.43 4.31 34.45
C VAL C 159 -11.15 2.82 34.62
N ASP C 160 -12.19 1.98 34.51
CA ASP C 160 -12.06 0.55 34.80
C ASP C 160 -11.65 -0.30 33.60
N TYR C 161 -11.86 0.18 32.38
CA TYR C 161 -11.50 -0.60 31.20
C TYR C 161 -10.64 0.20 30.22
N GLY C 162 -10.15 1.35 30.64
CA GLY C 162 -9.23 2.09 29.80
C GLY C 162 -9.79 2.37 28.42
N LYS C 163 -8.98 2.10 27.39
N LYS C 163 -8.98 2.10 27.39
CA LYS C 163 -9.34 2.44 26.02
CA LYS C 163 -9.34 2.44 26.02
C LYS C 163 -10.36 1.48 25.41
C LYS C 163 -10.37 1.49 25.42
N LYS C 164 -10.79 0.45 26.14
CA LYS C 164 -11.79 -0.47 25.61
C LYS C 164 -12.96 0.31 25.02
N SER C 165 -13.41 -0.12 23.84
CA SER C 165 -14.28 0.73 23.04
C SER C 165 -15.71 0.73 23.56
N LYS C 166 -16.34 1.90 23.47
CA LYS C 166 -17.70 2.12 23.93
C LYS C 166 -18.47 2.80 22.81
N LEU C 167 -19.54 2.15 22.34
CA LEU C 167 -20.42 2.69 21.32
C LEU C 167 -21.76 3.04 21.95
N GLU C 168 -22.34 4.17 21.52
CA GLU C 168 -23.60 4.67 22.06
C GLU C 168 -24.72 4.53 21.05
N PHE C 169 -25.91 4.20 21.54
CA PHE C 169 -27.17 4.35 20.81
C PHE C 169 -28.04 5.32 21.60
N SER C 170 -28.21 6.52 21.07
CA SER C 170 -28.79 7.63 21.82
C SER C 170 -30.08 8.12 21.18
N ILE C 171 -31.08 8.39 22.01
CA ILE C 171 -32.32 9.00 21.55
C ILE C 171 -32.23 10.51 21.73
N TYR C 172 -32.26 11.21 20.60
CA TYR C 172 -32.25 12.67 20.49
C TYR C 172 -33.67 13.19 20.61
N PRO C 173 -33.91 14.26 21.39
CA PRO C 173 -35.29 14.61 21.75
C PRO C 173 -36.08 15.21 20.60
N ALA C 174 -37.40 14.99 20.64
CA ALA C 174 -38.33 15.53 19.67
C ALA C 174 -39.58 15.96 20.43
N PRO C 175 -40.11 17.15 20.14
CA PRO C 175 -41.29 17.62 20.91
C PRO C 175 -42.52 16.74 20.79
N GLN C 176 -42.63 15.94 19.74
CA GLN C 176 -43.85 15.12 19.52
C GLN C 176 -43.97 14.04 20.60
N VAL C 177 -42.90 13.71 21.32
CA VAL C 177 -42.94 12.60 22.31
C VAL C 177 -42.08 12.97 23.51
N SER C 178 -41.64 14.23 23.60
CA SER C 178 -40.73 14.63 24.66
C SER C 178 -41.48 14.73 25.99
N THR C 179 -40.84 14.25 27.06
CA THR C 179 -41.45 14.17 28.37
C THR C 179 -41.07 15.32 29.29
N ALA C 180 -40.19 16.23 28.85
CA ALA C 180 -39.67 17.26 29.72
C ALA C 180 -39.28 18.49 28.92
N VAL C 181 -39.53 19.66 29.51
CA VAL C 181 -39.16 20.92 28.90
C VAL C 181 -37.65 21.14 28.94
N VAL C 182 -36.93 20.48 29.86
CA VAL C 182 -35.50 20.73 30.04
C VAL C 182 -34.61 19.76 29.28
N GLU C 183 -35.18 19.00 28.34
CA GLU C 183 -34.36 18.01 27.64
C GLU C 183 -33.20 18.61 26.86
N PRO C 184 -33.28 19.84 26.32
CA PRO C 184 -32.07 20.41 25.71
C PRO C 184 -30.90 20.58 26.67
N TYR C 185 -31.17 20.97 27.91
CA TYR C 185 -30.12 21.03 28.94
C TYR C 185 -29.46 19.67 29.13
N ASN C 186 -30.25 18.66 29.49
CA ASN C 186 -29.72 17.32 29.71
C ASN C 186 -28.99 16.81 28.48
N SER C 187 -29.45 17.19 27.28
CA SER C 187 -28.83 16.72 26.05
C SER C 187 -27.43 17.30 25.87
N ILE C 188 -27.27 18.60 26.11
CA ILE C 188 -25.96 19.23 25.96
C ILE C 188 -25.02 18.78 27.07
N LEU C 189 -25.53 18.62 28.29
CA LEU C 189 -24.68 18.18 29.39
C LEU C 189 -24.13 16.79 29.16
N THR C 190 -24.98 15.85 28.73
CA THR C 190 -24.49 14.49 28.54
C THR C 190 -23.56 14.39 27.33
N THR C 191 -23.87 15.14 26.27
CA THR C 191 -23.01 15.12 25.08
C THR C 191 -21.65 15.72 25.39
N HIS C 192 -21.60 16.79 26.18
CA HIS C 192 -20.32 17.34 26.57
C HIS C 192 -19.51 16.34 27.39
N THR C 193 -20.15 15.75 28.41
CA THR C 193 -19.46 14.89 29.36
C THR C 193 -18.97 13.59 28.72
N THR C 194 -19.65 13.15 27.67
CA THR C 194 -19.42 11.84 27.08
C THR C 194 -18.53 11.89 25.84
N LEU C 195 -18.40 13.05 25.21
CA LEU C 195 -17.67 13.17 23.91
C LEU C 195 -16.32 12.45 23.94
N GLU C 196 -15.52 12.63 24.99
CA GLU C 196 -14.19 12.04 24.95
C GLU C 196 -14.14 10.63 25.53
N HIS C 197 -15.29 10.07 25.94
CA HIS C 197 -15.35 8.70 26.45
C HIS C 197 -16.01 7.74 25.47
N SER C 198 -16.57 8.24 24.38
CA SER C 198 -17.30 7.43 23.41
C SER C 198 -16.50 7.36 22.11
N ASP C 199 -16.34 6.15 21.58
CA ASP C 199 -15.61 5.99 20.32
C ASP C 199 -16.49 6.26 19.12
N CYS C 200 -17.78 6.04 19.25
CA CYS C 200 -18.70 6.15 18.11
C CYS C 200 -20.13 6.11 18.64
N ALA C 201 -20.94 7.10 18.28
CA ALA C 201 -22.30 7.21 18.78
C ALA C 201 -23.27 7.30 17.61
N PHE C 202 -24.31 6.46 17.64
CA PHE C 202 -25.35 6.44 16.63
C PHE C 202 -26.57 7.15 17.21
N MET C 203 -26.84 8.34 16.71
CA MET C 203 -27.95 9.16 17.18
C MET C 203 -29.21 8.78 16.42
N VAL C 204 -30.32 8.62 17.14
CA VAL C 204 -31.63 8.43 16.53
C VAL C 204 -32.50 9.59 16.96
N ASP C 205 -32.96 10.36 15.98
CA ASP C 205 -33.85 11.51 16.19
C ASP C 205 -35.30 11.01 16.27
N ASN C 206 -35.92 11.16 17.45
CA ASN C 206 -37.29 10.69 17.64
C ASN C 206 -38.25 11.31 16.63
N GLU C 207 -38.01 12.55 16.20
CA GLU C 207 -38.91 13.15 15.22
C GLU C 207 -38.74 12.49 13.86
N ALA C 208 -37.49 12.22 13.47
CA ALA C 208 -37.26 11.50 12.20
C ALA C 208 -37.97 10.16 12.21
N ILE C 209 -37.75 9.37 13.26
CA ILE C 209 -38.40 8.06 13.37
C ILE C 209 -39.91 8.21 13.41
N TYR C 210 -40.39 9.18 14.19
CA TYR C 210 -41.82 9.45 14.26
C TYR C 210 -42.40 9.69 12.88
N ASP C 211 -41.74 10.55 12.09
CA ASP C 211 -42.26 10.86 10.76
C ASP C 211 -42.23 9.64 9.85
N ILE C 212 -41.14 8.87 9.86
CA ILE C 212 -41.05 7.70 9.00
C ILE C 212 -42.19 6.73 9.30
N CYS C 213 -42.48 6.50 10.59
CA CYS C 213 -43.57 5.62 10.96
C CYS C 213 -44.91 6.14 10.45
N ARG C 214 -45.10 7.46 10.50
CA ARG C 214 -46.37 8.01 10.04
C ARG C 214 -46.50 7.90 8.52
N ARG C 215 -45.43 8.24 7.80
CA ARG C 215 -45.48 8.33 6.34
C ARG C 215 -45.36 6.97 5.66
N ASN C 216 -44.40 6.15 6.12
CA ASN C 216 -44.07 4.90 5.43
C ASN C 216 -44.84 3.70 5.95
N LEU C 217 -45.27 3.72 7.20
CA LEU C 217 -45.97 2.60 7.80
C LEU C 217 -47.47 2.83 7.95
N ASP C 218 -47.94 4.06 7.78
CA ASP C 218 -49.36 4.39 7.81
C ASP C 218 -49.95 4.30 9.22
N ILE C 219 -49.14 4.62 10.22
CA ILE C 219 -49.54 4.68 11.62
C ILE C 219 -49.85 6.13 11.95
N GLU C 220 -51.12 6.44 12.24
CA GLU C 220 -51.51 7.85 12.36
C GLU C 220 -50.86 8.53 13.56
N ARG C 221 -50.73 7.82 14.68
CA ARG C 221 -50.14 8.38 15.90
C ARG C 221 -49.18 7.37 16.52
N PRO C 222 -47.94 7.32 16.03
CA PRO C 222 -47.01 6.29 16.50
C PRO C 222 -46.79 6.35 18.01
N THR C 223 -46.52 5.18 18.58
CA THR C 223 -46.16 5.00 19.97
C THR C 223 -44.70 4.61 20.09
N TYR C 224 -44.20 4.57 21.33
CA TYR C 224 -42.86 4.06 21.57
C TYR C 224 -42.71 2.66 20.99
N THR C 225 -43.77 1.85 21.06
CA THR C 225 -43.71 0.50 20.52
C THR C 225 -43.40 0.51 19.03
N ASN C 226 -44.07 1.38 18.27
CA ASN C 226 -43.76 1.54 16.86
C ASN C 226 -42.32 2.01 16.67
N LEU C 227 -41.90 3.02 17.44
CA LEU C 227 -40.57 3.58 17.26
C LEU C 227 -39.50 2.55 17.58
N ASN C 228 -39.62 1.86 18.71
CA ASN C 228 -38.56 0.94 19.13
C ASN C 228 -38.39 -0.21 18.14
N ARG C 229 -39.51 -0.76 17.66
N ARG C 229 -39.51 -0.75 17.65
CA ARG C 229 -39.44 -1.84 16.69
CA ARG C 229 -39.42 -1.85 16.69
C ARG C 229 -38.63 -1.43 15.46
C ARG C 229 -38.64 -1.43 15.45
N LEU C 230 -38.87 -0.22 14.96
CA LEU C 230 -38.10 0.28 13.83
C LEU C 230 -36.64 0.49 14.23
N ILE C 231 -36.40 1.14 15.38
CA ILE C 231 -35.04 1.33 15.87
C ILE C 231 -34.30 -0.01 15.93
N SER C 232 -34.96 -1.04 16.46
CA SER C 232 -34.29 -2.31 16.64
C SER C 232 -33.77 -2.89 15.32
N GLN C 233 -34.51 -2.67 14.22
CA GLN C 233 -34.02 -3.11 12.91
C GLN C 233 -32.70 -2.42 12.55
N ILE C 234 -32.58 -1.13 12.86
CA ILE C 234 -31.31 -0.45 12.63
C ILE C 234 -30.23 -1.04 13.52
N VAL C 235 -30.55 -1.27 14.80
CA VAL C 235 -29.55 -1.85 15.69
C VAL C 235 -29.17 -3.24 15.23
N SER C 236 -30.14 -4.06 14.84
CA SER C 236 -29.82 -5.41 14.38
C SER C 236 -28.90 -5.38 13.16
N SER C 237 -29.15 -4.45 12.23
CA SER C 237 -28.30 -4.36 11.04
C SER C 237 -26.86 -4.06 11.41
N ILE C 238 -26.64 -3.16 12.38
CA ILE C 238 -25.28 -2.78 12.73
C ILE C 238 -24.55 -3.93 13.43
N THR C 239 -25.24 -4.62 14.33
CA THR C 239 -24.60 -5.72 15.05
C THR C 239 -24.60 -7.03 14.27
N ALA C 240 -25.38 -7.13 13.20
CA ALA C 240 -25.43 -8.38 12.44
C ALA C 240 -24.04 -8.82 11.99
N SER C 241 -23.15 -7.85 11.78
CA SER C 241 -21.76 -8.17 11.37
C SER C 241 -21.08 -9.03 12.44
N LEU C 242 -21.43 -8.82 13.71
CA LEU C 242 -20.80 -9.53 14.82
C LEU C 242 -21.51 -10.83 15.18
N ARG C 243 -22.82 -10.91 14.97
CA ARG C 243 -23.57 -12.07 15.39
C ARG C 243 -23.61 -13.19 14.36
N PHE C 244 -23.43 -12.85 13.07
CA PHE C 244 -23.37 -13.83 11.99
C PHE C 244 -22.02 -13.77 11.31
N ASP C 245 -21.73 -14.78 10.48
CA ASP C 245 -20.52 -14.77 9.66
C ASP C 245 -20.89 -15.15 8.24
N GLY C 246 -20.31 -14.43 7.28
CA GLY C 246 -20.51 -14.73 5.89
C GLY C 246 -19.27 -14.34 5.11
N ALA C 247 -19.14 -14.94 3.92
CA ALA C 247 -17.98 -14.67 3.08
C ALA C 247 -17.91 -13.19 2.70
N LEU C 248 -19.06 -12.56 2.47
CA LEU C 248 -19.13 -11.15 2.13
C LEU C 248 -19.46 -10.26 3.33
N ASN C 249 -19.69 -10.85 4.50
CA ASN C 249 -19.95 -10.07 5.69
C ASN C 249 -18.68 -9.34 6.12
N VAL C 250 -18.82 -8.06 6.45
CA VAL C 250 -17.69 -7.24 6.86
C VAL C 250 -17.93 -6.72 8.27
N ASP C 251 -16.89 -6.76 9.09
CA ASP C 251 -17.02 -6.51 10.53
C ASP C 251 -17.21 -5.04 10.83
N LEU C 252 -17.89 -4.76 11.95
CA LEU C 252 -18.25 -3.39 12.30
C LEU C 252 -17.02 -2.53 12.61
N THR C 253 -15.93 -3.18 13.03
CA THR C 253 -14.67 -2.47 13.36
C THR C 253 -14.03 -1.95 12.07
N GLU C 254 -14.17 -2.70 10.98
CA GLU C 254 -13.68 -2.21 9.70
C GLU C 254 -14.48 -1.00 9.22
N PHE C 255 -15.79 -1.00 9.50
CA PHE C 255 -16.60 0.19 9.23
C PHE C 255 -16.16 1.36 10.10
N GLN C 256 -15.84 1.10 11.37
CA GLN C 256 -15.45 2.18 12.28
C GLN C 256 -14.20 2.90 11.80
N THR C 257 -13.24 2.16 11.26
CA THR C 257 -12.05 2.77 10.72
C THR C 257 -12.41 3.83 9.69
N ASN C 258 -13.28 3.45 8.74
CA ASN C 258 -13.73 4.38 7.72
C ASN C 258 -14.60 5.49 8.30
N LEU C 259 -15.39 5.22 9.33
CA LEU C 259 -16.41 6.16 9.79
C LEU C 259 -15.88 7.26 10.69
N VAL C 260 -14.75 7.07 11.37
CA VAL C 260 -14.30 8.06 12.35
C VAL C 260 -12.96 8.63 11.91
N PRO C 261 -12.97 9.75 11.17
CA PRO C 261 -11.70 10.32 10.69
C PRO C 261 -10.94 11.10 11.75
N TYR C 262 -11.62 11.62 12.77
CA TYR C 262 -11.02 12.30 13.90
C TYR C 262 -11.82 11.95 15.15
N PRO C 263 -11.16 11.87 16.31
CA PRO C 263 -11.85 11.40 17.51
C PRO C 263 -13.21 12.05 17.73
N ARG C 264 -13.30 13.38 17.68
CA ARG C 264 -14.56 14.05 18.01
C ARG C 264 -15.63 13.86 16.96
N ILE C 265 -15.27 13.50 15.73
CA ILE C 265 -16.21 13.38 14.63
C ILE C 265 -16.73 11.95 14.53
N HIS C 266 -17.43 11.48 15.55
CA HIS C 266 -17.76 10.06 15.64
C HIS C 266 -19.26 9.81 15.68
N PHE C 267 -20.03 10.56 14.89
CA PHE C 267 -21.50 10.54 14.91
C PHE C 267 -22.05 10.18 13.53
N PRO C 268 -22.08 8.90 13.17
CA PRO C 268 -22.60 8.54 11.84
C PRO C 268 -24.10 8.76 11.74
N LEU C 269 -24.55 9.11 10.52
CA LEU C 269 -25.96 9.24 10.19
C LEU C 269 -26.46 7.93 9.59
N ALA C 270 -27.51 7.36 10.17
CA ALA C 270 -28.05 6.08 9.76
C ALA C 270 -29.29 6.26 8.88
N THR C 271 -29.45 5.36 7.90
CA THR C 271 -30.70 5.21 7.17
C THR C 271 -31.01 3.73 7.06
N TYR C 272 -32.26 3.43 6.74
CA TYR C 272 -32.67 2.05 6.63
C TYR C 272 -33.76 1.96 5.56
N ALA C 273 -33.68 0.94 4.71
CA ALA C 273 -34.71 0.68 3.72
C ALA C 273 -34.78 -0.81 3.45
N PRO C 274 -35.96 -1.33 3.09
CA PRO C 274 -37.23 -0.62 2.90
C PRO C 274 -38.04 -0.52 4.20
N VAL C 275 -38.73 0.60 4.43
CA VAL C 275 -39.68 0.72 5.55
C VAL C 275 -41.06 0.78 4.91
N ILE C 276 -41.78 -0.33 4.95
CA ILE C 276 -43.02 -0.46 4.20
C ILE C 276 -43.94 -1.43 4.93
N SER C 277 -45.24 -1.18 4.81
CA SER C 277 -46.22 -2.03 5.48
C SER C 277 -46.55 -3.24 4.64
N ALA C 278 -47.20 -4.22 5.28
CA ALA C 278 -47.65 -5.41 4.56
C ALA C 278 -48.57 -5.04 3.40
N GLU C 279 -49.47 -4.08 3.61
CA GLU C 279 -50.43 -3.72 2.57
C GLU C 279 -49.72 -3.24 1.31
N LYS C 280 -48.77 -2.30 1.46
CA LYS C 280 -48.09 -1.74 0.29
C LYS C 280 -47.10 -2.71 -0.32
N ALA C 281 -46.44 -3.53 0.49
CA ALA C 281 -45.46 -4.47 -0.03
C ALA C 281 -46.09 -5.68 -0.68
N TYR C 282 -47.41 -5.83 -0.57
CA TYR C 282 -48.08 -7.04 -1.11
C TYR C 282 -47.87 -7.07 -2.61
N HIS C 283 -47.93 -5.90 -3.23
CA HIS C 283 -47.75 -5.81 -4.70
C HIS C 283 -46.57 -4.89 -5.00
N GLU C 284 -45.37 -5.31 -4.57
CA GLU C 284 -44.19 -4.43 -4.77
C GLU C 284 -42.94 -5.19 -4.35
N GLN C 285 -42.21 -5.74 -5.31
CA GLN C 285 -40.92 -6.42 -4.99
C GLN C 285 -39.83 -5.36 -5.07
N LEU C 286 -39.26 -4.98 -3.93
CA LEU C 286 -38.28 -3.88 -3.90
C LEU C 286 -36.88 -4.40 -4.24
N SER C 287 -36.27 -3.82 -5.26
CA SER C 287 -34.95 -4.26 -5.77
C SER C 287 -33.81 -3.59 -5.02
N VAL C 288 -32.61 -4.17 -5.12
CA VAL C 288 -31.42 -3.54 -4.51
C VAL C 288 -31.38 -2.10 -5.00
N ALA C 289 -31.73 -1.86 -6.27
CA ALA C 289 -31.65 -0.49 -6.76
C ALA C 289 -32.60 0.43 -6.00
N GLU C 290 -33.82 -0.03 -5.74
CA GLU C 290 -34.82 0.84 -5.08
C GLU C 290 -34.41 1.12 -3.63
N ILE C 291 -34.03 0.09 -2.89
CA ILE C 291 -33.69 0.31 -1.48
C ILE C 291 -32.38 1.09 -1.35
N THR C 292 -31.46 0.93 -2.30
CA THR C 292 -30.23 1.71 -2.24
C THR C 292 -30.54 3.18 -2.48
N ASN C 293 -31.36 3.46 -3.48
CA ASN C 293 -31.78 4.82 -3.77
C ASN C 293 -32.43 5.47 -2.55
N ALA C 294 -33.29 4.72 -1.85
CA ALA C 294 -33.97 5.26 -0.67
C ALA C 294 -32.99 5.73 0.40
N CYS C 295 -31.79 5.15 0.45
CA CYS C 295 -30.84 5.57 1.48
C CYS C 295 -30.39 7.01 1.31
N PHE C 296 -30.54 7.57 0.12
CA PHE C 296 -30.10 8.94 -0.14
C PHE C 296 -31.24 9.95 -0.15
N GLU C 297 -32.45 9.51 0.17
CA GLU C 297 -33.57 10.45 0.31
C GLU C 297 -33.46 11.15 1.66
N PRO C 298 -33.43 12.50 1.69
CA PRO C 298 -33.35 13.19 3.00
C PRO C 298 -34.39 12.74 4.01
N ALA C 299 -35.60 12.41 3.53
CA ALA C 299 -36.69 12.03 4.43
C ALA C 299 -36.52 10.65 5.04
N ASN C 300 -35.51 9.88 4.64
CA ASN C 300 -35.29 8.56 5.21
C ASN C 300 -34.20 8.54 6.27
N GLN C 301 -33.62 9.70 6.58
CA GLN C 301 -32.53 9.75 7.54
C GLN C 301 -33.06 9.58 8.96
N MET C 302 -32.28 8.91 9.80
CA MET C 302 -32.66 8.71 11.20
C MET C 302 -32.43 9.95 12.05
N VAL C 303 -31.82 10.99 11.48
CA VAL C 303 -31.72 12.29 12.11
C VAL C 303 -32.13 13.32 11.08
N LYS C 304 -33.00 14.25 11.46
CA LYS C 304 -33.48 15.27 10.53
C LYS C 304 -32.34 16.21 10.17
N CYS C 305 -31.90 16.17 8.92
CA CYS C 305 -30.91 17.08 8.37
C CYS C 305 -30.91 16.87 6.85
N ASP C 306 -30.16 17.70 6.13
CA ASP C 306 -30.13 17.60 4.68
C ASP C 306 -28.72 17.32 4.17
N PRO C 307 -28.39 16.06 3.91
CA PRO C 307 -27.02 15.75 3.47
C PRO C 307 -26.67 16.33 2.11
N ARG C 308 -27.66 16.74 1.31
CA ARG C 308 -27.32 17.45 0.08
C ARG C 308 -26.57 18.75 0.37
N HIS C 309 -26.86 19.36 1.52
CA HIS C 309 -26.22 20.61 1.90
C HIS C 309 -24.92 20.40 2.67
N GLY C 310 -24.43 19.16 2.75
CA GLY C 310 -23.18 18.89 3.43
C GLY C 310 -22.21 18.13 2.56
N LYS C 311 -21.14 17.63 3.16
CA LYS C 311 -20.17 16.82 2.44
C LYS C 311 -20.04 15.48 3.14
N TYR C 312 -19.92 14.42 2.35
CA TYR C 312 -19.68 13.09 2.90
C TYR C 312 -18.21 12.88 3.17
N MET C 313 -17.93 12.25 4.31
CA MET C 313 -16.61 11.70 4.58
C MET C 313 -16.59 10.17 4.53
N ALA C 314 -17.75 9.52 4.44
CA ALA C 314 -17.82 8.07 4.35
C ALA C 314 -19.26 7.64 4.12
N CYS C 315 -19.44 6.60 3.32
CA CYS C 315 -20.69 5.89 3.19
C CYS C 315 -20.43 4.40 3.35
N CYS C 316 -21.06 3.79 4.34
CA CYS C 316 -21.01 2.35 4.54
C CYS C 316 -22.40 1.79 4.33
N LEU C 317 -22.52 0.87 3.39
CA LEU C 317 -23.78 0.20 3.14
C LEU C 317 -23.70 -1.21 3.69
N LEU C 318 -24.64 -1.55 4.56
CA LEU C 318 -24.74 -2.87 5.16
C LEU C 318 -25.98 -3.54 4.56
N TYR C 319 -25.77 -4.32 3.51
CA TYR C 319 -26.85 -5.05 2.88
C TYR C 319 -27.13 -6.34 3.64
N ARG C 320 -28.38 -6.81 3.58
CA ARG C 320 -28.64 -8.11 4.14
C ARG C 320 -29.80 -8.79 3.42
N GLY C 321 -29.70 -10.12 3.35
CA GLY C 321 -30.71 -10.93 2.68
C GLY C 321 -30.31 -11.28 1.28
N ASP C 322 -31.29 -11.30 0.37
CA ASP C 322 -31.10 -11.73 -1.01
C ASP C 322 -30.42 -10.60 -1.80
N VAL C 323 -29.08 -10.59 -1.77
CA VAL C 323 -28.30 -9.55 -2.43
C VAL C 323 -27.03 -10.18 -2.98
N VAL C 324 -26.71 -9.87 -4.23
CA VAL C 324 -25.47 -10.35 -4.85
C VAL C 324 -24.64 -9.17 -5.32
N PRO C 325 -23.30 -9.29 -5.33
CA PRO C 325 -22.45 -8.12 -5.64
C PRO C 325 -22.78 -7.41 -6.93
N LYS C 326 -23.14 -8.15 -7.98
CA LYS C 326 -23.44 -7.53 -9.27
C LYS C 326 -24.54 -6.47 -9.14
N ASP C 327 -25.59 -6.78 -8.39
CA ASP C 327 -26.69 -5.83 -8.22
C ASP C 327 -26.25 -4.59 -7.44
N VAL C 328 -25.43 -4.79 -6.41
CA VAL C 328 -24.93 -3.64 -5.64
C VAL C 328 -24.10 -2.73 -6.52
N ASN C 329 -23.16 -3.29 -7.29
CA ASN C 329 -22.36 -2.48 -8.20
C ASN C 329 -23.23 -1.61 -9.09
N ALA C 330 -24.21 -2.21 -9.78
CA ALA C 330 -25.08 -1.40 -10.64
C ALA C 330 -25.82 -0.33 -9.84
N ALA C 331 -26.31 -0.68 -8.65
CA ALA C 331 -27.06 0.28 -7.85
C ALA C 331 -26.22 1.51 -7.52
N ILE C 332 -25.00 1.29 -7.05
CA ILE C 332 -24.16 2.42 -6.67
C ILE C 332 -23.73 3.21 -7.89
N ALA C 333 -23.42 2.52 -8.99
CA ALA C 333 -23.10 3.22 -10.23
C ALA C 333 -24.20 4.21 -10.59
N THR C 334 -25.45 3.75 -10.54
CA THR C 334 -26.58 4.63 -10.79
C THR C 334 -26.59 5.81 -9.83
N ILE C 335 -26.48 5.53 -8.52
CA ILE C 335 -26.57 6.59 -7.53
C ILE C 335 -25.48 7.64 -7.76
N LYS C 336 -24.24 7.19 -8.05
CA LYS C 336 -23.15 8.14 -8.25
C LYS C 336 -23.50 9.18 -9.29
N THR C 337 -24.18 8.78 -10.36
CA THR C 337 -24.47 9.71 -11.45
C THR C 337 -25.76 10.49 -11.24
N LYS C 338 -26.87 9.80 -10.96
CA LYS C 338 -28.14 10.49 -10.80
C LYS C 338 -28.20 11.38 -9.56
N ARG C 339 -27.23 11.26 -8.66
CA ARG C 339 -27.24 11.99 -7.40
C ARG C 339 -26.07 12.98 -7.34
N SER C 340 -26.15 13.87 -6.35
CA SER C 340 -25.10 14.84 -6.08
C SER C 340 -24.45 14.50 -4.74
N ILE C 341 -23.66 13.43 -4.75
CA ILE C 341 -22.95 12.97 -3.57
C ILE C 341 -21.57 13.61 -3.60
N GLN C 342 -21.33 14.54 -2.69
CA GLN C 342 -20.05 15.26 -2.62
C GLN C 342 -19.25 14.74 -1.44
N PHE C 343 -18.07 14.20 -1.72
CA PHE C 343 -17.12 13.76 -0.71
C PHE C 343 -16.06 14.84 -0.48
N VAL C 344 -15.54 14.90 0.74
CA VAL C 344 -14.38 15.74 1.01
C VAL C 344 -13.19 15.28 0.17
N ASP C 345 -12.28 16.21 -0.11
CA ASP C 345 -11.17 15.88 -1.00
C ASP C 345 -10.06 15.10 -0.30
N TRP C 346 -10.17 14.92 1.02
CA TRP C 346 -9.14 14.18 1.77
C TRP C 346 -9.54 12.71 1.98
N CYS C 347 -10.69 12.30 1.45
CA CYS C 347 -11.10 10.87 1.55
C CYS C 347 -11.04 10.23 0.16
N PRO C 348 -10.02 9.40 -0.12
CA PRO C 348 -9.87 8.79 -1.44
C PRO C 348 -11.00 7.81 -1.69
N THR C 349 -11.23 6.90 -0.75
CA THR C 349 -12.30 5.88 -0.93
C THR C 349 -13.52 6.28 -0.08
N GLY C 350 -14.64 6.58 -0.72
CA GLY C 350 -15.81 7.05 0.05
C GLY C 350 -16.80 5.97 0.39
N PHE C 351 -16.83 4.89 -0.39
CA PHE C 351 -17.83 3.85 -0.19
C PHE C 351 -17.20 2.59 0.38
N LYS C 352 -17.88 2.00 1.36
CA LYS C 352 -17.54 0.68 1.86
C LYS C 352 -18.82 -0.13 1.92
N VAL C 353 -18.75 -1.37 1.45
CA VAL C 353 -19.95 -2.15 1.16
C VAL C 353 -19.74 -3.57 1.66
N GLY C 354 -20.73 -4.09 2.38
CA GLY C 354 -20.72 -5.48 2.77
C GLY C 354 -22.11 -6.07 2.66
N ILE C 355 -22.16 -7.41 2.62
CA ILE C 355 -23.41 -8.14 2.53
C ILE C 355 -23.46 -9.15 3.67
N ASN C 356 -24.51 -9.09 4.48
CA ASN C 356 -24.81 -10.15 5.42
C ASN C 356 -25.95 -10.97 4.85
N TYR C 357 -25.73 -12.28 4.70
CA TYR C 357 -26.72 -13.07 3.98
C TYR C 357 -27.92 -13.45 4.83
N GLN C 358 -27.86 -13.26 6.14
CA GLN C 358 -28.99 -13.53 7.00
C GLN C 358 -30.16 -12.63 6.64
N PRO C 359 -31.33 -13.19 6.33
CA PRO C 359 -32.42 -12.35 5.86
C PRO C 359 -33.00 -11.51 6.99
N PRO C 360 -33.55 -10.34 6.68
CA PRO C 360 -34.20 -9.56 7.73
C PRO C 360 -35.41 -10.31 8.27
N THR C 361 -35.63 -10.16 9.58
CA THR C 361 -36.79 -10.75 10.20
C THR C 361 -37.59 -9.66 10.92
N VAL C 362 -38.83 -9.99 11.25
CA VAL C 362 -39.73 -9.05 11.89
C VAL C 362 -40.50 -9.79 12.97
N VAL C 363 -40.89 -9.04 14.00
CA VAL C 363 -41.67 -9.61 15.10
C VAL C 363 -43.13 -9.80 14.64
N PRO C 364 -43.74 -10.93 14.91
CA PRO C 364 -45.16 -11.09 14.56
C PRO C 364 -46.00 -10.01 15.24
N GLY C 365 -46.97 -9.49 14.50
CA GLY C 365 -47.78 -8.39 14.98
C GLY C 365 -47.15 -7.02 14.86
N GLY C 366 -45.89 -6.94 14.43
CA GLY C 366 -45.27 -5.68 14.15
C GLY C 366 -45.87 -5.01 12.94
N ASP C 367 -45.34 -3.83 12.62
CA ASP C 367 -45.84 -3.04 11.51
C ASP C 367 -45.01 -3.17 10.24
N LEU C 368 -43.84 -3.77 10.32
CA LEU C 368 -42.98 -3.89 9.15
C LEU C 368 -43.37 -5.11 8.34
N ALA C 369 -43.46 -4.95 7.03
CA ALA C 369 -43.61 -6.09 6.14
C ALA C 369 -42.34 -6.93 6.13
N LYS C 370 -42.51 -8.22 5.91
CA LYS C 370 -41.36 -9.12 5.79
C LYS C 370 -40.84 -9.05 4.36
N VAL C 371 -39.59 -8.62 4.21
CA VAL C 371 -39.00 -8.40 2.90
C VAL C 371 -37.82 -9.34 2.72
N GLN C 372 -37.47 -9.59 1.45
CA GLN C 372 -36.37 -10.50 1.15
C GLN C 372 -35.01 -9.86 1.29
N ARG C 373 -34.91 -8.54 1.13
CA ARG C 373 -33.63 -7.86 1.20
C ARG C 373 -33.80 -6.50 1.87
N ALA C 374 -32.76 -6.07 2.58
CA ALA C 374 -32.77 -4.80 3.28
C ALA C 374 -31.37 -4.20 3.25
N VAL C 375 -31.29 -2.90 3.54
CA VAL C 375 -30.00 -2.22 3.54
C VAL C 375 -30.00 -1.16 4.63
N CYS C 376 -28.90 -1.08 5.36
CA CYS C 376 -28.69 -0.01 6.31
C CYS C 376 -27.45 0.77 5.89
N MET C 377 -27.60 2.09 5.78
CA MET C 377 -26.47 2.94 5.43
C MET C 377 -26.04 3.75 6.64
N LEU C 378 -24.76 3.67 6.96
CA LEU C 378 -24.11 4.54 7.92
C LEU C 378 -23.21 5.49 7.15
N SER C 379 -23.50 6.79 7.19
CA SER C 379 -22.65 7.76 6.54
C SER C 379 -22.15 8.79 7.54
N ASN C 380 -20.98 9.34 7.25
CA ASN C 380 -20.45 10.47 8.02
C ASN C 380 -20.50 11.70 7.13
N THR C 381 -21.45 12.59 7.43
CA THR C 381 -21.67 13.81 6.67
C THR C 381 -21.64 14.99 7.62
N THR C 382 -21.11 16.12 7.14
CA THR C 382 -21.16 17.35 7.92
C THR C 382 -22.58 17.79 8.20
N ALA C 383 -23.55 17.31 7.42
CA ALA C 383 -24.93 17.76 7.60
C ALA C 383 -25.46 17.41 8.98
N ILE C 384 -24.91 16.37 9.63
CA ILE C 384 -25.40 16.02 10.95
C ILE C 384 -25.24 17.15 11.93
N ALA C 385 -24.33 18.11 11.65
CA ALA C 385 -24.18 19.27 12.52
C ALA C 385 -25.47 20.07 12.66
N GLU C 386 -26.38 20.00 11.68
CA GLU C 386 -27.67 20.67 11.80
C GLU C 386 -28.41 20.25 13.06
N ALA C 387 -28.27 18.98 13.46
CA ALA C 387 -28.93 18.52 14.68
C ALA C 387 -28.31 19.20 15.91
N TRP C 388 -26.99 19.37 15.91
CA TRP C 388 -26.36 20.10 17.02
C TRP C 388 -26.82 21.55 17.05
N ALA C 389 -26.87 22.20 15.89
CA ALA C 389 -27.36 23.57 15.82
C ALA C 389 -28.74 23.72 16.45
N ARG C 390 -29.67 22.82 16.09
CA ARG C 390 -31.04 22.95 16.58
C ARG C 390 -31.11 22.79 18.09
N LEU C 391 -30.37 21.81 18.64
CA LEU C 391 -30.31 21.65 20.09
C LEU C 391 -29.71 22.88 20.75
N ASP C 392 -28.55 23.33 20.26
CA ASP C 392 -27.87 24.46 20.87
C ASP C 392 -28.73 25.70 20.90
N HIS C 393 -29.58 25.90 19.89
CA HIS C 393 -30.45 27.08 19.89
C HIS C 393 -31.48 27.01 21.00
N LYS C 394 -32.07 25.83 21.23
CA LYS C 394 -33.03 25.68 22.31
C LYS C 394 -32.36 25.88 23.66
N PHE C 395 -31.16 25.34 23.83
CA PHE C 395 -30.36 25.62 25.02
C PHE C 395 -30.19 27.12 25.23
N ASP C 396 -29.71 27.83 24.21
CA ASP C 396 -29.38 29.24 24.39
C ASP C 396 -30.61 30.05 24.78
N LEU C 397 -31.78 29.73 24.23
CA LEU C 397 -32.96 30.51 24.54
C LEU C 397 -33.30 30.43 26.02
N MET C 398 -33.28 29.23 26.57
CA MET C 398 -33.60 29.04 27.98
C MET C 398 -32.49 29.56 28.87
N TYR C 399 -31.25 29.27 28.51
CA TYR C 399 -30.12 29.60 29.37
C TYR C 399 -29.88 31.11 29.46
N ALA C 400 -30.19 31.85 28.40
CA ALA C 400 -30.06 33.30 28.47
C ALA C 400 -30.83 33.89 29.64
N LYS C 401 -31.93 33.25 30.04
CA LYS C 401 -32.71 33.70 31.19
C LYS C 401 -32.50 32.85 32.42
N ARG C 402 -31.64 31.83 32.35
CA ARG C 402 -31.40 30.93 33.46
C ARG C 402 -32.64 30.15 33.84
N ALA C 403 -33.57 29.97 32.89
CA ALA C 403 -34.79 29.24 33.17
C ALA C 403 -34.49 27.80 33.57
N PHE C 404 -35.07 27.38 34.70
CA PHE C 404 -34.99 26.01 35.20
C PHE C 404 -33.63 25.66 35.80
N VAL C 405 -32.65 26.57 35.69
CA VAL C 405 -31.29 26.26 36.12
C VAL C 405 -31.22 25.99 37.61
N HIS C 406 -32.09 26.62 38.40
CA HIS C 406 -32.08 26.42 39.85
C HIS C 406 -32.30 24.95 40.24
N TRP C 407 -32.95 24.16 39.38
CA TRP C 407 -33.14 22.74 39.68
C TRP C 407 -31.81 22.00 39.70
N TYR C 408 -30.93 22.32 38.74
CA TYR C 408 -29.61 21.68 38.67
C TYR C 408 -28.69 22.23 39.74
N VAL C 409 -28.71 23.55 39.95
CA VAL C 409 -27.88 24.16 40.96
C VAL C 409 -28.26 23.65 42.35
N GLY C 410 -29.56 23.55 42.61
CA GLY C 410 -30.03 23.04 43.89
C GLY C 410 -29.53 21.64 44.19
N GLU C 411 -29.22 20.86 43.15
CA GLU C 411 -28.72 19.50 43.31
C GLU C 411 -27.20 19.42 43.42
N GLY C 412 -26.49 20.56 43.36
CA GLY C 412 -25.05 20.58 43.51
C GLY C 412 -24.28 21.06 42.29
N MET C 413 -24.92 21.28 41.15
CA MET C 413 -24.18 21.71 39.99
C MET C 413 -23.90 23.21 40.05
N GLU C 414 -22.89 23.63 39.30
CA GLU C 414 -22.53 25.02 39.12
C GLU C 414 -22.92 25.48 37.72
N GLU C 415 -23.13 26.79 37.58
CA GLU C 415 -23.42 27.33 36.25
C GLU C 415 -22.26 27.11 35.30
N GLY C 416 -21.03 27.12 35.81
CA GLY C 416 -19.88 26.92 34.96
C GLY C 416 -19.95 25.64 34.15
N GLU C 417 -20.52 24.59 34.74
CA GLU C 417 -20.68 23.33 34.02
C GLU C 417 -21.61 23.52 32.82
N PHE C 418 -22.59 24.40 32.93
CA PHE C 418 -23.47 24.70 31.80
C PHE C 418 -22.69 25.35 30.67
N SER C 419 -22.05 26.49 30.94
CA SER C 419 -21.38 27.21 29.86
C SER C 419 -20.18 26.43 29.33
N GLU C 420 -19.53 25.63 30.19
CA GLU C 420 -18.49 24.72 29.70
C GLU C 420 -19.07 23.72 28.71
N ALA C 421 -20.18 23.09 29.07
CA ALA C 421 -20.85 22.18 28.14
C ALA C 421 -21.23 22.89 26.84
N ARG C 422 -21.76 24.11 26.95
CA ARG C 422 -22.20 24.83 25.76
C ARG C 422 -21.03 25.22 24.87
N GLU C 423 -19.91 25.61 25.48
N GLU C 423 -19.90 25.58 25.49
CA GLU C 423 -18.73 26.03 24.68
CA GLU C 423 -18.73 26.03 24.70
C GLU C 423 -18.17 24.80 23.95
C GLU C 423 -18.14 24.81 23.97
N ASP C 424 -18.22 23.63 24.60
CA ASP C 424 -17.77 22.42 23.92
C ASP C 424 -18.62 22.17 22.68
N MET C 425 -19.94 22.31 22.81
CA MET C 425 -20.83 22.21 21.66
C MET C 425 -20.45 23.21 20.58
N ALA C 426 -20.07 24.43 20.96
CA ALA C 426 -19.67 25.42 19.96
C ALA C 426 -18.46 24.93 19.17
N ALA C 427 -17.48 24.34 19.85
CA ALA C 427 -16.31 23.79 19.15
C ALA C 427 -16.70 22.65 18.25
N LEU C 428 -17.63 21.79 18.70
CA LEU C 428 -18.07 20.67 17.86
C LEU C 428 -18.69 21.17 16.56
N GLU C 429 -19.58 22.17 16.64
CA GLU C 429 -20.16 22.73 15.43
C GLU C 429 -19.09 23.29 14.51
N LYS C 430 -18.05 23.91 15.10
CA LYS C 430 -16.96 24.43 14.30
C LYS C 430 -16.13 23.30 13.69
N ASP C 431 -15.86 22.26 14.46
CA ASP C 431 -15.13 21.11 13.93
C ASP C 431 -15.81 20.55 12.69
N TYR C 432 -17.15 20.45 12.70
CA TYR C 432 -17.84 19.95 11.53
C TYR C 432 -17.71 20.91 10.37
N GLU C 433 -17.51 22.19 10.67
CA GLU C 433 -17.31 23.19 9.63
C GLU C 433 -15.94 23.06 8.96
N GLU C 434 -14.90 22.80 9.76
CA GLU C 434 -13.54 22.80 9.21
C GLU C 434 -13.22 21.53 8.44
N VAL C 435 -13.74 20.37 8.84
CA VAL C 435 -13.49 19.15 8.08
C VAL C 435 -14.09 19.27 6.68
N GLY C 436 -15.16 20.04 6.53
CA GLY C 436 -15.81 20.20 5.24
C GLY C 436 -15.12 21.13 4.27
N VAL C 437 -14.16 21.92 4.72
CA VAL C 437 -13.54 22.91 3.88
C VAL C 437 -12.47 22.27 3.00
N ASP C 438 -12.43 22.66 1.74
CA ASP C 438 -11.50 22.05 0.80
C ASP C 438 -10.05 22.32 1.21
N SER C 439 -9.16 21.45 0.73
CA SER C 439 -7.76 21.48 1.13
C SER C 439 -7.00 22.56 0.37
N VAL C 440 -6.06 23.20 1.05
CA VAL C 440 -5.19 24.20 0.44
C VAL C 440 -4.20 23.53 -0.50
CA ARG D 1 -43.95 7.49 45.29
C ARG D 1 -45.18 7.79 46.14
N GLU D 2 -45.03 7.68 47.45
CA GLU D 2 -46.15 7.94 48.35
C GLU D 2 -46.27 9.42 48.65
N ILE D 3 -47.51 9.88 48.81
CA ILE D 3 -47.81 11.25 49.20
C ILE D 3 -48.49 11.22 50.56
N VAL D 4 -48.10 12.14 51.44
CA VAL D 4 -48.77 12.36 52.71
C VAL D 4 -49.67 13.57 52.55
N HIS D 5 -50.97 13.38 52.77
CA HIS D 5 -51.96 14.43 52.58
C HIS D 5 -52.29 15.05 53.93
N ILE D 6 -52.24 16.38 53.98
CA ILE D 6 -52.61 17.13 55.17
C ILE D 6 -53.65 18.15 54.81
N GLN D 7 -54.66 18.30 55.67
CA GLN D 7 -55.75 19.24 55.44
C GLN D 7 -56.06 19.94 56.76
N ALA D 8 -56.09 21.27 56.74
CA ALA D 8 -56.13 22.09 57.93
C ALA D 8 -57.22 23.16 57.83
N GLY D 9 -57.98 23.33 58.91
CA GLY D 9 -59.01 24.35 58.97
C GLY D 9 -60.31 23.92 58.32
N GLN D 10 -61.31 24.80 58.41
CA GLN D 10 -62.61 24.50 57.84
C GLN D 10 -62.51 24.18 56.35
N CYS D 11 -62.16 25.19 55.54
CA CYS D 11 -62.03 24.97 54.11
C CYS D 11 -61.16 23.76 53.81
N GLY D 12 -59.97 23.71 54.39
CA GLY D 12 -59.06 22.59 54.13
C GLY D 12 -59.71 21.24 54.32
N ASN D 13 -60.46 21.07 55.40
CA ASN D 13 -61.08 19.78 55.68
C ASN D 13 -62.32 19.55 54.81
N GLN D 14 -62.99 20.62 54.44
CA GLN D 14 -64.16 20.46 53.54
C GLN D 14 -63.67 19.95 52.19
N ILE D 15 -62.81 20.72 51.53
CA ILE D 15 -62.37 20.33 50.19
C ILE D 15 -61.52 19.06 50.25
N GLY D 16 -60.77 18.86 51.33
CA GLY D 16 -60.04 17.62 51.49
C GLY D 16 -60.95 16.41 51.56
N ALA D 17 -62.00 16.50 52.38
CA ALA D 17 -62.97 15.41 52.46
C ALA D 17 -63.58 15.11 51.10
N LYS D 18 -63.95 16.15 50.35
CA LYS D 18 -64.48 15.93 49.00
C LYS D 18 -63.44 15.29 48.10
N PHE D 19 -62.18 15.68 48.23
CA PHE D 19 -61.12 15.08 47.41
C PHE D 19 -61.06 13.56 47.62
N TRP D 20 -61.12 13.12 48.88
CA TRP D 20 -61.05 11.69 49.17
C TRP D 20 -62.29 10.96 48.68
N GLU D 21 -63.45 11.59 48.82
CA GLU D 21 -64.67 11.06 48.23
C GLU D 21 -64.47 10.74 46.74
N VAL D 22 -64.14 11.77 45.96
CA VAL D 22 -64.14 11.64 44.51
C VAL D 22 -63.13 10.59 44.05
N ILE D 23 -61.92 10.65 44.62
CA ILE D 23 -60.84 9.74 44.13
C ILE D 23 -61.06 8.32 44.64
N SER D 24 -61.73 8.16 45.77
CA SER D 24 -61.98 6.80 46.33
C SER D 24 -62.90 6.03 45.39
N ASP D 25 -63.86 6.71 44.75
CA ASP D 25 -64.76 6.04 43.78
C ASP D 25 -63.99 5.80 42.48
N GLU D 26 -63.17 6.77 42.09
CA GLU D 26 -62.38 6.60 40.85
C GLU D 26 -61.54 5.33 40.97
N HIS D 27 -61.03 5.03 42.17
CA HIS D 27 -60.21 3.84 42.33
C HIS D 27 -60.98 2.62 42.81
N GLY D 28 -62.24 2.78 43.19
CA GLY D 28 -63.05 1.64 43.60
C GLY D 28 -62.94 1.31 45.08
N ILE D 29 -62.91 2.33 45.92
CA ILE D 29 -62.85 2.17 47.38
C ILE D 29 -64.16 2.66 47.96
N ASP D 30 -64.83 1.80 48.71
CA ASP D 30 -66.08 2.18 49.38
C ASP D 30 -65.74 2.87 50.70
N PRO D 31 -66.74 3.38 51.41
CA PRO D 31 -66.46 4.03 52.70
C PRO D 31 -65.86 3.09 53.74
N THR D 32 -66.02 1.78 53.58
CA THR D 32 -65.38 0.84 54.50
C THR D 32 -63.93 0.56 54.16
N GLY D 33 -63.44 1.06 53.02
CA GLY D 33 -62.06 0.87 52.62
C GLY D 33 -61.75 -0.38 51.83
N SER D 34 -62.77 -1.15 51.45
CA SER D 34 -62.57 -2.35 50.65
C SER D 34 -62.56 -1.99 49.16
N TYR D 35 -61.83 -2.79 48.38
CA TYR D 35 -61.78 -2.61 46.95
C TYR D 35 -62.98 -3.30 46.29
N HIS D 36 -63.67 -2.57 45.40
CA HIS D 36 -64.81 -3.13 44.70
C HIS D 36 -64.79 -2.81 43.21
N GLY D 37 -63.63 -2.48 42.65
CA GLY D 37 -63.53 -2.06 41.28
C GLY D 37 -63.58 -3.22 40.30
N ASP D 38 -63.23 -2.91 39.05
CA ASP D 38 -63.32 -3.87 37.96
C ASP D 38 -62.14 -3.87 37.00
N SER D 39 -61.12 -3.04 37.23
CA SER D 39 -59.96 -2.99 36.34
C SER D 39 -58.70 -2.86 37.16
N ASP D 40 -57.68 -3.64 36.82
CA ASP D 40 -56.41 -3.57 37.52
C ASP D 40 -55.75 -2.20 37.41
N LEU D 41 -56.21 -1.38 36.46
CA LEU D 41 -55.66 -0.03 36.34
C LEU D 41 -55.95 0.83 37.56
N GLN D 42 -56.99 0.51 38.33
CA GLN D 42 -57.31 1.31 39.49
C GLN D 42 -56.35 1.08 40.64
N LEU D 43 -55.71 -0.09 40.68
CA LEU D 43 -54.85 -0.47 41.79
C LEU D 43 -53.37 -0.30 41.49
N GLU D 44 -53.00 -0.03 40.23
CA GLU D 44 -51.59 0.08 39.87
C GLU D 44 -50.85 1.06 40.77
N ARG D 45 -51.41 2.26 40.94
CA ARG D 45 -50.76 3.33 41.69
C ARG D 45 -51.51 3.66 42.97
N ILE D 46 -52.26 2.69 43.52
CA ILE D 46 -53.13 2.96 44.67
C ILE D 46 -52.30 3.36 45.88
N ASN D 47 -51.05 2.91 45.97
CA ASN D 47 -50.21 3.19 47.12
C ASN D 47 -49.73 4.64 47.19
N VAL D 48 -50.00 5.45 46.16
CA VAL D 48 -49.60 6.85 46.21
C VAL D 48 -50.39 7.60 47.29
N TYR D 49 -51.67 7.27 47.43
CA TYR D 49 -52.53 7.94 48.40
C TYR D 49 -53.11 7.02 49.46
N TYR D 50 -52.86 5.71 49.41
CA TYR D 50 -53.47 4.77 50.34
C TYR D 50 -52.43 3.82 50.91
N ASN D 51 -52.45 3.65 52.23
CA ASN D 51 -51.76 2.54 52.87
C ASN D 51 -52.56 1.26 52.70
N GLU D 52 -51.88 0.13 52.77
CA GLU D 52 -52.54 -1.16 52.77
C GLU D 52 -52.48 -1.75 54.17
N ALA D 53 -53.64 -2.12 54.70
CA ALA D 53 -53.74 -2.76 56.00
C ALA D 53 -54.25 -4.19 55.85
N THR D 54 -54.03 -4.98 56.89
CA THR D 54 -54.44 -6.38 56.87
C THR D 54 -55.90 -6.49 56.45
N GLY D 55 -56.18 -7.45 55.57
CA GLY D 55 -57.52 -7.62 55.04
C GLY D 55 -57.80 -6.82 53.79
N ASN D 56 -56.77 -6.50 53.01
CA ASN D 56 -56.93 -5.74 51.76
C ASN D 56 -57.81 -4.52 51.97
N LYS D 57 -57.56 -3.80 53.07
CA LYS D 57 -58.25 -2.56 53.39
C LYS D 57 -57.33 -1.39 53.08
N TYR D 58 -57.85 -0.40 52.36
CA TYR D 58 -57.09 0.75 51.91
C TYR D 58 -57.49 1.96 52.73
N VAL D 59 -56.51 2.61 53.35
CA VAL D 59 -56.76 3.74 54.24
C VAL D 59 -56.05 4.96 53.66
N PRO D 60 -56.70 6.12 53.58
CA PRO D 60 -56.01 7.29 53.04
C PRO D 60 -54.82 7.67 53.92
N ARG D 61 -53.73 8.04 53.26
CA ARG D 61 -52.57 8.61 53.94
C ARG D 61 -52.84 10.10 54.18
N ALA D 62 -53.80 10.36 55.07
CA ALA D 62 -54.31 11.70 55.28
C ALA D 62 -54.32 12.05 56.76
N ILE D 63 -54.00 13.31 57.06
CA ILE D 63 -53.94 13.82 58.42
C ILE D 63 -54.87 15.03 58.51
N LEU D 64 -55.74 15.03 59.52
CA LEU D 64 -56.79 16.04 59.64
C LEU D 64 -56.48 16.94 60.83
N VAL D 65 -56.33 18.24 60.58
CA VAL D 65 -55.87 19.18 61.58
C VAL D 65 -56.82 20.36 61.65
N ASP D 66 -57.10 20.83 62.87
CA ASP D 66 -57.91 22.02 63.06
C ASP D 66 -57.90 22.41 64.53
N LEU D 67 -57.84 23.71 64.80
CA LEU D 67 -57.91 24.21 66.16
C LEU D 67 -59.31 24.09 66.76
N GLU D 68 -60.32 23.82 65.93
CA GLU D 68 -61.71 23.82 66.36
C GLU D 68 -62.29 22.41 66.28
N PRO D 69 -62.77 21.86 67.40
CA PRO D 69 -63.29 20.48 67.36
C PRO D 69 -64.45 20.29 66.41
N GLY D 70 -65.28 21.31 66.22
CA GLY D 70 -66.49 21.18 65.43
C GLY D 70 -66.31 20.52 64.08
N THR D 71 -65.52 21.15 63.19
CA THR D 71 -65.51 20.73 61.79
C THR D 71 -65.07 19.29 61.60
N MET D 72 -64.24 18.76 62.50
CA MET D 72 -63.75 17.39 62.33
C MET D 72 -64.75 16.36 62.86
N ASP D 73 -65.63 16.73 63.77
CA ASP D 73 -66.74 15.86 64.11
C ASP D 73 -67.60 15.58 62.89
N SER D 74 -67.95 16.63 62.14
CA SER D 74 -68.82 16.47 60.98
C SER D 74 -68.12 15.69 59.86
N VAL D 75 -66.82 15.89 59.68
CA VAL D 75 -66.10 15.10 58.69
C VAL D 75 -66.21 13.61 59.01
N ARG D 76 -66.18 13.27 60.31
CA ARG D 76 -66.31 11.87 60.70
C ARG D 76 -67.68 11.32 60.34
N SER D 77 -68.71 12.16 60.33
CA SER D 77 -70.08 11.73 60.05
C SER D 77 -70.41 11.72 58.56
N GLY D 78 -69.78 12.58 57.77
CA GLY D 78 -70.01 12.62 56.35
C GLY D 78 -69.65 11.30 55.69
N PRO D 79 -69.98 11.16 54.41
CA PRO D 79 -69.62 9.93 53.70
C PRO D 79 -68.11 9.75 53.68
N PHE D 80 -67.65 8.53 53.93
CA PHE D 80 -66.24 8.18 53.99
C PHE D 80 -65.57 8.71 55.26
N GLY D 81 -66.32 9.31 56.18
CA GLY D 81 -65.72 9.69 57.45
C GLY D 81 -65.23 8.53 58.27
N GLN D 82 -65.59 7.30 57.89
CA GLN D 82 -65.16 6.12 58.61
C GLN D 82 -63.91 5.47 58.02
N ILE D 83 -63.51 5.88 56.81
CA ILE D 83 -62.33 5.30 56.18
C ILE D 83 -61.03 5.94 56.65
N PHE D 84 -61.12 7.04 57.40
CA PHE D 84 -59.92 7.70 57.89
C PHE D 84 -59.42 7.03 59.17
N ARG D 85 -58.10 7.02 59.33
CA ARG D 85 -57.52 6.47 60.55
C ARG D 85 -57.87 7.36 61.73
N PRO D 86 -58.34 6.80 62.85
CA PRO D 86 -58.80 7.66 63.95
C PRO D 86 -57.70 8.45 64.63
N ASP D 87 -56.51 7.84 64.77
CA ASP D 87 -55.38 8.48 65.48
C ASP D 87 -54.82 9.63 64.66
N ASN D 88 -55.24 9.76 63.40
CA ASN D 88 -54.77 10.81 62.51
C ASN D 88 -55.61 12.07 62.63
N PHE D 89 -56.62 12.08 63.48
CA PHE D 89 -57.36 13.28 63.82
C PHE D 89 -56.63 14.02 64.92
N VAL D 90 -56.16 15.23 64.63
CA VAL D 90 -55.47 16.07 65.58
C VAL D 90 -56.24 17.38 65.65
N PHE D 91 -56.94 17.61 66.76
CA PHE D 91 -57.83 18.75 66.92
C PHE D 91 -57.56 19.46 68.23
N GLY D 92 -57.75 20.78 68.19
CA GLY D 92 -57.63 21.63 69.37
C GLY D 92 -58.97 21.86 70.03
N GLN D 93 -59.12 23.02 70.67
CA GLN D 93 -60.37 23.34 71.34
C GLN D 93 -60.68 24.83 71.18
N SER D 94 -59.66 25.67 71.34
CA SER D 94 -59.87 27.12 71.38
C SER D 94 -60.50 27.62 70.09
N GLY D 95 -59.98 27.20 68.95
CA GLY D 95 -60.31 27.83 67.69
C GLY D 95 -59.42 29.04 67.40
N ALA D 96 -59.43 29.46 66.14
CA ALA D 96 -58.53 30.51 65.69
C ALA D 96 -59.20 31.86 65.44
N GLY D 97 -60.52 31.88 65.34
CA GLY D 97 -61.23 33.14 65.11
C GLY D 97 -60.71 33.93 63.93
N ASN D 98 -60.37 33.26 62.84
CA ASN D 98 -59.85 33.94 61.65
C ASN D 98 -58.66 34.83 61.98
N ASN D 99 -57.90 34.46 63.02
CA ASN D 99 -56.76 35.23 63.47
C ASN D 99 -55.48 34.52 63.04
N TRP D 100 -54.83 35.05 62.00
CA TRP D 100 -53.60 34.44 61.50
C TRP D 100 -52.57 34.26 62.61
N ALA D 101 -52.43 35.28 63.48
CA ALA D 101 -51.44 35.19 64.55
C ALA D 101 -51.71 34.00 65.47
N LYS D 102 -52.97 33.71 65.76
CA LYS D 102 -53.29 32.58 66.62
C LYS D 102 -52.88 31.26 65.97
N GLY D 103 -53.19 31.10 64.68
CA GLY D 103 -52.86 29.85 64.00
C GLY D 103 -51.37 29.64 63.83
N HIS D 104 -50.62 30.72 63.57
CA HIS D 104 -49.20 30.62 63.24
C HIS D 104 -48.29 30.66 64.47
N TYR D 105 -48.64 31.44 65.49
CA TYR D 105 -47.70 31.74 66.55
C TYR D 105 -48.09 31.18 67.91
N THR D 106 -49.37 31.29 68.31
CA THR D 106 -49.75 30.96 69.68
C THR D 106 -50.55 29.66 69.75
N GLU D 107 -51.84 29.71 69.40
CA GLU D 107 -52.69 28.53 69.51
C GLU D 107 -52.16 27.40 68.62
N GLY D 108 -51.88 27.70 67.36
CA GLY D 108 -51.41 26.68 66.44
C GLY D 108 -50.05 26.13 66.81
N ALA D 109 -49.20 26.95 67.41
CA ALA D 109 -47.87 26.49 67.81
C ALA D 109 -47.96 25.42 68.89
N GLU D 110 -48.91 25.56 69.82
CA GLU D 110 -49.04 24.59 70.89
C GLU D 110 -49.44 23.22 70.36
N LEU D 111 -50.15 23.17 69.25
CA LEU D 111 -50.66 21.92 68.70
C LEU D 111 -49.80 21.35 67.58
N VAL D 112 -48.80 22.08 67.10
CA VAL D 112 -48.07 21.65 65.90
C VAL D 112 -47.28 20.38 66.16
N ASP D 113 -46.75 20.20 67.38
CA ASP D 113 -45.98 19.00 67.66
C ASP D 113 -46.82 17.74 67.54
N SER D 114 -48.09 17.81 67.96
CA SER D 114 -48.97 16.66 67.84
C SER D 114 -49.15 16.25 66.39
N VAL D 115 -49.27 17.22 65.50
CA VAL D 115 -49.37 16.90 64.08
C VAL D 115 -48.07 16.29 63.57
N LEU D 116 -46.93 16.86 63.98
CA LEU D 116 -45.64 16.37 63.50
C LEU D 116 -45.45 14.89 63.86
N ASP D 117 -45.90 14.47 65.04
CA ASP D 117 -45.76 13.07 65.42
C ASP D 117 -46.54 12.16 64.49
N VAL D 118 -47.73 12.60 64.04
CA VAL D 118 -48.50 11.80 63.09
C VAL D 118 -47.84 11.81 61.72
N VAL D 119 -47.24 12.94 61.33
CA VAL D 119 -46.60 13.00 60.01
C VAL D 119 -45.39 12.08 59.97
N ARG D 120 -44.58 12.06 61.05
CA ARG D 120 -43.47 11.12 61.11
C ARG D 120 -43.98 9.68 61.04
N LYS D 121 -45.05 9.37 61.78
CA LYS D 121 -45.61 8.03 61.75
C LYS D 121 -45.97 7.61 60.33
N GLU D 122 -46.57 8.53 59.56
CA GLU D 122 -47.01 8.18 58.22
C GLU D 122 -45.85 8.11 57.24
N SER D 123 -44.92 9.05 57.33
CA SER D 123 -43.74 9.01 56.48
C SER D 123 -42.83 7.84 56.84
N GLU D 124 -42.88 7.38 58.10
CA GLU D 124 -42.09 6.21 58.49
C GLU D 124 -42.46 4.99 57.66
N SER D 125 -43.75 4.80 57.39
CA SER D 125 -44.26 3.62 56.71
C SER D 125 -44.17 3.70 55.18
N CYS D 126 -43.60 4.76 54.63
CA CYS D 126 -43.54 4.95 53.18
C CYS D 126 -42.30 4.29 52.59
N ASP D 127 -42.50 3.47 51.57
CA ASP D 127 -41.35 2.85 50.90
C ASP D 127 -40.40 3.90 50.35
N CYS D 128 -40.93 4.91 49.67
CA CYS D 128 -40.10 6.04 49.19
C CYS D 128 -40.99 7.28 49.10
N LEU D 129 -41.06 8.05 50.18
CA LEU D 129 -41.94 9.24 50.21
C LEU D 129 -41.56 10.19 49.08
N GLN D 130 -42.54 10.83 48.47
CA GLN D 130 -42.26 11.82 47.40
C GLN D 130 -42.50 13.22 47.97
N GLY D 131 -43.41 13.37 48.94
CA GLY D 131 -43.63 14.70 49.43
C GLY D 131 -45.03 14.83 49.97
N PHE D 132 -45.42 16.07 50.23
CA PHE D 132 -46.66 16.34 50.93
C PHE D 132 -47.56 17.23 50.08
N GLN D 133 -48.86 17.10 50.31
CA GLN D 133 -49.84 18.00 49.75
C GLN D 133 -50.77 18.46 50.85
N LEU D 134 -51.07 19.76 50.85
CA LEU D 134 -51.84 20.42 51.89
C LEU D 134 -53.02 21.14 51.25
N THR D 135 -54.18 20.99 51.88
CA THR D 135 -55.37 21.76 51.52
C THR D 135 -55.73 22.69 52.67
N HIS D 136 -56.08 23.92 52.32
CA HIS D 136 -56.35 24.97 53.29
C HIS D 136 -56.87 26.18 52.54
N SER D 137 -57.37 27.15 53.31
CA SER D 137 -57.69 28.46 52.77
C SER D 137 -56.67 29.47 53.27
N LEU D 138 -56.62 30.61 52.61
CA LEU D 138 -55.73 31.68 53.02
C LEU D 138 -56.42 32.76 53.84
N GLY D 139 -57.75 32.74 53.90
CA GLY D 139 -58.49 33.80 54.55
C GLY D 139 -58.78 33.60 56.02
N GLY D 140 -58.92 32.35 56.44
CA GLY D 140 -59.23 32.02 57.82
C GLY D 140 -58.04 32.18 58.74
N GLY D 141 -58.04 31.41 59.83
CA GLY D 141 -56.96 31.46 60.80
C GLY D 141 -56.12 30.19 60.94
N THR D 142 -56.79 29.04 60.98
CA THR D 142 -56.09 27.77 61.20
C THR D 142 -55.39 27.28 59.93
N GLY D 143 -56.16 27.06 58.86
CA GLY D 143 -55.56 26.64 57.61
C GLY D 143 -54.55 27.63 57.08
N SER D 144 -54.82 28.92 57.27
CA SER D 144 -53.91 29.98 56.90
C SER D 144 -52.67 30.04 57.79
N GLY D 145 -52.87 30.44 59.05
CA GLY D 145 -51.75 30.64 59.96
C GLY D 145 -51.08 29.34 60.36
N MET D 146 -51.87 28.39 60.87
CA MET D 146 -51.26 27.12 61.27
C MET D 146 -50.92 26.26 60.05
N GLY D 147 -51.60 26.48 58.92
CA GLY D 147 -51.22 25.78 57.71
C GLY D 147 -49.80 26.07 57.29
N THR D 148 -49.45 27.36 57.17
CA THR D 148 -48.10 27.71 56.76
C THR D 148 -47.07 27.34 57.83
N LEU D 149 -47.48 27.30 59.11
CA LEU D 149 -46.56 26.85 60.15
C LEU D 149 -46.22 25.37 59.97
N LEU D 150 -47.20 24.55 59.60
CA LEU D 150 -46.92 23.13 59.35
C LEU D 150 -45.92 22.96 58.22
N ILE D 151 -46.16 23.63 57.10
CA ILE D 151 -45.23 23.58 55.97
C ILE D 151 -43.81 23.91 56.44
N SER D 152 -43.70 24.96 57.25
CA SER D 152 -42.36 25.38 57.74
C SER D 152 -41.72 24.25 58.56
N LYS D 153 -42.49 23.65 59.47
CA LYS D 153 -41.93 22.60 60.31
C LYS D 153 -41.61 21.34 59.52
N ILE D 154 -42.50 20.95 58.59
CA ILE D 154 -42.27 19.74 57.79
C ILE D 154 -41.07 19.92 56.87
N ARG D 155 -40.95 21.09 56.25
CA ARG D 155 -39.79 21.38 55.40
C ARG D 155 -38.49 21.24 56.17
N GLU D 156 -38.51 21.54 57.48
CA GLU D 156 -37.30 21.40 58.29
C GLU D 156 -36.86 19.95 58.40
N GLU D 157 -37.81 19.03 58.59
CA GLU D 157 -37.50 17.61 58.77
C GLU D 157 -37.36 16.85 57.45
N TYR D 158 -37.92 17.38 56.37
CA TYR D 158 -37.88 16.73 55.06
C TYR D 158 -37.47 17.76 54.01
N PRO D 159 -36.29 18.35 54.13
CA PRO D 159 -35.92 19.45 53.23
C PRO D 159 -35.88 19.08 51.75
N ASP D 160 -35.62 17.82 51.40
CA ASP D 160 -35.49 17.45 50.00
C ASP D 160 -36.77 16.85 49.41
N ARG D 161 -37.90 16.99 50.07
CA ARG D 161 -39.16 16.48 49.54
C ARG D 161 -39.98 17.63 48.96
N ILE D 162 -40.98 17.27 48.16
CA ILE D 162 -41.79 18.24 47.44
C ILE D 162 -42.94 18.69 48.33
N MET D 163 -43.15 20.00 48.40
CA MET D 163 -44.19 20.61 49.22
C MET D 163 -45.22 21.22 48.28
N ASN D 164 -46.42 20.62 48.24
CA ASN D 164 -47.47 20.99 47.31
C ASN D 164 -48.71 21.40 48.07
N THR D 165 -49.23 22.60 47.80
CA THR D 165 -50.43 23.11 48.46
C THR D 165 -51.56 23.38 47.46
N PHE D 166 -52.78 23.13 47.92
CA PHE D 166 -54.00 23.59 47.26
C PHE D 166 -54.55 24.74 48.11
N SER D 167 -54.34 25.97 47.67
CA SER D 167 -54.60 27.15 48.48
C SER D 167 -55.82 27.91 47.96
N VAL D 168 -56.81 28.08 48.82
CA VAL D 168 -58.08 28.73 48.46
C VAL D 168 -57.98 30.21 48.82
N MET D 169 -57.93 31.07 47.80
CA MET D 169 -57.82 32.51 48.03
C MET D 169 -59.15 33.09 48.49
N PRO D 170 -59.13 34.07 49.39
CA PRO D 170 -60.39 34.70 49.82
C PRO D 170 -61.02 35.53 48.71
N SER D 171 -62.32 35.76 48.87
CA SER D 171 -63.07 36.64 47.97
C SER D 171 -64.26 37.22 48.71
N PRO D 172 -64.46 38.54 48.67
CA PRO D 172 -65.63 39.11 49.35
C PRO D 172 -66.95 38.64 48.77
N LYS D 173 -67.00 38.23 47.50
CA LYS D 173 -68.21 37.65 46.94
C LYS D 173 -68.66 36.40 47.68
N VAL D 174 -67.79 35.80 48.50
CA VAL D 174 -68.10 34.54 49.17
C VAL D 174 -67.95 34.63 50.68
N SER D 175 -67.14 35.53 51.21
CA SER D 175 -66.98 35.73 52.64
C SER D 175 -67.04 37.21 52.97
N ASP D 176 -67.55 37.53 54.16
CA ASP D 176 -67.66 38.90 54.62
C ASP D 176 -66.66 39.26 55.71
N THR D 177 -65.77 38.35 56.09
CA THR D 177 -64.72 38.67 57.05
C THR D 177 -63.72 39.62 56.40
N VAL D 178 -63.61 40.82 56.96
CA VAL D 178 -62.87 41.92 56.34
C VAL D 178 -61.35 41.76 56.45
N VAL D 179 -60.87 40.88 57.33
CA VAL D 179 -59.43 40.74 57.55
C VAL D 179 -58.82 39.64 56.69
N GLU D 180 -59.60 38.94 55.89
CA GLU D 180 -59.08 37.90 55.02
C GLU D 180 -57.91 38.38 54.14
N PRO D 181 -57.91 39.64 53.67
CA PRO D 181 -56.72 40.13 52.95
C PRO D 181 -55.46 40.14 53.80
N TYR D 182 -55.58 40.52 55.07
CA TYR D 182 -54.45 40.38 55.99
C TYR D 182 -53.96 38.94 56.02
N ASN D 183 -54.87 38.01 56.30
CA ASN D 183 -54.49 36.62 56.47
C ASN D 183 -53.92 36.03 55.18
N ALA D 184 -54.49 36.42 54.04
CA ALA D 184 -54.00 35.92 52.76
C ALA D 184 -52.61 36.44 52.45
N THR D 185 -52.37 37.72 52.72
CA THR D 185 -51.06 38.32 52.43
C THR D 185 -49.98 37.74 53.35
N LEU D 186 -50.26 37.61 54.64
CA LEU D 186 -49.28 37.06 55.56
C LEU D 186 -48.88 35.64 55.17
N SER D 187 -49.80 34.89 54.58
CA SER D 187 -49.49 33.52 54.19
C SER D 187 -48.96 33.43 52.76
N VAL D 188 -49.36 34.32 51.85
CA VAL D 188 -48.74 34.33 50.53
C VAL D 188 -47.24 34.60 50.67
N HIS D 189 -46.85 35.30 51.74
CA HIS D 189 -45.44 35.57 52.02
C HIS D 189 -44.70 34.31 52.46
N GLN D 190 -45.41 33.37 53.10
CA GLN D 190 -44.82 32.09 53.47
C GLN D 190 -44.81 31.12 52.29
N LEU D 191 -45.88 31.11 51.48
CA LEU D 191 -45.95 30.18 50.36
C LEU D 191 -44.87 30.50 49.32
N VAL D 192 -44.64 31.78 49.07
CA VAL D 192 -43.63 32.21 48.05
C VAL D 192 -42.25 31.67 48.43
N GLU D 193 -42.05 31.25 49.68
CA GLU D 193 -40.68 30.88 50.11
C GLU D 193 -40.58 29.46 50.65
N ASN D 194 -41.69 28.75 50.82
CA ASN D 194 -41.61 27.44 51.47
C ASN D 194 -42.32 26.32 50.74
N THR D 195 -43.01 26.59 49.63
CA THR D 195 -43.61 25.53 48.83
C THR D 195 -42.96 25.44 47.46
N ASP D 196 -43.02 24.25 46.87
CA ASP D 196 -42.49 24.01 45.54
C ASP D 196 -43.54 24.18 44.45
N GLU D 197 -44.80 23.86 44.76
CA GLU D 197 -45.92 24.05 43.85
C GLU D 197 -47.13 24.47 44.65
N THR D 198 -47.86 25.47 44.17
CA THR D 198 -49.11 25.89 44.79
C THR D 198 -50.17 26.10 43.72
N TYR D 199 -51.24 25.33 43.80
CA TYR D 199 -52.43 25.57 42.98
C TYR D 199 -53.25 26.69 43.62
N CYS D 200 -53.48 27.77 42.87
CA CYS D 200 -54.23 28.93 43.36
C CYS D 200 -55.71 28.73 43.05
N ILE D 201 -56.47 28.38 44.07
CA ILE D 201 -57.90 28.13 43.93
C ILE D 201 -58.63 29.33 44.49
N ASP D 202 -59.18 30.16 43.60
CA ASP D 202 -59.67 31.49 43.93
C ASP D 202 -61.19 31.48 44.06
N ASN D 203 -61.70 31.74 45.26
CA ASN D 203 -63.14 31.78 45.48
C ASN D 203 -63.82 32.79 44.56
N GLU D 204 -63.11 33.82 44.14
CA GLU D 204 -63.68 34.79 43.22
C GLU D 204 -64.06 34.13 41.90
N ALA D 205 -63.13 33.38 41.31
CA ALA D 205 -63.41 32.70 40.05
C ALA D 205 -64.43 31.59 40.24
N LEU D 206 -64.30 30.80 41.30
CA LEU D 206 -65.27 29.76 41.58
C LEU D 206 -66.69 30.33 41.61
N TYR D 207 -66.89 31.42 42.36
CA TYR D 207 -68.20 32.07 42.39
C TYR D 207 -68.63 32.52 41.01
N ASP D 208 -67.74 33.22 40.29
CA ASP D 208 -68.09 33.70 38.96
C ASP D 208 -68.50 32.57 38.03
N ILE D 209 -67.79 31.44 38.08
CA ILE D 209 -68.16 30.30 37.24
C ILE D 209 -69.61 29.90 37.52
N CYS D 210 -69.99 29.86 38.79
CA CYS D 210 -71.34 29.42 39.14
C CYS D 210 -72.39 30.43 38.70
N PHE D 211 -72.08 31.73 38.83
CA PHE D 211 -73.06 32.76 38.49
C PHE D 211 -73.20 32.93 36.98
N ARG D 212 -72.10 33.25 36.29
CA ARG D 212 -72.18 33.63 34.89
C ARG D 212 -72.28 32.40 33.98
N THR D 213 -71.37 31.45 34.14
CA THR D 213 -71.38 30.28 33.26
C THR D 213 -72.45 29.27 33.68
N LEU D 214 -72.42 28.84 34.94
CA LEU D 214 -73.35 27.80 35.37
C LEU D 214 -74.75 28.33 35.63
N LYS D 215 -74.95 29.65 35.60
CA LYS D 215 -76.27 30.26 35.74
C LYS D 215 -76.92 29.88 37.08
N LEU D 216 -76.08 29.76 38.10
CA LEU D 216 -76.58 29.43 39.46
C LEU D 216 -76.91 30.74 40.18
N THR D 217 -78.19 31.01 40.39
CA THR D 217 -78.65 32.26 40.97
C THR D 217 -77.83 32.63 42.21
N THR D 218 -77.80 31.73 43.20
CA THR D 218 -77.10 31.96 44.46
C THR D 218 -76.26 30.72 44.77
N PRO D 219 -74.99 30.70 44.36
CA PRO D 219 -74.18 29.51 44.57
C PRO D 219 -73.81 29.32 46.03
N THR D 220 -73.63 28.07 46.41
CA THR D 220 -73.31 27.68 47.78
C THR D 220 -71.93 27.05 47.86
N TYR D 221 -71.54 26.66 49.07
CA TYR D 221 -70.24 26.01 49.25
C TYR D 221 -70.22 24.61 48.63
N GLY D 222 -71.35 23.93 48.62
CA GLY D 222 -71.42 22.66 47.90
C GLY D 222 -71.02 22.82 46.45
N ASP D 223 -71.58 23.82 45.77
CA ASP D 223 -71.23 24.11 44.39
C ASP D 223 -69.74 24.40 44.25
N LEU D 224 -69.27 25.42 44.95
CA LEU D 224 -67.86 25.81 44.85
C LEU D 224 -66.94 24.62 45.04
N ASN D 225 -67.27 23.74 45.99
CA ASN D 225 -66.41 22.59 46.28
C ASN D 225 -66.50 21.50 45.24
N HIS D 226 -67.58 21.45 44.46
CA HIS D 226 -67.64 20.47 43.37
C HIS D 226 -66.67 20.84 42.25
N LEU D 227 -66.49 22.14 42.00
CA LEU D 227 -65.46 22.57 41.05
C LEU D 227 -64.07 22.22 41.57
N VAL D 228 -63.87 22.33 42.89
CA VAL D 228 -62.56 22.06 43.48
C VAL D 228 -62.24 20.58 43.35
N SER D 229 -63.17 19.71 43.78
CA SER D 229 -62.95 18.27 43.68
C SER D 229 -62.67 17.86 42.23
N ALA D 230 -63.49 18.35 41.29
CA ALA D 230 -63.27 18.07 39.89
C ALA D 230 -61.86 18.49 39.47
N THR D 231 -61.44 19.69 39.88
CA THR D 231 -60.09 20.16 39.55
C THR D 231 -59.04 19.28 40.20
N MET D 232 -59.15 19.04 41.51
CA MET D 232 -58.12 18.28 42.21
C MET D 232 -57.99 16.88 41.63
N SER D 233 -59.11 16.23 41.30
CA SER D 233 -59.03 14.95 40.63
C SER D 233 -58.29 15.06 39.31
N GLY D 234 -58.43 16.21 38.63
CA GLY D 234 -57.78 16.38 37.34
C GLY D 234 -56.28 16.54 37.47
N VAL D 235 -55.83 17.43 38.37
CA VAL D 235 -54.40 17.69 38.47
C VAL D 235 -53.62 16.55 39.11
N THR D 236 -54.31 15.56 39.69
CA THR D 236 -53.65 14.39 40.26
C THR D 236 -53.88 13.11 39.44
N THR D 237 -54.53 13.21 38.28
CA THR D 237 -54.75 12.04 37.42
C THR D 237 -53.42 11.36 37.08
N CYS D 238 -52.46 12.14 36.61
CA CYS D 238 -51.18 11.58 36.18
C CYS D 238 -50.35 11.05 37.35
N LEU D 239 -50.68 11.39 38.59
CA LEU D 239 -50.06 10.77 39.75
C LEU D 239 -50.73 9.48 40.18
N ARG D 240 -52.00 9.27 39.82
CA ARG D 240 -52.76 8.14 40.33
C ARG D 240 -52.95 7.02 39.33
N PHE D 241 -52.74 7.27 38.05
CA PHE D 241 -52.88 6.23 37.07
C PHE D 241 -51.61 6.06 36.25
N PRO D 242 -51.36 4.87 35.73
CA PRO D 242 -50.11 4.64 34.98
C PRO D 242 -49.98 5.60 33.81
N GLY D 243 -48.86 6.31 33.77
CA GLY D 243 -48.56 7.24 32.72
C GLY D 243 -47.09 7.57 32.70
N GLN D 244 -46.73 8.50 31.84
N GLN D 244 -46.73 8.52 31.84
CA GLN D 244 -45.34 8.90 31.69
CA GLN D 244 -45.34 8.89 31.64
C GLN D 244 -45.09 10.38 31.97
C GLN D 244 -45.07 10.36 31.90
N LEU D 245 -45.95 11.26 31.46
CA LEU D 245 -45.76 12.69 31.68
C LEU D 245 -46.21 13.09 33.09
N ASN D 246 -45.38 13.91 33.74
CA ASN D 246 -45.66 14.45 35.06
C ASN D 246 -46.06 13.35 36.03
N ALA D 247 -45.39 12.20 35.90
CA ALA D 247 -45.75 11.01 36.67
C ALA D 247 -45.57 11.19 38.17
N ASP D 248 -44.85 12.23 38.61
CA ASP D 248 -44.69 12.46 40.04
C ASP D 248 -44.52 13.96 40.28
N LEU D 249 -44.54 14.32 41.57
CA LEU D 249 -44.55 15.73 41.97
C LEU D 249 -43.29 16.45 41.55
N ARG D 250 -42.14 15.77 41.57
CA ARG D 250 -40.88 16.44 41.24
C ARG D 250 -40.77 16.68 39.74
N LYS D 251 -41.13 15.68 38.93
CA LYS D 251 -41.15 15.88 37.49
C LYS D 251 -42.15 16.97 37.10
N LEU D 252 -43.29 17.04 37.80
CA LEU D 252 -44.19 18.16 37.57
C LEU D 252 -43.52 19.49 37.89
N ALA D 253 -42.88 19.58 39.05
CA ALA D 253 -42.20 20.81 39.45
C ALA D 253 -41.12 21.21 38.44
N VAL D 254 -40.27 20.26 38.05
CA VAL D 254 -39.17 20.54 37.13
C VAL D 254 -39.70 21.07 35.79
N ASN D 255 -40.92 20.70 35.41
CA ASN D 255 -41.49 21.11 34.13
C ASN D 255 -42.32 22.39 34.22
N MET D 256 -42.75 22.78 35.41
CA MET D 256 -43.70 23.87 35.57
C MET D 256 -43.11 25.12 36.21
N VAL D 257 -41.98 25.01 36.89
CA VAL D 257 -41.40 26.10 37.67
C VAL D 257 -40.04 26.45 37.09
N PRO D 258 -39.97 27.46 36.21
CA PRO D 258 -38.68 27.84 35.65
C PRO D 258 -37.85 28.69 36.61
N PHE D 259 -38.52 29.42 37.50
CA PHE D 259 -37.83 30.17 38.52
C PHE D 259 -38.45 29.87 39.88
N PRO D 260 -37.63 29.79 40.93
CA PRO D 260 -38.12 29.23 42.21
C PRO D 260 -39.36 29.91 42.77
N ARG D 261 -39.43 31.24 42.74
CA ARG D 261 -40.55 31.95 43.35
C ARG D 261 -41.83 31.86 42.53
N LEU D 262 -41.74 31.65 41.22
CA LEU D 262 -42.92 31.65 40.36
C LEU D 262 -43.47 30.22 40.24
N HIS D 263 -44.04 29.74 41.34
CA HIS D 263 -44.58 28.39 41.43
C HIS D 263 -46.07 28.39 41.75
N PHE D 264 -46.77 29.47 41.40
CA PHE D 264 -48.21 29.58 41.64
C PHE D 264 -48.94 29.31 40.33
N PHE D 265 -49.70 28.22 40.31
CA PHE D 265 -50.40 27.74 39.12
C PHE D 265 -51.84 28.21 39.11
N MET D 266 -52.35 28.45 37.92
CA MET D 266 -53.78 28.72 37.74
C MET D 266 -54.41 27.53 37.03
N PRO D 267 -55.32 26.80 37.68
CA PRO D 267 -55.93 25.63 37.05
C PRO D 267 -57.21 25.97 36.32
N GLY D 268 -57.66 25.01 35.51
CA GLY D 268 -58.93 25.16 34.78
C GLY D 268 -59.52 23.79 34.54
N PHE D 269 -60.84 23.67 34.56
CA PHE D 269 -61.50 22.38 34.28
C PHE D 269 -62.45 22.57 33.10
N ALA D 270 -62.79 21.49 32.41
CA ALA D 270 -63.72 21.55 31.27
C ALA D 270 -64.10 20.12 30.94
N PRO D 271 -65.40 19.80 30.71
CA PRO D 271 -66.40 20.76 30.28
C PRO D 271 -67.17 21.42 31.42
N LEU D 272 -67.75 22.59 31.18
CA LEU D 272 -68.56 23.32 32.15
C LEU D 272 -69.72 23.95 31.41
N THR D 273 -70.95 23.53 31.71
CA THR D 273 -72.11 24.12 31.04
C THR D 273 -73.25 24.26 32.05
N SER D 274 -74.24 25.04 31.65
CA SER D 274 -75.48 25.16 32.41
C SER D 274 -76.43 24.03 32.03
N ARG D 275 -77.35 23.73 32.93
CA ARG D 275 -78.31 22.66 32.70
C ARG D 275 -78.93 22.75 31.31
N GLY D 276 -79.37 23.94 30.91
CA GLY D 276 -80.08 24.08 29.65
C GLY D 276 -79.20 23.85 28.44
N SER D 277 -77.94 24.27 28.51
CA SER D 277 -77.05 24.18 27.36
C SER D 277 -76.42 22.81 27.17
N GLN D 278 -76.50 21.93 28.17
CA GLN D 278 -75.87 20.61 28.04
C GLN D 278 -76.55 19.79 26.95
N GLN D 279 -77.86 19.95 26.79
CA GLN D 279 -78.58 19.10 25.81
C GLN D 279 -78.10 19.39 24.38
N TYR D 280 -78.06 20.66 23.99
CA TYR D 280 -77.73 21.01 22.61
C TYR D 280 -76.26 21.39 22.45
N ARG D 281 -75.37 20.53 22.95
CA ARG D 281 -73.94 20.72 22.75
C ARG D 281 -73.16 19.45 23.09
N ALA D 282 -72.77 18.69 22.07
CA ALA D 282 -71.98 17.49 22.28
C ALA D 282 -70.53 17.86 22.55
N LEU D 283 -69.91 17.16 23.49
CA LEU D 283 -68.55 17.47 23.92
C LEU D 283 -67.54 16.73 23.04
N THR D 284 -66.67 17.50 22.39
CA THR D 284 -65.63 16.95 21.53
C THR D 284 -64.28 17.49 21.96
N VAL D 285 -63.22 16.91 21.40
CA VAL D 285 -61.87 17.36 21.73
C VAL D 285 -61.68 18.83 21.34
N PRO D 286 -62.16 19.31 20.19
CA PRO D 286 -62.05 20.74 19.91
C PRO D 286 -62.80 21.59 20.92
N GLU D 287 -63.99 21.14 21.35
CA GLU D 287 -64.73 21.88 22.36
C GLU D 287 -63.97 21.89 23.68
N LEU D 288 -63.40 20.75 24.07
CA LEU D 288 -62.63 20.70 25.30
C LEU D 288 -61.44 21.66 25.25
N THR D 289 -60.71 21.66 24.12
CA THR D 289 -59.52 22.49 24.01
C THR D 289 -59.85 23.97 24.08
N GLN D 290 -60.86 24.40 23.32
CA GLN D 290 -61.23 25.82 23.31
C GLN D 290 -61.62 26.27 24.71
N GLN D 291 -62.45 25.49 25.41
CA GLN D 291 -62.86 25.84 26.77
C GLN D 291 -61.66 25.90 27.71
N MET D 292 -60.73 24.97 27.56
CA MET D 292 -59.59 24.88 28.47
C MET D 292 -58.82 26.19 28.55
N PHE D 293 -58.60 26.85 27.41
CA PHE D 293 -57.80 28.05 27.31
C PHE D 293 -58.64 29.32 27.34
N ASP D 294 -59.94 29.21 27.51
CA ASP D 294 -60.82 30.36 27.68
C ASP D 294 -60.71 30.89 29.11
N SER D 295 -60.71 32.22 29.24
CA SER D 295 -60.55 32.81 30.56
C SER D 295 -61.73 32.52 31.47
N LYS D 296 -62.91 32.27 30.89
CA LYS D 296 -64.08 31.94 31.69
C LYS D 296 -63.90 30.64 32.47
N ASN D 297 -63.01 29.74 32.03
CA ASN D 297 -62.85 28.44 32.66
C ASN D 297 -61.71 28.40 33.68
N MET D 298 -61.04 29.52 33.91
CA MET D 298 -59.92 29.55 34.85
C MET D 298 -60.41 29.52 36.28
N MET D 299 -59.81 28.67 37.10
CA MET D 299 -60.10 28.58 38.53
C MET D 299 -59.48 29.72 39.33
N ALA D 300 -58.72 30.61 38.69
CA ALA D 300 -58.23 31.83 39.30
C ALA D 300 -58.71 33.02 38.49
N ALA D 301 -59.13 34.08 39.18
CA ALA D 301 -59.76 35.21 38.52
C ALA D 301 -58.76 36.01 37.69
N CYS D 302 -58.21 35.39 36.65
CA CYS D 302 -57.22 36.04 35.80
C CYS D 302 -57.57 35.83 34.33
N ASP D 303 -57.28 36.84 33.52
CA ASP D 303 -57.41 36.70 32.08
C ASP D 303 -56.05 36.37 31.50
N PRO D 304 -55.80 35.13 31.04
CA PRO D 304 -54.48 34.82 30.47
C PRO D 304 -54.12 35.67 29.28
N ARG D 305 -55.12 36.27 28.61
CA ARG D 305 -54.87 37.21 27.52
C ARG D 305 -54.19 38.48 28.01
N HIS D 306 -54.09 38.68 29.32
CA HIS D 306 -53.44 39.84 29.88
C HIS D 306 -51.99 39.58 30.27
N GLY D 307 -51.52 38.34 30.16
CA GLY D 307 -50.14 38.01 30.39
C GLY D 307 -49.63 36.98 29.41
N ARG D 308 -48.67 36.17 29.85
CA ARG D 308 -48.07 35.17 28.95
C ARG D 308 -47.78 33.88 29.70
N TYR D 309 -47.98 32.74 29.04
CA TYR D 309 -47.71 31.44 29.64
C TYR D 309 -46.21 31.18 29.66
N LEU D 310 -45.69 30.86 30.84
CA LEU D 310 -44.33 30.33 30.94
C LEU D 310 -44.31 28.84 30.64
N THR D 311 -45.25 28.10 31.23
CA THR D 311 -45.38 26.66 31.08
C THR D 311 -46.85 26.29 31.20
N VAL D 312 -47.23 25.20 30.54
CA VAL D 312 -48.61 24.72 30.56
C VAL D 312 -48.60 23.20 30.54
N ALA D 313 -49.39 22.60 31.42
CA ALA D 313 -49.67 21.17 31.39
C ALA D 313 -51.16 20.97 31.12
N ALA D 314 -51.48 20.00 30.25
CA ALA D 314 -52.86 19.70 29.89
C ALA D 314 -53.09 18.20 30.00
N ILE D 315 -54.13 17.82 30.74
CA ILE D 315 -54.48 16.42 30.98
C ILE D 315 -55.86 16.17 30.41
N PHE D 316 -55.95 15.24 29.46
CA PHE D 316 -57.23 14.79 28.93
C PHE D 316 -57.56 13.42 29.50
N ARG D 317 -58.82 13.22 29.85
CA ARG D 317 -59.28 11.96 30.41
C ARG D 317 -60.49 11.48 29.61
N GLY D 318 -60.47 10.21 29.21
CA GLY D 318 -61.55 9.61 28.46
C GLY D 318 -61.03 8.87 27.25
N ARG D 319 -61.97 8.26 26.53
CA ARG D 319 -61.67 7.57 25.28
C ARG D 319 -61.75 8.59 24.15
N MET D 320 -60.60 8.91 23.55
CA MET D 320 -60.54 9.86 22.45
C MET D 320 -59.40 9.47 21.52
N SER D 321 -59.28 10.22 20.43
CA SER D 321 -58.23 10.01 19.44
C SER D 321 -57.00 10.80 19.84
N MET D 322 -55.90 10.09 20.10
CA MET D 322 -54.63 10.76 20.41
C MET D 322 -54.27 11.78 19.33
N LYS D 323 -54.52 11.42 18.07
CA LYS D 323 -54.19 12.31 16.95
C LYS D 323 -55.00 13.60 17.01
N GLU D 324 -56.29 13.48 17.28
CA GLU D 324 -57.13 14.68 17.46
C GLU D 324 -56.54 15.60 18.51
N VAL D 325 -56.15 15.02 19.65
CA VAL D 325 -55.60 15.82 20.74
C VAL D 325 -54.35 16.56 20.29
N ASP D 326 -53.42 15.83 19.65
CA ASP D 326 -52.18 16.47 19.21
C ASP D 326 -52.47 17.63 18.26
N GLU D 327 -53.44 17.46 17.36
CA GLU D 327 -53.75 18.51 16.40
C GLU D 327 -54.43 19.68 17.10
N GLN D 328 -55.40 19.41 17.96
CA GLN D 328 -56.09 20.49 18.66
C GLN D 328 -55.13 21.31 19.52
N MET D 329 -54.14 20.65 20.14
CA MET D 329 -53.21 21.40 20.99
C MET D 329 -52.21 22.20 20.18
N LEU D 330 -51.79 21.69 19.03
CA LEU D 330 -50.92 22.48 18.16
C LEU D 330 -51.65 23.70 17.63
N ASN D 331 -52.91 23.54 17.23
CA ASN D 331 -53.67 24.65 16.66
C ASN D 331 -53.83 25.79 17.66
N VAL D 332 -54.20 25.47 18.90
CA VAL D 332 -54.38 26.50 19.92
C VAL D 332 -53.07 27.22 20.18
N GLN D 333 -51.96 26.49 20.20
CA GLN D 333 -50.65 27.14 20.31
C GLN D 333 -50.37 28.02 19.11
N ASN D 334 -50.72 27.56 17.92
CA ASN D 334 -50.52 28.34 16.70
C ASN D 334 -51.30 29.64 16.75
N LYS D 335 -52.62 29.55 16.89
CA LYS D 335 -53.46 30.74 16.89
C LYS D 335 -53.07 31.72 17.99
N ASN D 336 -52.53 31.22 19.11
CA ASN D 336 -52.29 32.05 20.28
C ASN D 336 -50.80 32.15 20.61
N SER D 337 -49.95 32.14 19.58
CA SER D 337 -48.51 32.11 19.79
C SER D 337 -48.03 33.30 20.60
N SER D 338 -48.64 34.46 20.41
CA SER D 338 -48.24 35.66 21.14
C SER D 338 -48.33 35.49 22.65
N TYR D 339 -49.12 34.54 23.14
CA TYR D 339 -49.36 34.39 24.57
C TYR D 339 -48.46 33.36 25.22
N PHE D 340 -47.48 32.83 24.49
CA PHE D 340 -46.48 31.92 25.05
C PHE D 340 -45.11 32.56 24.91
N VAL D 341 -44.35 32.56 26.00
CA VAL D 341 -42.97 33.09 25.98
C VAL D 341 -42.16 32.29 24.96
N GLU D 342 -41.26 32.95 24.23
CA GLU D 342 -40.50 32.28 23.16
C GLU D 342 -39.16 31.77 23.69
N TRP D 343 -38.76 32.23 24.88
CA TRP D 343 -37.45 31.83 25.45
C TRP D 343 -37.60 30.49 26.18
N ILE D 344 -38.77 29.86 26.09
CA ILE D 344 -38.95 28.50 26.65
C ILE D 344 -39.61 27.65 25.56
N PRO D 345 -38.83 27.01 24.67
CA PRO D 345 -39.39 26.22 23.57
C PRO D 345 -40.20 25.04 24.11
N ASN D 346 -41.27 24.71 23.39
CA ASN D 346 -42.02 23.48 23.63
C ASN D 346 -42.51 23.42 25.07
N ASN D 347 -43.10 24.53 25.53
CA ASN D 347 -43.48 24.70 26.92
C ASN D 347 -44.94 24.34 27.19
N VAL D 348 -45.55 23.52 26.34
CA VAL D 348 -46.90 23.01 26.56
C VAL D 348 -46.82 21.49 26.45
N LYS D 349 -47.12 20.80 27.55
CA LYS D 349 -47.10 19.34 27.58
C LYS D 349 -48.52 18.81 27.79
N THR D 350 -48.80 17.67 27.17
CA THR D 350 -50.14 17.10 27.14
C THR D 350 -50.09 15.62 27.50
N ALA D 351 -50.95 15.22 28.43
CA ALA D 351 -51.11 13.83 28.82
C ALA D 351 -52.54 13.39 28.52
N VAL D 352 -52.69 12.09 28.27
CA VAL D 352 -54.00 11.48 28.07
C VAL D 352 -54.11 10.25 28.96
N CYS D 353 -55.17 10.19 29.75
CA CYS D 353 -55.46 9.05 30.59
C CYS D 353 -56.74 8.39 30.12
N ASP D 354 -56.79 7.06 30.17
CA ASP D 354 -57.89 6.34 29.54
C ASP D 354 -59.19 6.44 30.35
N ILE D 355 -59.11 6.54 31.67
CA ILE D 355 -60.31 6.46 32.49
C ILE D 355 -60.90 7.86 32.70
N PRO D 356 -62.17 8.07 32.38
CA PRO D 356 -62.76 9.39 32.56
C PRO D 356 -63.23 9.59 34.00
N PRO D 357 -63.41 10.83 34.43
CA PRO D 357 -63.99 11.06 35.77
C PRO D 357 -65.42 10.56 35.83
N ARG D 358 -66.53 10.59 38.33
CA ARG D 358 -67.51 9.79 37.54
C ARG D 358 -68.49 10.75 36.89
N GLY D 359 -69.15 10.33 35.81
CA GLY D 359 -70.21 11.15 35.29
C GLY D 359 -69.97 11.74 33.91
N LEU D 360 -68.74 11.71 33.40
CA LEU D 360 -68.40 12.30 32.11
C LEU D 360 -67.79 11.27 31.19
N LYS D 361 -67.98 11.48 29.88
CA LYS D 361 -67.28 10.71 28.85
C LYS D 361 -65.92 11.29 28.53
N MET D 362 -65.76 12.61 28.65
CA MET D 362 -64.53 13.31 28.38
C MET D 362 -64.36 14.45 29.37
N SER D 363 -63.13 14.65 29.83
CA SER D 363 -62.80 15.83 30.61
C SER D 363 -61.40 16.28 30.23
N ALA D 364 -61.08 17.51 30.61
CA ALA D 364 -59.79 18.11 30.35
C ALA D 364 -59.44 19.03 31.51
N THR D 365 -58.23 18.92 32.03
CA THR D 365 -57.77 19.78 33.11
C THR D 365 -56.56 20.59 32.64
N PHE D 366 -56.49 21.83 33.09
CA PHE D 366 -55.49 22.79 32.66
C PHE D 366 -54.67 23.22 33.87
N ILE D 367 -53.34 23.19 33.73
CA ILE D 367 -52.44 23.73 34.76
C ILE D 367 -51.55 24.75 34.07
N GLY D 368 -51.78 26.02 34.35
CA GLY D 368 -51.07 27.12 33.71
C GLY D 368 -50.12 27.79 34.68
N ASN D 369 -48.90 28.05 34.22
CA ASN D 369 -48.01 29.01 34.88
C ASN D 369 -47.98 30.25 33.97
N SER D 370 -48.72 31.28 34.37
CA SER D 370 -48.90 32.47 33.54
C SER D 370 -48.63 33.72 34.36
N THR D 371 -47.90 34.66 33.75
CA THR D 371 -47.68 35.97 34.38
C THR D 371 -49.00 36.69 34.65
N ALA D 372 -50.09 36.29 33.99
CA ALA D 372 -51.39 36.90 34.25
C ALA D 372 -51.86 36.67 35.69
N ILE D 373 -51.28 35.69 36.39
CA ILE D 373 -51.64 35.45 37.78
C ILE D 373 -51.43 36.72 38.62
N GLN D 374 -50.52 37.59 38.18
CA GLN D 374 -50.25 38.81 38.95
C GLN D 374 -51.52 39.61 39.21
N GLU D 375 -52.53 39.47 38.35
CA GLU D 375 -53.81 40.12 38.60
C GLU D 375 -54.43 39.62 39.90
N LEU D 376 -54.30 38.32 40.17
CA LEU D 376 -54.81 37.78 41.42
C LEU D 376 -54.11 38.40 42.63
N PHE D 377 -52.77 38.51 42.57
CA PHE D 377 -52.03 39.08 43.69
C PHE D 377 -52.27 40.57 43.82
N LYS D 378 -52.40 41.27 42.69
CA LYS D 378 -52.70 42.70 42.73
C LYS D 378 -54.03 42.96 43.43
N ARG D 379 -55.00 42.06 43.25
CA ARG D 379 -56.31 42.24 43.88
C ARG D 379 -56.20 42.17 45.40
N ILE D 380 -55.50 41.16 45.92
CA ILE D 380 -55.36 41.03 47.37
C ILE D 380 -54.55 42.20 47.93
N SER D 381 -53.44 42.52 47.29
CA SER D 381 -52.66 43.69 47.70
C SER D 381 -53.53 44.94 47.77
N GLU D 382 -54.42 45.12 46.79
CA GLU D 382 -55.28 46.30 46.80
C GLU D 382 -56.13 46.35 48.06
N GLN D 383 -56.73 45.22 48.44
CA GLN D 383 -57.57 45.20 49.63
C GLN D 383 -56.72 45.28 50.90
N PHE D 384 -55.54 44.66 50.90
CA PHE D 384 -54.63 44.78 52.02
C PHE D 384 -54.30 46.23 52.31
N THR D 385 -53.90 46.97 51.28
CA THR D 385 -53.50 48.37 51.47
C THR D 385 -54.66 49.21 51.98
N ALA D 386 -55.88 48.94 51.49
CA ALA D 386 -57.05 49.68 51.98
C ALA D 386 -57.24 49.48 53.48
N MET D 387 -57.15 48.23 53.94
CA MET D 387 -57.27 47.95 55.37
C MET D 387 -56.10 48.53 56.15
N PHE D 388 -54.87 48.23 55.73
CA PHE D 388 -53.69 48.62 56.47
C PHE D 388 -53.47 50.13 56.45
N ARG D 389 -53.96 50.82 55.42
CA ARG D 389 -53.82 52.27 55.35
C ARG D 389 -54.35 52.93 56.61
N ARG D 390 -55.51 52.49 57.09
CA ARG D 390 -56.10 52.99 58.32
C ARG D 390 -55.86 52.07 59.50
N LYS D 391 -54.96 51.10 59.36
CA LYS D 391 -54.61 50.19 60.45
C LYS D 391 -55.84 49.60 61.13
N ALA D 392 -56.74 49.05 60.31
CA ALA D 392 -57.96 48.45 60.82
C ALA D 392 -57.66 47.06 61.34
N PHE D 393 -57.80 46.86 62.66
CA PHE D 393 -57.90 45.57 63.33
C PHE D 393 -56.58 45.00 63.83
N LEU D 394 -55.46 45.71 63.71
CA LEU D 394 -54.17 45.06 63.99
C LEU D 394 -54.03 44.69 65.46
N HIS D 395 -54.70 45.41 66.36
CA HIS D 395 -54.56 45.11 67.78
C HIS D 395 -54.95 43.66 68.07
N TRP D 396 -55.85 43.08 67.26
CA TRP D 396 -56.10 41.64 67.35
C TRP D 396 -54.85 40.84 67.00
N TYR D 397 -54.10 41.28 65.98
CA TYR D 397 -52.88 40.59 65.59
C TYR D 397 -51.71 40.94 66.51
N THR D 398 -51.45 42.24 66.67
CA THR D 398 -50.34 42.66 67.51
C THR D 398 -50.53 42.20 68.95
N GLY D 399 -51.79 42.00 69.36
CA GLY D 399 -52.08 41.47 70.69
C GLY D 399 -51.55 40.06 70.92
N GLU D 400 -51.32 39.30 69.86
CA GLU D 400 -50.68 38.00 69.99
C GLU D 400 -49.16 38.10 70.00
N GLY D 401 -48.59 39.29 69.85
CA GLY D 401 -47.16 39.49 69.89
C GLY D 401 -46.54 39.87 68.57
N MET D 402 -47.33 40.01 67.51
CA MET D 402 -46.79 40.33 66.21
C MET D 402 -46.33 41.78 66.15
N ASP D 403 -45.43 42.05 65.20
CA ASP D 403 -44.91 43.42 65.02
C ASP D 403 -45.60 44.03 63.80
N GLU D 404 -45.67 45.35 63.76
CA GLU D 404 -46.35 46.05 62.67
C GLU D 404 -45.64 45.84 61.34
N MET D 405 -44.32 46.05 61.32
CA MET D 405 -43.59 45.93 60.06
C MET D 405 -43.59 44.52 59.50
N GLU D 406 -43.97 43.51 60.31
CA GLU D 406 -44.19 42.18 59.75
C GLU D 406 -45.30 42.21 58.71
N PHE D 407 -46.28 43.09 58.89
CA PHE D 407 -47.32 43.25 57.87
C PHE D 407 -46.74 43.89 56.61
N THR D 408 -45.94 44.94 56.76
CA THR D 408 -45.36 45.61 55.59
C THR D 408 -44.34 44.71 54.89
N GLU D 409 -43.67 43.84 55.65
CA GLU D 409 -42.78 42.86 55.02
C GLU D 409 -43.54 41.97 54.05
N ALA D 410 -44.64 41.39 54.51
CA ALA D 410 -45.45 40.52 53.64
C ALA D 410 -45.97 41.28 52.42
N GLU D 411 -46.46 42.50 52.63
CA GLU D 411 -47.04 43.26 51.50
C GLU D 411 -45.92 43.55 50.50
N SER D 412 -44.75 43.96 50.99
CA SER D 412 -43.62 44.30 50.11
C SER D 412 -43.20 43.06 49.34
N ASN D 413 -43.11 41.92 50.03
CA ASN D 413 -42.71 40.70 49.33
C ASN D 413 -43.70 40.37 48.22
N MET D 414 -44.99 40.42 48.52
CA MET D 414 -46.00 40.17 47.49
C MET D 414 -45.87 41.16 46.34
N ASN D 415 -45.42 42.38 46.62
CA ASN D 415 -45.24 43.36 45.55
C ASN D 415 -44.08 42.96 44.63
N ASP D 416 -42.97 42.52 45.22
CA ASP D 416 -41.87 42.01 44.41
C ASP D 416 -42.33 40.83 43.56
N LEU D 417 -43.17 39.96 44.12
CA LEU D 417 -43.69 38.85 43.34
C LEU D 417 -44.43 39.34 42.09
N VAL D 418 -45.21 40.42 42.22
CA VAL D 418 -45.94 40.93 41.06
C VAL D 418 -44.98 41.44 40.00
N SER D 419 -43.97 42.19 40.45
CA SER D 419 -42.98 42.75 39.50
C SER D 419 -42.24 41.60 38.82
N GLU D 420 -41.94 40.54 39.56
CA GLU D 420 -41.22 39.41 38.97
C GLU D 420 -42.00 38.85 37.79
N TYR D 421 -43.31 38.67 37.95
CA TYR D 421 -44.14 38.22 36.84
C TYR D 421 -44.07 39.21 35.67
N GLN D 422 -44.13 40.50 35.97
CA GLN D 422 -44.05 41.51 34.91
C GLN D 422 -42.71 41.45 34.20
N GLN D 423 -41.63 41.21 34.95
CA GLN D 423 -40.30 41.18 34.37
C GLN D 423 -40.19 40.10 33.29
N TYR D 424 -40.73 38.91 33.57
CA TYR D 424 -40.67 37.82 32.61
C TYR D 424 -41.77 37.88 31.57
N GLN D 425 -42.88 38.56 31.86
CA GLN D 425 -43.88 38.80 30.83
C GLN D 425 -43.35 39.75 29.75
N ASP D 426 -42.50 40.70 30.13
CA ASP D 426 -41.98 41.69 29.20
C ASP D 426 -40.67 41.26 28.54
N ALA D 427 -39.98 40.27 29.10
CA ALA D 427 -38.76 39.78 28.49
C ALA D 427 -39.04 39.19 27.11
N THR D 428 -38.06 39.32 26.21
CA THR D 428 -38.13 38.78 24.87
C THR D 428 -36.91 37.91 24.61
N ALA D 429 -36.94 37.24 23.45
CA ALA D 429 -35.85 36.35 23.04
C ALA D 429 -34.75 37.08 22.27
N ASP D 430 -34.90 38.38 22.03
CA ASP D 430 -33.89 39.14 21.31
C ASP D 430 -33.68 40.51 21.95
N MET E 1 63.53 -18.48 -48.47
CA MET E 1 62.97 -19.60 -47.73
C MET E 1 64.06 -20.61 -47.33
N GLU E 2 64.44 -20.59 -46.06
CA GLU E 2 65.47 -21.47 -45.53
C GLU E 2 64.93 -22.28 -44.36
N VAL E 3 65.45 -23.49 -44.18
CA VAL E 3 65.04 -24.40 -43.12
C VAL E 3 66.20 -24.59 -42.17
N ILE E 4 65.94 -24.43 -40.87
CA ILE E 4 66.96 -24.54 -39.84
C ILE E 4 66.41 -25.33 -38.66
N GLU E 5 67.29 -25.67 -37.73
CA GLU E 5 66.93 -26.30 -36.45
C GLU E 5 66.03 -27.50 -36.65
N LEU E 6 66.40 -28.38 -37.58
CA LEU E 6 65.65 -29.60 -37.84
C LEU E 6 65.96 -30.62 -36.74
N ASN E 7 64.95 -30.96 -35.93
CA ASN E 7 65.06 -31.98 -34.90
C ASN E 7 64.15 -33.14 -35.27
N LYS E 8 64.68 -34.36 -35.16
CA LYS E 8 63.93 -35.56 -35.49
C LYS E 8 63.87 -36.45 -34.26
N CYS E 9 62.66 -36.87 -33.89
N CYS E 9 62.66 -36.88 -33.89
CA CYS E 9 62.45 -37.70 -32.71
CA CYS E 9 62.48 -37.73 -32.72
C CYS E 9 61.63 -38.94 -33.08
C CYS E 9 61.64 -38.95 -33.09
N THR E 10 61.24 -39.71 -32.08
CA THR E 10 60.43 -40.90 -32.32
C THR E 10 59.01 -40.52 -32.77
N SER E 11 58.41 -39.55 -32.09
CA SER E 11 57.00 -39.23 -32.25
C SER E 11 56.74 -38.05 -33.18
N GLY E 12 57.76 -37.59 -33.89
CA GLY E 12 57.56 -36.50 -34.83
C GLY E 12 58.88 -35.82 -35.17
N GLN E 13 58.77 -34.62 -35.73
CA GLN E 13 59.94 -33.79 -35.98
C GLN E 13 59.53 -32.32 -35.94
N SER E 14 60.54 -31.46 -35.85
CA SER E 14 60.36 -30.02 -35.73
C SER E 14 61.46 -29.32 -36.50
N PHE E 15 61.19 -28.06 -36.87
CA PHE E 15 62.13 -27.25 -37.62
C PHE E 15 61.56 -25.84 -37.73
N GLU E 16 62.41 -24.92 -38.20
CA GLU E 16 62.06 -23.51 -38.30
C GLU E 16 62.34 -23.04 -39.72
N VAL E 17 61.34 -22.43 -40.35
CA VAL E 17 61.45 -21.94 -41.72
C VAL E 17 61.43 -20.42 -41.65
N ILE E 18 62.57 -19.79 -41.94
CA ILE E 18 62.71 -18.35 -41.89
C ILE E 18 62.53 -17.78 -43.30
N LEU E 19 61.78 -16.69 -43.40
CA LEU E 19 61.44 -16.12 -44.69
C LEU E 19 62.14 -14.79 -44.95
N LYS E 20 62.12 -13.86 -43.98
CA LYS E 20 62.76 -12.57 -44.16
C LYS E 20 63.51 -12.17 -42.89
N PRO E 21 64.73 -11.65 -43.04
CA PRO E 21 65.48 -11.17 -41.87
C PRO E 21 64.74 -10.03 -41.19
N PRO E 22 65.03 -9.77 -39.92
CA PRO E 22 64.39 -8.65 -39.23
C PRO E 22 65.11 -7.33 -39.45
N SER E 23 64.35 -6.25 -39.35
CA SER E 23 64.91 -4.90 -39.49
C SER E 23 65.21 -4.31 -38.11
N ASP E 39 57.94 -9.21 -7.62
CA ASP E 39 56.54 -9.47 -7.31
C ASP E 39 56.29 -9.34 -5.80
N PRO E 40 55.01 -9.23 -5.42
CA PRO E 40 54.70 -8.96 -4.01
C PRO E 40 55.07 -10.10 -3.07
N SER E 41 54.85 -9.89 -1.79
CA SER E 41 55.17 -10.86 -0.76
C SER E 41 53.90 -11.47 -0.19
N LEU E 42 54.07 -12.53 0.60
CA LEU E 42 52.94 -13.10 1.31
C LEU E 42 52.31 -12.07 2.25
N GLU E 43 53.14 -11.23 2.88
CA GLU E 43 52.62 -10.17 3.75
C GLU E 43 51.73 -9.23 2.95
N GLU E 44 52.23 -8.74 1.82
CA GLU E 44 51.45 -7.81 0.99
C GLU E 44 50.07 -8.38 0.68
N ILE E 45 50.02 -9.63 0.24
CA ILE E 45 48.75 -10.24 -0.14
C ILE E 45 47.81 -10.33 1.05
N GLN E 46 48.32 -10.80 2.19
CA GLN E 46 47.47 -10.96 3.36
C GLN E 46 47.04 -9.62 3.95
N LYS E 47 47.80 -8.56 3.73
CA LYS E 47 47.36 -7.23 4.15
C LYS E 47 46.20 -6.75 3.30
N LYS E 48 46.25 -7.01 1.99
CA LYS E 48 45.14 -6.63 1.13
C LYS E 48 43.90 -7.43 1.47
N LEU E 49 44.07 -8.71 1.85
CA LEU E 49 42.92 -9.53 2.23
C LEU E 49 42.35 -9.11 3.58
N GLU E 50 43.22 -8.92 4.57
CA GLU E 50 42.73 -8.50 5.88
C GLU E 50 42.10 -7.11 5.80
N ALA E 51 42.63 -6.25 4.94
CA ALA E 51 42.01 -4.93 4.76
C ALA E 51 40.59 -5.07 4.24
N ALA E 52 40.37 -5.96 3.27
CA ALA E 52 39.02 -6.17 2.76
C ALA E 52 38.10 -6.71 3.86
N GLU E 53 38.63 -7.59 4.72
CA GLU E 53 37.82 -8.09 5.82
C GLU E 53 37.46 -6.98 6.79
N GLU E 54 38.36 -6.00 6.95
CA GLU E 54 38.06 -4.83 7.78
C GLU E 54 36.85 -4.08 7.26
N ARG E 55 36.89 -3.69 5.98
CA ARG E 55 35.79 -2.92 5.41
C ARG E 55 34.47 -3.67 5.52
N ARG E 56 34.51 -4.99 5.35
CA ARG E 56 33.29 -5.78 5.47
C ARG E 56 32.74 -5.73 6.90
N LYS E 57 33.61 -5.97 7.88
CA LYS E 57 33.17 -5.96 9.27
C LYS E 57 32.67 -4.58 9.67
N TYR E 58 33.29 -3.53 9.14
CA TYR E 58 32.83 -2.18 9.45
C TYR E 58 31.42 -1.95 8.91
N GLN E 59 31.16 -2.44 7.70
CA GLN E 59 29.82 -2.29 7.12
C GLN E 59 28.80 -3.08 7.92
N GLU E 60 29.15 -4.29 8.36
CA GLU E 60 28.24 -5.07 9.17
C GLU E 60 27.92 -4.34 10.48
N ALA E 61 28.90 -3.66 11.06
CA ALA E 61 28.66 -2.93 12.29
C ALA E 61 27.76 -1.73 12.07
N GLU E 62 27.89 -1.07 10.92
CA GLU E 62 27.00 0.04 10.62
C GLU E 62 25.57 -0.44 10.46
N LEU E 63 25.37 -1.64 9.95
CA LEU E 63 24.02 -2.18 9.80
C LEU E 63 23.44 -2.62 11.14
N LEU E 64 24.21 -3.38 11.91
CA LEU E 64 23.72 -3.85 13.20
C LEU E 64 23.50 -2.69 14.17
N LYS E 65 24.30 -1.64 14.06
CA LYS E 65 24.08 -0.45 14.87
C LYS E 65 22.78 0.26 14.48
N HIS E 66 22.57 0.47 13.17
CA HIS E 66 21.34 1.10 12.72
C HIS E 66 20.12 0.25 13.09
N LEU E 67 20.28 -1.07 13.13
CA LEU E 67 19.15 -1.93 13.51
C LEU E 67 18.88 -1.86 15.02
N ALA E 68 19.93 -1.70 15.83
CA ALA E 68 19.74 -1.54 17.26
C ALA E 68 18.96 -0.27 17.58
N GLU E 69 19.09 0.75 16.73
CA GLU E 69 18.31 1.98 16.94
C GLU E 69 16.83 1.74 16.67
N LYS E 70 16.51 0.92 15.66
CA LYS E 70 15.13 0.52 15.45
C LYS E 70 14.54 -0.12 16.69
N ARG E 71 15.35 -0.86 17.45
CA ARG E 71 14.82 -1.56 18.63
C ARG E 71 14.54 -0.60 19.78
N GLU E 72 15.42 0.38 19.99
CA GLU E 72 15.11 1.42 20.97
C GLU E 72 13.81 2.13 20.62
N HIS E 73 13.60 2.40 19.33
CA HIS E 73 12.40 3.10 18.91
C HIS E 73 11.16 2.24 19.09
N GLU E 74 11.27 0.94 18.84
CA GLU E 74 10.12 0.06 19.01
C GLU E 74 9.66 0.03 20.46
N ARG E 75 10.60 0.02 21.41
CA ARG E 75 10.24 0.09 22.82
C ARG E 75 9.69 1.47 23.17
N GLU E 76 10.33 2.51 22.64
CA GLU E 76 9.83 3.88 22.78
C GLU E 76 8.35 3.96 22.43
N VAL E 77 7.98 3.41 21.27
CA VAL E 77 6.60 3.52 20.80
C VAL E 77 5.67 2.76 21.72
N ILE E 78 6.02 1.51 22.06
CA ILE E 78 5.12 0.74 22.91
C ILE E 78 4.95 1.41 24.27
N GLN E 79 6.05 1.93 24.84
CA GLN E 79 5.96 2.60 26.13
C GLN E 79 5.14 3.89 26.04
N LYS E 80 5.15 4.56 24.90
CA LYS E 80 4.33 5.76 24.75
C LYS E 80 2.85 5.41 24.66
N ALA E 81 2.52 4.32 23.96
CA ALA E 81 1.15 3.83 23.97
C ALA E 81 0.69 3.53 25.38
N ILE E 82 1.52 2.84 26.17
CA ILE E 82 1.15 2.55 27.55
C ILE E 82 0.96 3.84 28.33
N GLU E 83 1.78 4.85 28.06
CA GLU E 83 1.70 6.06 28.88
C GLU E 83 0.46 6.88 28.55
N GLU E 84 0.09 6.95 27.27
CA GLU E 84 -1.10 7.72 26.92
C GLU E 84 -2.36 7.06 27.47
N ASN E 85 -2.38 5.73 27.54
CA ASN E 85 -3.54 5.06 28.12
C ASN E 85 -3.59 5.25 29.61
N ASN E 86 -2.44 5.24 30.28
CA ASN E 86 -2.41 5.49 31.72
C ASN E 86 -2.84 6.92 32.04
N ASN E 87 -2.39 7.89 31.23
CA ASN E 87 -2.77 9.28 31.49
C ASN E 87 -4.26 9.49 31.24
N PHE E 88 -4.84 8.80 30.26
CA PHE E 88 -6.27 8.87 30.02
C PHE E 88 -7.06 8.38 31.23
N ILE E 89 -6.72 7.19 31.73
CA ILE E 89 -7.35 6.67 32.95
C ILE E 89 -7.13 7.64 34.10
N LYS E 90 -5.91 8.17 34.24
CA LYS E 90 -5.60 9.01 35.39
C LYS E 90 -6.46 10.27 35.40
N MET E 91 -6.61 10.92 34.25
CA MET E 91 -7.35 12.18 34.22
C MET E 91 -8.84 11.95 34.42
N ALA E 92 -9.41 10.94 33.76
CA ALA E 92 -10.80 10.58 34.03
C ALA E 92 -11.03 10.32 35.51
N LYS E 93 -10.14 9.54 36.13
CA LYS E 93 -10.25 9.25 37.56
C LYS E 93 -10.26 10.54 38.39
N GLU E 94 -9.37 11.48 38.07
CA GLU E 94 -9.24 12.68 38.89
C GLU E 94 -10.35 13.68 38.61
N LYS E 95 -10.76 13.83 37.36
CA LYS E 95 -11.87 14.72 37.03
C LYS E 95 -13.16 14.25 37.70
N LEU E 96 -13.47 12.96 37.58
CA LEU E 96 -14.61 12.39 38.28
C LEU E 96 -14.54 12.65 39.77
N ALA E 97 -13.42 12.29 40.40
CA ALA E 97 -13.30 12.46 41.85
C ALA E 97 -13.58 13.90 42.26
N GLN E 98 -13.00 14.86 41.54
CA GLN E 98 -13.18 16.26 41.93
C GLN E 98 -14.60 16.75 41.68
N LYS E 99 -15.31 16.16 40.72
CA LYS E 99 -16.70 16.55 40.47
C LYS E 99 -17.63 16.02 41.55
N MET E 100 -17.47 14.75 41.94
CA MET E 100 -18.24 14.24 43.07
C MET E 100 -18.03 15.12 44.29
N GLU E 101 -16.78 15.54 44.51
CA GLU E 101 -16.46 16.33 45.69
C GLU E 101 -17.17 17.68 45.67
N SER E 102 -17.02 18.43 44.57
CA SER E 102 -17.66 19.73 44.49
C SER E 102 -19.17 19.63 44.65
N ASN E 103 -19.78 18.62 44.02
CA ASN E 103 -21.24 18.49 44.12
C ASN E 103 -21.68 18.23 45.54
N LYS E 104 -20.98 17.33 46.24
CA LYS E 104 -21.29 17.09 47.65
C LYS E 104 -21.28 18.40 48.43
N GLU E 105 -20.19 19.16 48.34
CA GLU E 105 -20.11 20.44 49.03
C GLU E 105 -21.24 21.38 48.61
N ASN E 106 -21.48 21.49 47.31
CA ASN E 106 -22.46 22.46 46.81
C ASN E 106 -23.87 22.10 47.26
N ARG E 107 -24.24 20.83 47.14
CA ARG E 107 -25.59 20.43 47.53
C ARG E 107 -25.77 20.54 49.04
N GLU E 108 -24.78 20.11 49.82
CA GLU E 108 -24.88 20.24 51.27
C GLU E 108 -24.97 21.69 51.71
N ALA E 109 -24.32 22.60 50.98
CA ALA E 109 -24.37 24.01 51.33
C ALA E 109 -25.73 24.62 50.98
N HIS E 110 -26.30 24.21 49.86
CA HIS E 110 -27.65 24.66 49.52
C HIS E 110 -28.65 24.25 50.60
N LEU E 111 -28.52 23.02 51.12
CA LEU E 111 -29.44 22.58 52.17
C LEU E 111 -29.18 23.31 53.48
N ALA E 112 -27.91 23.45 53.86
CA ALA E 112 -27.60 24.21 55.07
C ALA E 112 -28.18 25.61 54.99
N ALA E 113 -28.03 26.29 53.85
CA ALA E 113 -28.58 27.62 53.72
C ALA E 113 -30.09 27.62 53.95
N MET E 114 -30.79 26.72 53.28
CA MET E 114 -32.24 26.68 53.42
C MET E 114 -32.65 26.38 54.85
N LEU E 115 -31.94 25.46 55.51
CA LEU E 115 -32.27 25.10 56.89
C LEU E 115 -31.87 26.20 57.86
N GLU E 116 -30.72 26.84 57.63
CA GLU E 116 -30.35 27.99 58.45
C GLU E 116 -31.44 29.05 58.40
N ARG E 117 -32.10 29.18 57.25
CA ARG E 117 -33.14 30.23 57.10
C ARG E 117 -34.39 29.81 57.88
N LEU E 118 -34.76 28.54 57.79
CA LEU E 118 -35.97 28.12 58.49
C LEU E 118 -35.84 28.33 60.00
N GLN E 119 -34.65 28.04 60.55
CA GLN E 119 -34.45 28.21 61.98
C GLN E 119 -34.50 29.68 62.39
N GLU E 120 -33.94 30.55 61.55
CA GLU E 120 -34.05 31.98 61.79
C GLU E 120 -35.50 32.44 61.90
N LYS E 121 -36.44 31.69 61.33
CA LYS E 121 -37.85 31.98 61.52
C LYS E 121 -38.36 31.41 62.84
N ASP E 122 -37.91 30.20 63.21
CA ASP E 122 -38.26 29.68 64.53
C ASP E 122 -37.77 30.61 65.63
N LYS E 123 -36.60 31.22 65.43
CA LYS E 123 -36.12 32.22 66.39
C LYS E 123 -37.11 33.36 66.53
N HIS E 124 -37.64 33.86 65.40
CA HIS E 124 -38.57 34.99 65.43
C HIS E 124 -39.89 34.62 66.09
N ALA E 125 -40.36 33.39 65.88
CA ALA E 125 -41.60 32.97 66.51
C ALA E 125 -41.49 33.01 68.03
N GLU E 126 -40.43 32.39 68.58
CA GLU E 126 -40.25 32.43 70.02
C GLU E 126 -40.17 33.86 70.53
N GLU E 127 -39.47 34.73 69.80
CA GLU E 127 -39.47 36.15 70.17
C GLU E 127 -40.87 36.73 70.11
N VAL E 128 -41.73 36.22 69.23
CA VAL E 128 -43.11 36.68 69.17
C VAL E 128 -43.88 36.20 70.40
N ARG E 129 -43.48 35.07 70.98
CA ARG E 129 -44.14 34.58 72.19
C ARG E 129 -43.72 35.38 73.41
N LYS E 130 -42.40 35.57 73.61
CA LYS E 130 -41.93 36.44 74.69
C LYS E 130 -42.58 37.81 74.60
N ASN E 131 -42.67 38.36 73.38
CA ASN E 131 -43.30 39.66 73.19
C ASN E 131 -44.75 39.67 73.68
N LYS E 132 -45.45 38.55 73.56
CA LYS E 132 -46.86 38.53 73.94
C LYS E 132 -47.04 38.64 75.45
N GLU E 133 -46.14 38.00 76.22
CA GLU E 133 -46.26 38.03 77.67
C GLU E 133 -45.85 39.38 78.24
N LEU E 134 -44.84 40.02 77.64
CA LEU E 134 -44.44 41.35 78.12
C LEU E 134 -45.61 42.31 78.10
N LYS E 135 -46.30 42.43 76.95
CA LYS E 135 -47.53 43.20 76.91
C LYS E 135 -48.62 42.59 77.77
N GLU E 136 -48.47 41.31 78.14
CA GLU E 136 -49.48 40.63 78.95
C GLU E 136 -49.49 41.09 80.40
N GLU E 137 -48.44 41.77 80.85
CA GLU E 137 -48.38 42.27 82.22
C GLU E 137 -48.69 43.76 82.28
N ALA E 138 -49.81 44.15 81.70
CA ALA E 138 -50.26 45.54 81.71
C ALA E 138 -51.61 45.67 81.03
N MET F 1 11.21 -4.33 -38.85
CA MET F 1 11.97 -3.62 -39.89
C MET F 1 13.45 -3.55 -39.54
N TYR F 2 14.14 -2.57 -40.10
CA TYR F 2 15.58 -2.43 -39.96
C TYR F 2 15.92 -1.16 -39.18
N THR F 3 17.14 -1.13 -38.65
CA THR F 3 17.62 -0.03 -37.82
C THR F 3 19.00 0.43 -38.28
N PHE F 4 19.24 1.74 -38.17
CA PHE F 4 20.52 2.32 -38.53
C PHE F 4 20.84 3.47 -37.57
N VAL F 5 22.13 3.80 -37.47
CA VAL F 5 22.63 4.88 -36.64
C VAL F 5 23.61 5.71 -37.46
N VAL F 6 23.67 6.99 -37.14
CA VAL F 6 24.49 7.97 -37.88
C VAL F 6 25.59 8.46 -36.94
N ARG F 7 26.85 8.32 -37.38
CA ARG F 7 27.98 8.70 -36.54
C ARG F 7 28.90 9.72 -37.19
N ASP F 8 28.67 10.10 -38.44
CA ASP F 8 29.40 11.20 -39.08
C ASP F 8 28.36 12.24 -39.48
N GLU F 9 28.22 13.28 -38.64
CA GLU F 9 27.20 14.30 -38.89
C GLU F 9 27.49 15.06 -40.18
N ASN F 10 28.76 15.33 -40.46
CA ASN F 10 29.13 16.22 -41.56
C ASN F 10 28.90 15.61 -42.94
N SER F 11 28.64 14.32 -43.04
CA SER F 11 28.58 13.66 -44.35
C SER F 11 27.40 14.21 -45.15
N SER F 12 27.71 14.89 -46.24
CA SER F 12 26.64 15.44 -47.13
C SER F 12 25.93 14.29 -47.84
N VAL F 13 26.65 13.22 -48.14
CA VAL F 13 26.07 12.13 -48.91
C VAL F 13 25.22 11.22 -48.02
N TYR F 14 25.75 10.83 -46.86
CA TYR F 14 24.99 9.96 -45.97
C TYR F 14 23.95 10.74 -45.17
N ALA F 15 24.16 12.03 -44.95
CA ALA F 15 23.05 12.87 -44.52
C ALA F 15 21.85 12.67 -45.44
N GLU F 16 22.11 12.55 -46.74
CA GLU F 16 21.03 12.37 -47.70
C GLU F 16 20.48 10.94 -47.64
N VAL F 17 21.36 9.94 -47.62
CA VAL F 17 20.92 8.54 -47.71
C VAL F 17 19.99 8.20 -46.56
N SER F 18 20.33 8.62 -45.34
CA SER F 18 19.48 8.31 -44.19
C SER F 18 18.08 8.91 -44.34
N ARG F 19 17.92 9.91 -45.19
CA ARG F 19 16.59 10.46 -45.43
C ARG F 19 15.77 9.57 -46.35
N LEU F 20 16.42 8.97 -47.36
CA LEU F 20 15.75 7.97 -48.18
C LEU F 20 15.29 6.79 -47.34
N LEU F 21 16.15 6.32 -46.44
CA LEU F 21 15.81 5.20 -45.58
C LEU F 21 14.55 5.49 -44.77
N LEU F 22 14.50 6.67 -44.13
CA LEU F 22 13.29 7.02 -43.38
C LEU F 22 12.08 7.12 -44.29
N ALA F 23 12.27 7.57 -45.54
CA ALA F 23 11.17 7.73 -46.46
C ALA F 23 10.50 6.41 -46.84
N THR F 24 11.17 5.28 -46.61
CA THR F 24 10.58 3.97 -46.88
C THR F 24 9.66 3.48 -45.77
N GLY F 25 9.69 4.12 -44.60
CA GLY F 25 8.86 3.68 -43.49
C GLY F 25 9.27 2.35 -42.96
N GLN F 26 10.41 1.85 -43.39
CA GLN F 26 10.92 0.55 -42.96
C GLN F 26 12.33 0.64 -42.37
N TRP F 27 12.80 1.85 -42.07
CA TRP F 27 14.06 2.04 -41.36
C TRP F 27 13.81 2.98 -40.19
N LYS F 28 14.59 2.81 -39.11
CA LYS F 28 14.48 3.71 -37.94
C LYS F 28 15.87 4.03 -37.39
N ARG F 29 16.15 5.31 -37.14
CA ARG F 29 17.45 5.72 -36.58
C ARG F 29 17.42 5.53 -35.06
N LEU F 30 18.50 5.00 -34.48
CA LEU F 30 18.50 4.71 -33.02
C LEU F 30 19.74 5.30 -32.36
N ARG F 31 19.77 6.62 -32.18
CA ARG F 31 20.88 7.23 -31.41
C ARG F 31 22.23 6.87 -32.04
N LYS F 32 23.28 6.87 -31.23
CA LYS F 32 24.64 6.60 -31.74
C LYS F 32 25.27 5.45 -30.97
N ASP F 33 25.12 5.43 -29.66
CA ASP F 33 25.81 4.39 -28.91
C ASP F 33 24.97 3.14 -28.70
N ASN F 34 23.76 3.10 -29.22
CA ASN F 34 22.96 1.89 -29.16
C ASN F 34 23.55 0.88 -30.13
N PRO F 35 23.86 -0.35 -29.67
CA PRO F 35 24.53 -1.33 -30.53
C PRO F 35 23.60 -2.24 -31.33
N ARG F 36 22.30 -2.22 -31.05
CA ARG F 36 21.36 -3.09 -31.76
C ARG F 36 20.90 -2.44 -33.07
N PHE F 37 21.88 -2.22 -33.94
CA PHE F 37 21.69 -1.55 -35.22
C PHE F 37 22.00 -2.50 -36.37
N ASN F 38 21.24 -2.37 -37.46
CA ASN F 38 21.56 -3.15 -38.66
C ASN F 38 22.66 -2.48 -39.47
N LEU F 39 22.57 -1.17 -39.67
CA LEU F 39 23.50 -0.44 -40.51
C LEU F 39 24.17 0.65 -39.69
N MET F 40 25.48 0.82 -39.86
CA MET F 40 26.23 1.89 -39.21
C MET F 40 26.87 2.76 -40.29
N LEU F 41 26.40 3.99 -40.43
CA LEU F 41 27.07 5.03 -41.22
C LEU F 41 28.11 5.67 -40.31
N GLY F 42 29.31 5.09 -40.31
CA GLY F 42 30.32 5.42 -39.31
C GLY F 42 31.10 6.69 -39.59
N GLU F 43 31.99 7.01 -38.65
CA GLU F 43 32.78 8.23 -38.68
C GLU F 43 33.97 8.08 -39.63
N ARG F 44 34.58 9.22 -39.96
CA ARG F 44 35.70 9.22 -40.89
C ARG F 44 36.90 8.48 -40.31
N ASN F 45 37.32 8.85 -39.10
CA ASN F 45 38.51 8.28 -38.48
C ASN F 45 38.13 7.50 -37.24
N ARG F 46 38.98 6.53 -36.88
CA ARG F 46 38.83 5.75 -35.66
C ARG F 46 37.45 5.10 -35.59
N LEU F 47 37.02 4.50 -36.70
CA LEU F 47 35.78 3.75 -36.72
C LEU F 47 35.96 2.45 -35.95
N PRO F 48 35.18 2.17 -34.91
CA PRO F 48 35.42 0.97 -34.09
C PRO F 48 35.04 -0.32 -34.81
N PHE F 49 35.78 -0.67 -35.87
CA PHE F 49 35.46 -1.86 -36.64
C PHE F 49 35.40 -3.11 -35.76
N GLY F 50 36.27 -3.16 -34.74
CA GLY F 50 36.32 -4.32 -33.85
C GLY F 50 35.06 -4.54 -33.05
N ARG F 51 34.14 -3.57 -33.03
CA ARG F 51 32.89 -3.71 -32.28
C ARG F 51 31.75 -4.26 -33.14
N LEU F 52 31.93 -4.33 -34.45
CA LEU F 52 30.88 -4.77 -35.35
C LEU F 52 30.85 -6.30 -35.44
N GLY F 53 29.68 -6.83 -35.79
CA GLY F 53 29.52 -8.27 -35.98
C GLY F 53 29.51 -9.10 -34.73
N HIS F 54 29.31 -8.48 -33.56
CA HIS F 54 29.35 -9.22 -32.30
C HIS F 54 28.03 -9.18 -31.54
N GLU F 55 27.02 -8.48 -32.03
CA GLU F 55 25.73 -8.44 -31.35
C GLU F 55 24.87 -9.62 -31.79
N PRO F 56 24.47 -10.51 -30.89
CA PRO F 56 23.77 -11.73 -31.29
C PRO F 56 22.48 -11.44 -32.05
N GLY F 57 22.33 -12.07 -33.21
CA GLY F 57 21.11 -11.95 -34.00
C GLY F 57 20.98 -10.69 -34.82
N LEU F 58 22.09 -10.01 -35.12
CA LEU F 58 22.04 -8.77 -35.88
C LEU F 58 23.00 -8.86 -37.04
N VAL F 59 22.48 -8.84 -38.27
CA VAL F 59 23.30 -8.69 -39.46
C VAL F 59 23.68 -7.21 -39.54
N GLN F 60 24.98 -6.92 -39.38
CA GLN F 60 25.48 -5.56 -39.31
C GLN F 60 26.30 -5.24 -40.55
N LEU F 61 26.02 -4.08 -41.13
CA LEU F 61 26.70 -3.60 -42.34
C LEU F 61 27.17 -2.17 -42.07
N VAL F 62 28.35 -1.84 -42.57
CA VAL F 62 28.99 -0.54 -42.31
C VAL F 62 29.45 0.07 -43.62
N ASN F 63 29.34 1.40 -43.73
CA ASN F 63 29.61 2.12 -44.97
C ASN F 63 31.09 2.38 -45.23
N TYR F 64 32.00 1.63 -44.61
CA TYR F 64 33.42 1.79 -44.89
C TYR F 64 34.11 0.44 -44.88
N TYR F 65 35.12 0.31 -45.73
CA TYR F 65 35.97 -0.87 -45.79
C TYR F 65 37.19 -0.65 -44.91
N ARG F 66 37.30 -1.42 -43.84
CA ARG F 66 38.53 -1.42 -43.04
C ARG F 66 39.70 -1.80 -43.94
N GLY F 67 40.69 -0.91 -44.02
CA GLY F 67 41.87 -1.13 -44.83
C GLY F 67 41.94 -0.30 -46.09
N ALA F 68 40.81 0.26 -46.55
CA ALA F 68 40.80 1.01 -47.80
C ALA F 68 41.49 2.36 -47.70
N ASP F 69 41.95 2.75 -46.51
CA ASP F 69 42.72 3.99 -46.38
C ASP F 69 44.05 3.88 -47.14
N LYS F 70 44.59 2.67 -47.26
CA LYS F 70 45.84 2.50 -47.99
C LYS F 70 45.73 3.03 -49.42
N LEU F 71 44.54 2.95 -50.00
CA LEU F 71 44.28 3.48 -51.32
C LEU F 71 43.95 4.96 -51.32
N CYS F 72 43.50 5.51 -50.19
CA CYS F 72 42.98 6.87 -50.11
C CYS F 72 43.92 7.85 -49.39
N ARG F 73 45.13 7.42 -49.07
CA ARG F 73 46.13 8.31 -48.48
C ARG F 73 47.24 8.51 -49.52
N LYS F 74 47.49 9.76 -49.89
CA LYS F 74 48.50 10.07 -50.88
C LYS F 74 49.77 9.25 -50.66
N ALA F 75 50.34 9.34 -49.45
CA ALA F 75 51.59 8.66 -49.16
C ALA F 75 51.49 7.16 -49.35
N SER F 76 50.41 6.55 -48.84
CA SER F 76 50.30 5.10 -48.90
C SER F 76 49.96 4.61 -50.31
N LEU F 77 49.26 5.44 -51.10
CA LEU F 77 48.97 5.04 -52.48
C LEU F 77 50.25 4.90 -53.28
N VAL F 78 51.13 5.91 -53.21
CA VAL F 78 52.40 5.83 -53.93
C VAL F 78 53.19 4.60 -53.48
N LYS F 79 53.15 4.30 -52.18
CA LYS F 79 53.84 3.11 -51.69
C LYS F 79 53.14 1.84 -52.16
N LEU F 80 51.81 1.86 -52.29
CA LEU F 80 51.09 0.69 -52.73
C LEU F 80 51.32 0.39 -54.21
N ILE F 81 51.37 1.45 -55.04
CA ILE F 81 51.55 1.24 -56.48
C ILE F 81 52.93 0.65 -56.77
N LYS F 82 53.95 1.11 -56.05
CA LYS F 82 55.31 0.66 -56.33
C LYS F 82 55.57 -0.74 -55.78
N THR F 83 55.05 -1.05 -54.59
CA THR F 83 55.35 -2.33 -53.97
C THR F 83 54.48 -3.47 -54.51
N SER F 84 53.25 -3.18 -54.89
CA SER F 84 52.35 -4.22 -55.38
C SER F 84 52.79 -4.71 -56.75
N PRO F 85 52.93 -6.03 -56.96
CA PRO F 85 53.37 -6.51 -58.27
C PRO F 85 52.32 -6.39 -59.36
N GLU F 86 51.02 -6.38 -59.00
CA GLU F 86 49.97 -6.24 -60.00
C GLU F 86 49.92 -4.85 -60.61
N LEU F 87 50.57 -3.86 -60.00
CA LEU F 87 50.62 -2.51 -60.54
C LEU F 87 51.99 -2.13 -61.08
N SER F 88 53.07 -2.61 -60.47
CA SER F 88 54.43 -2.40 -60.96
C SER F 88 54.85 -0.94 -60.82
N GLU F 89 56.14 -0.70 -60.58
CA GLU F 89 56.65 0.66 -60.52
C GLU F 89 56.70 1.32 -61.89
N SER F 90 56.46 0.56 -62.96
CA SER F 90 56.35 1.10 -64.31
C SER F 90 54.90 1.35 -64.72
N CYS F 91 53.94 1.15 -63.80
CA CYS F 91 52.52 1.38 -64.05
C CYS F 91 52.30 2.67 -64.83
N THR F 92 51.75 2.54 -66.03
CA THR F 92 51.78 3.60 -67.05
C THR F 92 50.67 4.64 -66.89
N TRP F 93 49.87 4.58 -65.83
CA TRP F 93 48.81 5.57 -65.63
C TRP F 93 48.93 6.34 -64.32
N PHE F 94 50.01 6.15 -63.59
CA PHE F 94 50.25 6.91 -62.37
C PHE F 94 51.44 7.83 -62.57
N PRO F 95 51.30 9.12 -62.29
CA PRO F 95 52.45 10.03 -62.45
C PRO F 95 53.59 9.64 -61.53
N GLU F 96 54.81 9.79 -62.06
CA GLU F 96 56.03 9.47 -61.26
C GLU F 96 55.98 10.28 -59.98
N SER F 97 56.14 9.60 -58.85
CA SER F 97 56.06 10.29 -57.57
C SER F 97 56.91 9.56 -56.53
N TYR F 98 57.29 10.30 -55.49
CA TYR F 98 58.13 9.80 -54.41
C TYR F 98 57.63 10.35 -53.09
N VAL F 99 57.77 9.52 -52.05
CA VAL F 99 57.34 9.93 -50.68
C VAL F 99 58.50 10.65 -49.99
N ILE F 100 58.29 11.89 -49.57
CA ILE F 100 59.42 12.66 -48.99
C ILE F 100 59.06 13.07 -47.56
N TYR F 101 59.92 12.71 -46.61
CA TYR F 101 59.69 13.04 -45.19
C TYR F 101 60.34 14.39 -44.87
N PRO F 102 59.59 15.34 -44.27
CA PRO F 102 60.15 16.63 -43.91
C PRO F 102 61.40 16.43 -43.04
N THR F 125 62.62 4.51 -45.30
CA THR F 125 61.30 4.59 -45.98
C THR F 125 61.24 5.84 -46.87
N ASP F 126 62.11 6.82 -46.61
CA ASP F 126 62.05 8.07 -47.36
C ASP F 126 62.64 7.88 -48.75
N GLU F 127 62.16 8.68 -49.71
CA GLU F 127 62.58 8.59 -51.10
C GLU F 127 63.17 9.91 -51.60
N ARG F 128 63.79 10.70 -50.72
CA ARG F 128 64.38 11.97 -51.14
C ARG F 128 65.65 11.76 -51.94
N GLU F 129 66.38 10.66 -51.68
CA GLU F 129 67.59 10.36 -52.43
C GLU F 129 67.26 9.81 -53.82
N VAL F 130 66.18 9.05 -53.94
CA VAL F 130 65.78 8.51 -55.24
C VAL F 130 65.13 9.58 -56.09
N PHE F 131 64.47 10.56 -55.47
CA PHE F 131 63.85 11.64 -56.24
C PHE F 131 64.92 12.48 -56.93
N LEU F 132 65.96 12.87 -56.20
CA LEU F 132 67.01 13.71 -56.78
C LEU F 132 67.73 12.99 -57.91
N ALA F 133 67.86 11.66 -57.82
CA ALA F 133 68.47 10.91 -58.91
C ALA F 133 67.65 11.04 -60.19
N ALA F 134 66.32 10.95 -60.07
CA ALA F 134 65.43 11.15 -61.21
C ALA F 134 65.25 12.61 -61.59
N TYR F 135 65.80 13.54 -60.80
CA TYR F 135 65.75 14.95 -61.15
C TYR F 135 66.88 15.31 -62.11
N ASN F 136 68.12 15.00 -61.74
CA ASN F 136 69.24 15.28 -62.63
C ASN F 136 69.16 14.44 -63.90
N ARG F 137 68.58 13.24 -63.83
CA ARG F 137 68.42 12.42 -65.02
C ARG F 137 67.52 13.12 -66.05
N ARG F 138 66.62 13.98 -65.58
CA ARG F 138 65.71 14.71 -66.46
C ARG F 138 66.25 16.10 -66.82
N ARG F 139 66.64 16.88 -65.81
CA ARG F 139 67.20 18.20 -66.08
C ARG F 139 68.35 18.13 -67.07
N GLU F 140 69.24 17.15 -66.89
CA GLU F 140 70.29 16.91 -67.88
C GLU F 140 69.67 16.56 -69.23
N GLY F 141 68.72 15.63 -69.24
CA GLY F 141 68.07 15.21 -70.46
C GLY F 141 67.35 16.33 -71.19
N ARG F 142 67.34 17.53 -70.63
CA ARG F 142 66.71 18.71 -71.24
C ARG F 142 65.23 18.46 -71.51
N GLU F 143 64.51 18.13 -70.44
CA GLU F 143 63.11 17.79 -70.52
C GLU F 143 62.32 18.64 -69.53
N GLY F 144 61.02 18.78 -69.79
CA GLY F 144 60.14 19.46 -68.87
C GLY F 144 60.16 18.82 -67.50
N ASN F 145 60.64 19.59 -66.51
CA ASN F 145 60.79 19.08 -65.15
C ASN F 145 60.04 19.96 -64.16
N VAL F 146 58.76 20.16 -64.41
CA VAL F 146 57.87 20.81 -63.45
C VAL F 146 57.29 19.73 -62.56
N TRP F 147 57.47 19.87 -61.25
CA TRP F 147 56.96 18.92 -60.28
C TRP F 147 55.98 19.61 -59.34
N ILE F 148 54.97 18.87 -58.91
CA ILE F 148 54.03 19.32 -57.90
C ILE F 148 54.33 18.58 -56.60
N ALA F 149 54.23 19.29 -55.49
CA ALA F 149 54.43 18.71 -54.17
C ALA F 149 53.18 18.94 -53.33
N LYS F 150 52.75 17.90 -52.61
CA LYS F 150 51.55 17.98 -51.79
C LYS F 150 51.62 16.90 -50.72
N SER F 151 50.63 16.93 -49.83
CA SER F 151 50.53 15.96 -48.76
C SER F 151 49.06 15.74 -48.45
N SER F 152 48.79 15.07 -47.32
CA SER F 152 47.43 14.81 -46.86
C SER F 152 47.02 15.75 -45.73
N ALA F 153 47.48 17.00 -45.77
CA ALA F 153 47.13 18.01 -44.77
C ALA F 153 46.96 19.37 -45.43
N GLY F 154 46.25 19.39 -46.56
CA GLY F 154 46.05 20.62 -47.31
C GLY F 154 44.73 20.69 -48.06
N ALA F 155 44.03 21.80 -47.92
CA ALA F 155 42.75 22.02 -48.60
C ALA F 155 42.51 23.49 -48.88
N ILE F 162 53.81 23.27 -56.74
CA ILE F 162 54.27 23.28 -58.13
C ILE F 162 55.53 24.12 -58.24
N SER F 163 56.61 23.51 -58.76
CA SER F 163 57.86 24.23 -58.94
C SER F 163 58.73 23.44 -59.92
N SER F 164 59.81 24.09 -60.38
CA SER F 164 60.74 23.43 -61.33
C SER F 164 62.11 23.22 -60.67
N GLU F 165 62.25 23.63 -59.41
CA GLU F 165 63.53 23.52 -58.72
C GLU F 165 63.38 22.58 -57.53
N ALA F 166 64.26 21.58 -57.46
CA ALA F 166 64.26 20.69 -56.31
C ALA F 166 64.68 21.43 -55.04
N SER F 167 65.59 22.40 -55.16
CA SER F 167 66.01 23.19 -54.02
C SER F 167 64.89 24.04 -53.43
N GLU F 168 63.79 24.21 -54.16
CA GLU F 168 62.65 24.99 -53.70
C GLU F 168 61.51 24.12 -53.19
N LEU F 169 61.38 22.90 -53.70
CA LEU F 169 60.35 21.99 -53.23
C LEU F 169 60.73 21.33 -51.91
N LEU F 170 61.98 20.87 -51.79
CA LEU F 170 62.39 20.16 -50.58
C LEU F 170 62.41 21.07 -49.36
N ASP F 171 62.73 22.36 -49.55
CA ASP F 171 62.64 23.31 -48.44
C ASP F 171 61.19 23.64 -48.08
N PHE F 172 60.25 23.38 -49.00
CA PHE F 172 58.83 23.52 -48.68
C PHE F 172 58.37 22.37 -47.80
N ILE F 173 58.66 21.13 -48.19
CA ILE F 173 58.30 19.98 -47.37
C ILE F 173 58.88 20.10 -45.97
N ASP F 174 59.97 20.87 -45.82
CA ASP F 174 60.58 21.04 -44.50
C ASP F 174 59.85 22.07 -43.66
N GLU F 175 59.35 23.14 -44.29
CA GLU F 175 58.56 24.15 -43.57
C GLU F 175 57.19 23.63 -43.16
N GLN F 176 56.84 22.41 -43.55
CA GLN F 176 55.57 21.78 -43.17
C GLN F 176 55.87 20.45 -42.51
N GLY F 177 55.44 20.30 -41.26
CA GLY F 177 55.79 19.12 -40.48
C GLY F 177 55.07 17.85 -40.89
N GLN F 178 54.55 17.81 -42.12
CA GLN F 178 53.80 16.67 -42.61
C GLN F 178 54.55 15.95 -43.71
N VAL F 179 54.26 14.66 -43.88
CA VAL F 179 54.85 13.89 -44.97
C VAL F 179 54.23 14.35 -46.29
N HIS F 180 55.08 14.55 -47.29
CA HIS F 180 54.64 15.04 -48.58
C HIS F 180 55.02 14.07 -49.69
N VAL F 181 54.24 14.10 -50.77
CA VAL F 181 54.52 13.38 -52.00
C VAL F 181 54.89 14.40 -53.06
N ILE F 182 56.00 14.17 -53.75
CA ILE F 182 56.39 14.98 -54.90
C ILE F 182 56.09 14.18 -56.15
N GLN F 183 55.16 14.68 -56.96
CA GLN F 183 54.64 13.98 -58.12
C GLN F 183 54.91 14.79 -59.37
N LYS F 184 55.15 14.10 -60.48
CA LYS F 184 55.38 14.77 -61.74
C LYS F 184 54.14 15.55 -62.14
N TYR F 185 54.32 16.83 -62.41
CA TYR F 185 53.23 17.69 -62.86
C TYR F 185 52.95 17.43 -64.34
N LEU F 186 51.70 17.14 -64.65
CA LEU F 186 51.30 16.84 -66.03
C LEU F 186 51.36 18.14 -66.83
N GLU F 187 52.44 18.34 -67.56
CA GLU F 187 52.70 19.63 -68.17
C GLU F 187 51.83 19.90 -69.38
N LYS F 188 51.44 18.85 -70.11
CA LYS F 188 50.68 19.05 -71.33
C LYS F 188 49.26 18.53 -71.18
N PRO F 189 48.41 19.19 -70.41
CA PRO F 189 47.04 18.72 -70.24
C PRO F 189 46.21 18.96 -71.49
N LEU F 190 45.08 18.25 -71.57
CA LEU F 190 44.07 18.55 -72.58
C LEU F 190 43.29 19.78 -72.15
N LEU F 191 43.18 20.76 -73.05
CA LEU F 191 42.53 22.02 -72.73
C LEU F 191 41.18 22.10 -73.43
N LEU F 192 40.24 22.79 -72.77
CA LEU F 192 38.92 23.03 -73.31
C LEU F 192 38.91 24.36 -74.06
N GLU F 193 38.20 24.39 -75.18
CA GLU F 193 38.06 25.61 -75.97
C GLU F 193 36.58 25.87 -76.25
N PRO F 194 36.14 27.13 -76.22
CA PRO F 194 36.92 28.36 -75.93
C PRO F 194 37.35 28.45 -74.47
N GLY F 195 38.47 29.14 -74.24
CA GLY F 195 38.94 29.34 -72.85
C GLY F 195 40.36 28.85 -72.65
N HIS F 196 40.81 27.88 -73.44
CA HIS F 196 42.15 27.29 -73.19
C HIS F 196 42.26 27.01 -71.69
N ARG F 197 41.38 26.15 -71.17
CA ARG F 197 41.34 25.95 -69.69
C ARG F 197 41.62 24.50 -69.29
N LYS F 198 42.09 24.29 -68.05
CA LYS F 198 42.44 22.92 -67.55
C LYS F 198 41.25 22.35 -66.77
N PHE F 199 41.33 21.06 -66.40
CA PHE F 199 40.25 20.41 -65.66
C PHE F 199 40.72 19.03 -65.22
N ASP F 200 39.95 18.42 -64.31
CA ASP F 200 40.10 17.02 -63.97
C ASP F 200 38.73 16.35 -64.01
N ILE F 201 38.73 15.03 -63.87
CA ILE F 201 37.51 14.23 -63.95
C ILE F 201 37.32 13.51 -62.62
N ARG F 202 36.11 13.58 -62.08
CA ARG F 202 35.75 12.89 -60.85
C ARG F 202 34.78 11.76 -61.18
N SER F 203 35.14 10.54 -60.79
CA SER F 203 34.30 9.36 -60.92
C SER F 203 33.89 8.87 -59.55
N TRP F 204 32.64 8.44 -59.43
CA TRP F 204 32.12 7.87 -58.20
C TRP F 204 32.00 6.36 -58.38
N VAL F 205 32.64 5.61 -57.48
CA VAL F 205 32.62 4.15 -57.52
C VAL F 205 32.00 3.64 -56.24
N LEU F 206 31.19 2.60 -56.36
CA LEU F 206 30.56 1.95 -55.21
C LEU F 206 30.98 0.49 -55.18
N VAL F 207 31.46 0.04 -54.02
CA VAL F 207 31.79 -1.35 -53.78
C VAL F 207 30.84 -1.88 -52.71
N ASP F 208 30.16 -2.98 -53.00
CA ASP F 208 29.19 -3.53 -52.08
C ASP F 208 29.83 -4.66 -51.25
N HIS F 209 29.01 -5.34 -50.45
CA HIS F 209 29.51 -6.37 -49.55
C HIS F 209 30.01 -7.61 -50.27
N LEU F 210 29.63 -7.78 -51.53
CA LEU F 210 30.13 -8.87 -52.37
C LEU F 210 31.32 -8.45 -53.21
N TYR F 211 31.79 -7.22 -53.03
CA TYR F 211 32.93 -6.68 -53.78
C TYR F 211 32.63 -6.57 -55.26
N ASN F 212 31.38 -6.29 -55.60
CA ASN F 212 31.06 -5.78 -56.93
C ASN F 212 31.56 -4.34 -57.04
N ILE F 213 32.16 -4.01 -58.17
CA ILE F 213 32.65 -2.65 -58.44
C ILE F 213 31.66 -1.97 -59.38
N TYR F 214 30.96 -0.97 -58.85
CA TYR F 214 29.92 -0.24 -59.59
C TYR F 214 30.43 1.16 -59.89
N LEU F 215 30.46 1.53 -61.17
CA LEU F 215 30.86 2.85 -61.61
C LEU F 215 29.60 3.68 -61.89
N TYR F 216 29.48 4.81 -61.22
CA TYR F 216 28.34 5.70 -61.45
C TYR F 216 28.43 6.29 -62.86
N ARG F 217 27.36 6.09 -63.64
CA ARG F 217 27.36 6.50 -65.05
C ARG F 217 27.71 7.97 -65.22
N GLU F 218 27.32 8.82 -64.26
CA GLU F 218 27.53 10.25 -64.37
C GLU F 218 28.83 10.65 -63.68
N GLY F 219 29.65 11.43 -64.38
CA GLY F 219 30.84 12.03 -63.81
C GLY F 219 30.77 13.54 -63.94
N VAL F 220 31.77 14.18 -63.31
CA VAL F 220 31.84 15.66 -63.36
C VAL F 220 33.25 16.10 -63.71
N LEU F 221 33.35 17.19 -64.46
CA LEU F 221 34.61 17.83 -64.80
C LEU F 221 34.78 19.07 -63.94
N ARG F 222 35.86 19.11 -63.17
CA ARG F 222 36.18 20.28 -62.34
C ARG F 222 37.01 21.22 -63.19
N THR F 223 36.31 22.16 -63.83
CA THR F 223 36.96 23.10 -64.78
C THR F 223 37.57 24.32 -64.09
N SER F 224 38.57 24.94 -64.72
CA SER F 224 39.18 26.18 -64.19
C SER F 224 38.82 27.34 -65.12
N SER F 225 38.06 28.32 -64.62
CA SER F 225 37.64 29.48 -65.46
C SER F 225 38.86 30.18 -66.02
N GLU F 226 40.00 30.12 -65.32
CA GLU F 226 41.20 30.86 -65.76
C GLU F 226 41.94 30.09 -66.86
N PRO F 227 42.28 30.72 -67.99
CA PRO F 227 43.07 30.07 -69.03
C PRO F 227 44.39 29.53 -68.46
N TYR F 228 44.86 28.40 -68.98
CA TYR F 228 46.07 27.75 -68.49
C TYR F 228 47.32 28.45 -69.05
N ASN F 229 48.22 28.83 -68.15
CA ASN F 229 49.46 29.53 -68.49
C ASN F 229 50.62 28.70 -67.95
N SER F 230 51.40 28.12 -68.85
CA SER F 230 52.51 27.24 -68.47
C SER F 230 53.82 28.00 -68.30
N ALA F 231 53.79 29.09 -67.55
CA ALA F 231 54.98 29.90 -67.30
C ALA F 231 54.68 31.07 -66.38
N ASP F 235 50.60 32.39 -59.91
CA ASP F 235 49.26 32.02 -60.33
C ASP F 235 48.95 30.58 -59.93
N LYS F 236 48.07 30.42 -58.94
CA LYS F 236 47.67 29.12 -58.43
C LYS F 236 46.19 28.84 -58.62
N THR F 237 45.55 29.50 -59.59
CA THR F 237 44.13 29.38 -59.85
C THR F 237 43.81 28.60 -61.12
N CYS F 238 44.53 28.87 -62.21
CA CYS F 238 44.32 28.18 -63.48
C CYS F 238 44.99 26.81 -63.52
N HIS F 239 45.66 26.40 -62.45
CA HIS F 239 46.33 25.11 -62.37
C HIS F 239 45.58 24.12 -61.49
N LEU F 240 45.16 24.54 -60.30
CA LEU F 240 44.35 23.72 -59.41
C LEU F 240 42.88 23.87 -59.80
N THR F 241 42.22 22.75 -60.09
CA THR F 241 40.89 22.77 -60.64
C THR F 241 39.80 22.45 -59.62
N ASN F 242 40.16 21.94 -58.45
CA ASN F 242 39.17 21.63 -57.42
C ASN F 242 38.30 22.85 -57.13
N HIS F 243 37.08 22.60 -56.67
CA HIS F 243 36.13 23.69 -56.42
C HIS F 243 36.57 24.60 -55.29
N CYS F 244 37.42 24.12 -54.38
CA CYS F 244 37.86 24.95 -53.27
C CYS F 244 38.58 26.20 -53.75
N ILE F 245 39.50 26.05 -54.71
CA ILE F 245 40.25 27.18 -55.21
C ILE F 245 39.35 28.13 -56.02
N GLN F 246 38.33 27.58 -56.68
CA GLN F 246 37.43 28.38 -57.52
C GLN F 246 36.14 28.73 -56.78
N TYR F 256 31.77 30.47 -68.05
CA TYR F 256 31.62 29.33 -68.95
C TYR F 256 30.50 28.39 -68.49
N GLU F 257 30.80 27.54 -67.53
CA GLU F 257 29.86 26.55 -67.01
C GLU F 257 29.52 26.86 -65.56
N GLU F 258 28.28 26.60 -65.19
CA GLU F 258 27.82 26.90 -63.84
C GLU F 258 28.52 26.02 -62.82
N GLY F 259 29.10 26.64 -61.80
CA GLY F 259 29.81 25.90 -60.77
C GLY F 259 31.13 25.31 -61.21
N ASN F 260 31.67 25.75 -62.33
CA ASN F 260 32.91 25.22 -62.88
C ASN F 260 32.85 23.69 -63.00
N GLU F 261 31.67 23.19 -63.36
CA GLU F 261 31.43 21.76 -63.50
C GLU F 261 30.78 21.51 -64.85
N MET F 262 31.35 20.58 -65.62
CA MET F 262 30.77 20.12 -66.86
C MET F 262 30.39 18.66 -66.73
N PHE F 263 29.29 18.27 -67.35
CA PHE F 263 28.78 16.92 -67.25
C PHE F 263 29.13 16.10 -68.49
N PHE F 264 29.05 14.79 -68.35
CA PHE F 264 29.55 13.89 -69.37
C PHE F 264 28.84 14.10 -70.71
N GLU F 265 27.54 14.40 -70.67
CA GLU F 265 26.79 14.63 -71.91
C GLU F 265 27.43 15.74 -72.73
N GLU F 266 27.69 16.88 -72.11
CA GLU F 266 28.32 17.99 -72.81
C GLU F 266 29.73 17.62 -73.26
N PHE F 267 30.57 17.20 -72.32
CA PHE F 267 31.95 16.83 -72.66
C PHE F 267 31.99 15.80 -73.78
N ASN F 268 31.01 14.90 -73.83
CA ASN F 268 30.96 13.94 -74.93
C ASN F 268 30.80 14.66 -76.27
N GLN F 269 29.84 15.57 -76.35
CA GLN F 269 29.63 16.30 -77.60
C GLN F 269 30.87 17.10 -77.99
N TYR F 270 31.58 17.66 -77.00
CA TYR F 270 32.79 18.41 -77.29
C TYR F 270 33.85 17.52 -77.93
N LEU F 271 34.08 16.34 -77.34
CA LEU F 271 35.03 15.41 -77.94
C LEU F 271 34.61 15.01 -79.34
N MET F 272 33.30 14.86 -79.57
CA MET F 272 32.81 14.51 -80.91
C MET F 272 33.06 15.64 -81.89
N ASP F 273 32.72 16.87 -81.52
CA ASP F 273 32.86 18.00 -82.44
C ASP F 273 34.30 18.47 -82.56
N ALA F 274 35.03 18.51 -81.45
CA ALA F 274 36.39 19.05 -81.46
C ALA F 274 37.42 18.03 -81.93
N LEU F 275 37.31 16.79 -81.48
CA LEU F 275 38.35 15.79 -81.71
C LEU F 275 37.87 14.55 -82.47
N ASN F 276 36.60 14.50 -82.86
CA ASN F 276 36.09 13.38 -83.66
C ASN F 276 36.16 12.05 -82.90
N THR F 277 35.99 12.09 -81.58
CA THR F 277 36.00 10.89 -80.76
C THR F 277 34.86 10.98 -79.75
N THR F 278 34.68 9.89 -79.00
CA THR F 278 33.64 9.81 -77.99
C THR F 278 34.25 9.70 -76.60
N LEU F 279 33.41 9.89 -75.59
CA LEU F 279 33.88 9.80 -74.22
C LEU F 279 34.22 8.35 -73.85
N GLU F 280 33.40 7.41 -74.32
CA GLU F 280 33.60 5.99 -73.93
C GLU F 280 34.90 5.44 -74.52
N ASN F 281 35.16 5.77 -75.79
CA ASN F 281 36.32 5.20 -76.47
C ASN F 281 37.62 5.79 -75.93
N SER F 282 37.72 7.10 -75.87
CA SER F 282 39.00 7.76 -75.65
C SER F 282 39.29 8.07 -74.18
N ILE F 283 38.34 7.86 -73.27
CA ILE F 283 38.57 8.23 -71.87
C ILE F 283 38.01 7.17 -70.92
N LEU F 284 36.80 6.68 -71.19
CA LEU F 284 36.12 5.83 -70.21
C LEU F 284 36.72 4.43 -70.13
N LEU F 285 37.27 3.91 -71.24
CA LEU F 285 37.92 2.60 -71.18
C LEU F 285 39.10 2.63 -70.21
N GLN F 286 39.89 3.70 -70.24
CA GLN F 286 41.01 3.81 -69.33
C GLN F 286 40.55 3.99 -67.89
N ILE F 287 39.54 4.86 -67.67
CA ILE F 287 39.01 5.06 -66.33
C ILE F 287 38.52 3.74 -65.75
N LYS F 288 37.73 2.99 -66.54
CA LYS F 288 37.22 1.70 -66.07
C LYS F 288 38.37 0.76 -65.72
N HIS F 289 39.45 0.80 -66.51
CA HIS F 289 40.57 -0.11 -66.30
C HIS F 289 41.37 0.26 -65.06
N ILE F 290 41.63 1.55 -64.85
CA ILE F 290 42.35 2.00 -63.65
C ILE F 290 41.56 1.63 -62.40
N ILE F 291 40.25 1.85 -62.41
CA ILE F 291 39.44 1.60 -61.22
C ILE F 291 39.48 0.12 -60.84
N ARG F 292 39.42 -0.77 -61.83
CA ARG F 292 39.51 -2.20 -61.56
C ARG F 292 40.86 -2.56 -60.94
N SER F 293 41.95 -2.09 -61.55
CA SER F 293 43.29 -2.48 -61.12
C SER F 293 43.54 -2.08 -59.66
N CYS F 294 43.12 -0.88 -59.28
CA CYS F 294 43.31 -0.44 -57.91
C CYS F 294 42.50 -1.28 -56.93
N LEU F 295 41.20 -1.43 -57.20
CA LEU F 295 40.34 -2.13 -56.25
C LEU F 295 40.61 -3.64 -56.26
N MET F 296 40.85 -4.23 -57.44
CA MET F 296 41.18 -5.64 -57.47
CA MET F 296 41.22 -5.64 -57.52
C MET F 296 42.49 -5.92 -56.74
N CYS F 297 43.40 -4.95 -56.69
CA CYS F 297 44.68 -5.13 -56.03
C CYS F 297 44.51 -5.34 -54.52
N ILE F 298 43.72 -4.49 -53.87
CA ILE F 298 43.57 -4.54 -52.42
C ILE F 298 42.47 -5.48 -51.94
N GLU F 299 41.77 -6.16 -52.86
CA GLU F 299 40.59 -6.92 -52.45
C GLU F 299 40.91 -8.00 -51.43
N PRO F 300 41.97 -8.81 -51.58
CA PRO F 300 42.24 -9.82 -50.55
C PRO F 300 42.47 -9.22 -49.16
N ALA F 301 42.90 -7.96 -49.08
CA ALA F 301 43.19 -7.35 -47.79
C ALA F 301 41.94 -6.83 -47.11
N ILE F 302 41.02 -6.21 -47.87
CA ILE F 302 39.89 -5.52 -47.25
C ILE F 302 38.56 -6.26 -47.41
N SER F 303 38.51 -7.30 -48.25
CA SER F 303 37.24 -7.96 -48.52
C SER F 303 36.62 -8.50 -47.24
N THR F 304 35.31 -8.27 -47.09
CA THR F 304 34.57 -8.74 -45.92
C THR F 304 33.80 -10.03 -46.18
N LYS F 305 33.97 -10.65 -47.35
CA LYS F 305 33.49 -12.02 -47.52
C LYS F 305 34.12 -12.90 -46.46
N HIS F 306 33.28 -13.70 -45.79
CA HIS F 306 33.76 -14.59 -44.74
C HIS F 306 34.14 -13.84 -43.45
N LEU F 307 33.67 -12.61 -43.30
CA LEU F 307 33.87 -11.83 -42.08
C LEU F 307 32.55 -11.73 -41.31
N HIS F 308 32.66 -11.49 -40.01
CA HIS F 308 31.50 -11.48 -39.12
C HIS F 308 30.65 -10.21 -39.28
N TYR F 309 31.10 -9.23 -40.06
CA TYR F 309 30.31 -8.07 -40.44
C TYR F 309 30.57 -7.78 -41.91
N GLN F 310 29.70 -6.97 -42.51
CA GLN F 310 29.77 -6.65 -43.93
C GLN F 310 30.15 -5.19 -44.12
N SER F 311 30.78 -4.90 -45.27
CA SER F 311 31.25 -3.57 -45.59
C SER F 311 30.83 -3.17 -47.00
N PHE F 312 30.63 -1.87 -47.20
CA PHE F 312 30.60 -1.26 -48.52
C PHE F 312 31.22 0.12 -48.38
N GLN F 313 31.53 0.74 -49.51
CA GLN F 313 32.10 2.09 -49.44
C GLN F 313 31.99 2.78 -50.80
N LEU F 314 31.72 4.08 -50.75
CA LEU F 314 31.68 4.95 -51.91
C LEU F 314 33.03 5.65 -52.05
N PHE F 315 33.63 5.53 -53.22
CA PHE F 315 34.94 6.12 -53.49
C PHE F 315 34.82 7.24 -54.51
N GLY F 316 35.76 8.17 -54.45
CA GLY F 316 35.92 9.15 -55.50
C GLY F 316 37.29 9.05 -56.14
N PHE F 317 37.32 8.81 -57.45
CA PHE F 317 38.57 8.76 -58.21
C PHE F 317 38.74 10.06 -58.98
N ASP F 318 39.94 10.64 -58.92
CA ASP F 318 40.25 11.89 -59.60
C ASP F 318 41.26 11.62 -60.72
N PHE F 319 40.89 11.98 -61.95
CA PHE F 319 41.69 11.66 -63.13
C PHE F 319 42.12 12.92 -63.86
N MET F 320 43.20 12.79 -64.62
CA MET F 320 43.66 13.82 -65.54
C MET F 320 43.70 13.25 -66.95
N VAL F 321 43.53 14.13 -67.93
CA VAL F 321 43.55 13.75 -69.34
C VAL F 321 44.53 14.68 -70.05
N ASP F 322 45.53 14.09 -70.71
CA ASP F 322 46.58 14.87 -71.35
C ASP F 322 46.28 15.06 -72.84
N GLU F 323 47.20 15.76 -73.53
CA GLU F 323 46.98 16.15 -74.92
C GLU F 323 46.71 14.94 -75.81
N GLU F 324 47.38 13.83 -75.55
CA GLU F 324 47.22 12.62 -76.34
C GLU F 324 46.05 11.76 -75.89
N LEU F 325 45.16 12.31 -75.05
CA LEU F 325 43.98 11.58 -74.58
C LEU F 325 44.39 10.32 -73.80
N LYS F 326 45.39 10.49 -72.94
CA LYS F 326 45.80 9.46 -71.98
C LYS F 326 45.34 9.89 -70.59
N VAL F 327 44.70 8.98 -69.88
CA VAL F 327 44.12 9.26 -68.57
C VAL F 327 45.13 8.91 -67.48
N TRP F 328 45.30 9.82 -66.53
CA TRP F 328 46.19 9.64 -65.38
C TRP F 328 45.37 9.65 -64.10
N LEU F 329 45.63 8.69 -63.22
CA LEU F 329 45.02 8.72 -61.89
C LEU F 329 45.71 9.79 -61.05
N ILE F 330 44.90 10.64 -60.40
CA ILE F 330 45.43 11.69 -59.54
C ILE F 330 45.41 11.27 -58.08
N GLU F 331 44.24 10.84 -57.58
CA GLU F 331 44.11 10.43 -56.19
C GLU F 331 42.77 9.72 -56.01
N VAL F 332 42.68 8.95 -54.93
CA VAL F 332 41.47 8.23 -54.56
C VAL F 332 40.97 8.79 -53.24
N ASN F 333 39.68 9.12 -53.18
CA ASN F 333 39.08 9.77 -52.03
C ASN F 333 38.11 8.82 -51.34
N GLY F 334 38.33 8.56 -50.05
CA GLY F 334 37.51 7.61 -49.32
C GLY F 334 36.19 8.16 -48.82
N ALA F 335 36.07 9.48 -48.73
CA ALA F 335 34.85 10.13 -48.22
C ALA F 335 34.47 11.27 -49.16
N PRO F 336 34.03 10.94 -50.37
CA PRO F 336 33.79 11.99 -51.38
C PRO F 336 32.46 12.70 -51.18
N ALA F 337 32.43 13.95 -51.65
CA ALA F 337 31.19 14.68 -51.83
C ALA F 337 30.63 14.41 -53.23
N CYS F 338 29.44 14.91 -53.49
CA CYS F 338 28.79 14.68 -54.77
C CYS F 338 28.38 16.00 -55.40
N ALA F 339 28.31 16.00 -56.73
CA ALA F 339 27.78 17.16 -57.43
C ALA F 339 26.37 17.45 -56.94
N GLN F 340 26.09 18.74 -56.71
CA GLN F 340 24.82 19.14 -56.12
C GLN F 340 23.64 18.57 -56.90
N LYS F 341 23.74 18.56 -58.23
CA LYS F 341 22.67 18.01 -59.06
C LYS F 341 22.52 16.50 -58.90
N LEU F 342 23.61 15.80 -58.60
CA LEU F 342 23.64 14.34 -58.64
C LEU F 342 23.52 13.69 -57.26
N TYR F 343 23.09 14.44 -56.25
CA TYR F 343 22.94 13.85 -54.92
C TYR F 343 21.84 12.80 -54.89
N ALA F 344 20.69 13.12 -55.48
CA ALA F 344 19.70 12.08 -55.74
C ALA F 344 20.27 11.08 -56.72
N GLU F 345 19.51 10.03 -57.05
CA GLU F 345 19.97 9.02 -57.99
C GLU F 345 21.20 8.29 -57.46
N LEU F 346 22.32 9.00 -57.25
CA LEU F 346 23.49 8.35 -56.68
C LEU F 346 23.23 7.90 -55.25
N CYS F 347 22.64 8.77 -54.44
CA CYS F 347 22.27 8.36 -53.09
C CYS F 347 21.16 7.31 -53.13
N GLN F 348 20.15 7.52 -53.97
CA GLN F 348 19.14 6.48 -54.16
C GLN F 348 19.76 5.20 -54.71
N GLY F 349 20.80 5.33 -55.53
CA GLY F 349 21.50 4.14 -55.99
C GLY F 349 22.24 3.41 -54.89
N ILE F 350 22.76 4.16 -53.91
CA ILE F 350 23.48 3.52 -52.81
C ILE F 350 22.55 2.64 -52.00
N VAL F 351 21.32 3.11 -51.74
CA VAL F 351 20.37 2.29 -50.98
C VAL F 351 19.91 1.10 -51.82
N ASP F 352 19.90 1.24 -53.15
CA ASP F 352 19.35 0.17 -53.99
C ASP F 352 20.28 -1.04 -54.03
N VAL F 353 21.56 -0.83 -54.36
CA VAL F 353 22.47 -1.99 -54.57
C VAL F 353 23.34 -2.26 -53.35
N ALA F 354 23.53 -1.29 -52.48
CA ALA F 354 24.45 -1.47 -51.35
C ALA F 354 23.75 -1.85 -50.06
N ILE F 355 22.62 -1.21 -49.75
CA ILE F 355 21.92 -1.43 -48.48
C ILE F 355 20.77 -2.40 -48.67
N SER F 356 19.79 -2.01 -49.49
CA SER F 356 18.63 -2.88 -49.74
C SER F 356 19.03 -4.23 -50.29
N SER F 357 20.28 -4.36 -50.72
CA SER F 357 20.78 -5.66 -51.25
C SER F 357 20.90 -6.67 -50.11
N VAL F 358 21.29 -6.21 -48.93
CA VAL F 358 21.45 -7.06 -47.78
C VAL F 358 20.26 -7.01 -46.85
N PHE F 359 19.54 -5.89 -46.83
CA PHE F 359 18.32 -5.71 -46.10
C PHE F 359 17.21 -5.33 -47.10
N PRO F 360 16.63 -6.32 -47.77
CA PRO F 360 15.57 -6.00 -48.73
C PRO F 360 14.30 -5.53 -48.04
N LEU F 361 13.68 -4.53 -48.66
CA LEU F 361 12.43 -3.98 -48.12
C LEU F 361 11.27 -4.50 -48.98
N ALA F 362 10.09 -4.56 -48.40
CA ALA F 362 8.89 -5.01 -49.13
C ALA F 362 8.52 -4.05 -50.26
N THR F 372 15.65 1.42 -63.59
CA THR F 372 16.85 1.22 -64.39
C THR F 372 18.08 1.05 -63.50
N SER F 373 19.27 1.14 -64.10
CA SER F 373 20.53 1.04 -63.37
C SER F 373 21.41 2.21 -63.74
N ILE F 374 21.70 3.06 -62.76
CA ILE F 374 22.63 4.18 -62.95
C ILE F 374 24.08 3.77 -62.78
N PHE F 375 24.35 2.48 -62.59
CA PHE F 375 25.69 1.97 -62.37
C PHE F 375 26.13 1.06 -63.50
N ILE F 376 27.45 0.97 -63.70
CA ILE F 376 28.04 0.07 -64.67
C ILE F 376 28.81 -1.00 -63.90
N LYS F 377 28.35 -2.24 -64.00
CA LYS F 377 29.02 -3.35 -63.30
C LYS F 377 30.35 -3.61 -63.99
N LEU F 378 31.44 -3.16 -63.37
CA LEU F 378 32.79 -3.45 -63.87
C LEU F 378 33.12 -4.89 -63.54
N HIS F 379 32.92 -5.79 -64.51
CA HIS F 379 33.16 -7.20 -64.26
C HIS F 379 34.63 -7.44 -63.92
N HIS F 380 34.88 -8.20 -62.86
CA HIS F 380 36.25 -8.47 -62.41
C HIS F 380 36.36 -9.92 -61.97
N HIS F 381 37.53 -10.28 -61.46
CA HIS F 381 37.82 -11.64 -61.02
C HIS F 381 37.67 -12.63 -62.17
#